data_8V2H
#
_entry.id   8V2H
#
_cell.length_a   1.00
_cell.length_b   1.00
_cell.length_c   1.00
_cell.angle_alpha   90.00
_cell.angle_beta   90.00
_cell.angle_gamma   90.00
#
_symmetry.space_group_name_H-M   'P 1'
#
loop_
_entity.id
_entity.type
_entity.pdbx_description
1 polymer 'Small conductance calcium-activated potassium channel protein 2'
2 polymer Calmodulin-1
3 non-polymer 'POTASSIUM ION'
4 non-polymer 'CALCIUM ION'
5 water water
#
loop_
_entity_poly.entity_id
_entity_poly.type
_entity_poly.pdbx_seq_one_letter_code
_entity_poly.pdbx_strand_id
1 'polypeptide(L)'
;IGYKLGHRRALFEKRKRLSDYALIFGMFGIVVMVIETELSWGAYDKASLYSLALKCLISLSTIILLGLIIVYHAREIQLF
MVDNGADDWRIAMTYERIFFICLEILVCAIHPIPGNYTFTWTARLAFSYAPSTTTADVDIILSIPMFLRLYLIARVMLLH
SKLFTDASSRSIGALNKINFNTRFVMKTLMTICPGTVLLVFSISLWIIAAWTVRACERYHDQQDVTSNFLGAMWLISITF
LSIGYGDMVPNTYCGKGVCLLTGIMGAGCTALVVAVVARKLELTKAEKHVHNFMMDTQLTKRVKNAAANVLRETWLIYKN
TKLVKKIDHAKVRKHQRKFLQAIHQLRSVKMEQRKLNDQAN
;
A,B,C,D
2 'polypeptide(L)'
;DQLTEEQIAEFKEAFSLFDKDGDGTITTKELGTVMRSLGQNPTEAELQDMINEVDADGNGTIDFPEFLTMMARKMKDTDS
EEEIREAFRVFDKDGNGYISAAELRHVMTNLGEKLTDEEVDEMIREADIDGDGQVNYEEFVQMMTA
;
E,F,G,H
#
loop_
_chem_comp.id
_chem_comp.type
_chem_comp.name
_chem_comp.formula
CA non-polymer 'CALCIUM ION' 'Ca 2'
K non-polymer 'POTASSIUM ION' 'K 1'
#
# COMPACT_ATOMS: atom_id res chain seq x y z
N ILE A 1 -15.82 -39.12 -32.26
CA ILE A 1 -14.70 -39.88 -31.70
C ILE A 1 -15.20 -41.21 -31.14
N GLY A 2 -16.03 -41.14 -30.11
CA GLY A 2 -16.59 -42.34 -29.53
C GLY A 2 -16.52 -42.39 -28.01
N TYR A 3 -15.86 -43.42 -27.49
CA TYR A 3 -15.82 -43.63 -26.04
C TYR A 3 -15.05 -42.51 -25.33
N LYS A 4 -14.17 -41.81 -26.05
CA LYS A 4 -13.33 -40.81 -25.42
C LYS A 4 -14.16 -39.63 -24.90
N LEU A 5 -15.10 -39.15 -25.70
CA LEU A 5 -15.88 -37.97 -25.35
C LEU A 5 -17.34 -38.27 -25.03
N GLY A 6 -17.93 -39.28 -25.66
CA GLY A 6 -19.31 -39.62 -25.38
C GLY A 6 -19.50 -40.11 -23.95
N HIS A 7 -18.61 -41.00 -23.50
CA HIS A 7 -18.71 -41.53 -22.15
C HIS A 7 -18.27 -40.51 -21.10
N ARG A 8 -17.33 -39.64 -21.45
CA ARG A 8 -16.78 -38.70 -20.48
C ARG A 8 -17.83 -37.71 -20.00
N ARG A 9 -18.86 -37.45 -20.81
CA ARG A 9 -19.92 -36.53 -20.40
C ARG A 9 -20.84 -37.19 -19.37
N ALA A 10 -21.10 -38.49 -19.53
CA ALA A 10 -21.98 -39.19 -18.59
C ALA A 10 -21.39 -39.21 -17.18
N LEU A 11 -20.08 -39.44 -17.09
CA LEU A 11 -19.43 -39.46 -15.78
C LEU A 11 -19.53 -38.11 -15.09
N PHE A 12 -19.36 -37.02 -15.85
CA PHE A 12 -19.48 -35.69 -15.26
C PHE A 12 -20.88 -35.44 -14.74
N GLU A 13 -21.90 -35.85 -15.50
CA GLU A 13 -23.27 -35.66 -15.05
C GLU A 13 -23.56 -36.47 -13.80
N LYS A 14 -23.10 -37.73 -13.77
CA LYS A 14 -23.31 -38.56 -12.59
C LYS A 14 -22.61 -37.97 -11.37
N ARG A 15 -21.40 -37.46 -11.56
CA ARG A 15 -20.68 -36.85 -10.45
C ARG A 15 -21.34 -35.55 -9.99
N LYS A 16 -21.94 -34.81 -10.91
CA LYS A 16 -22.59 -33.55 -10.57
C LYS A 16 -23.91 -33.76 -9.84
N ARG A 17 -24.70 -34.76 -10.24
CA ARG A 17 -25.96 -35.01 -9.55
C ARG A 17 -25.74 -35.48 -8.12
N LEU A 18 -24.70 -36.27 -7.88
CA LEU A 18 -24.42 -36.82 -6.56
C LEU A 18 -23.99 -35.76 -5.55
N SER A 19 -23.68 -34.54 -5.98
CA SER A 19 -23.22 -33.49 -5.08
C SER A 19 -24.36 -32.60 -4.59
N ASP A 20 -25.56 -32.75 -5.12
CA ASP A 20 -26.71 -31.97 -4.67
C ASP A 20 -27.53 -32.68 -3.60
N TYR A 21 -27.77 -33.99 -3.77
CA TYR A 21 -28.44 -34.75 -2.74
C TYR A 21 -27.64 -34.77 -1.46
N ALA A 22 -26.32 -34.84 -1.57
CA ALA A 22 -25.47 -34.79 -0.38
C ALA A 22 -25.65 -33.46 0.36
N LEU A 23 -25.70 -32.36 -0.38
CA LEU A 23 -25.93 -31.06 0.25
C LEU A 23 -27.30 -30.98 0.90
N ILE A 24 -28.33 -31.51 0.25
CA ILE A 24 -29.67 -31.47 0.82
C ILE A 24 -29.72 -32.26 2.12
N PHE A 25 -29.17 -33.48 2.12
CA PHE A 25 -29.16 -34.31 3.32
C PHE A 25 -28.20 -33.81 4.38
N GLY A 26 -27.24 -32.95 4.02
CA GLY A 26 -26.38 -32.34 5.01
C GLY A 26 -27.02 -31.14 5.68
N MET A 27 -27.79 -30.37 4.93
CA MET A 27 -28.50 -29.23 5.50
C MET A 27 -29.74 -29.63 6.30
N PHE A 28 -30.39 -30.73 5.89
CA PHE A 28 -31.56 -31.20 6.61
C PHE A 28 -31.23 -31.53 8.06
N GLY A 29 -30.11 -32.23 8.28
CA GLY A 29 -29.71 -32.58 9.64
C GLY A 29 -29.39 -31.36 10.48
N ILE A 30 -28.72 -30.36 9.89
CA ILE A 30 -28.40 -29.14 10.63
C ILE A 30 -29.67 -28.43 11.05
N VAL A 31 -30.64 -28.32 10.13
CA VAL A 31 -31.89 -27.63 10.46
C VAL A 31 -32.62 -28.36 11.58
N VAL A 32 -32.71 -29.70 11.47
CA VAL A 32 -33.41 -30.47 12.49
C VAL A 32 -32.71 -30.35 13.83
N MET A 33 -31.37 -30.34 13.82
CA MET A 33 -30.62 -30.20 15.06
C MET A 33 -30.90 -28.84 15.72
N VAL A 34 -30.93 -27.78 14.91
CA VAL A 34 -31.20 -26.46 15.48
C VAL A 34 -32.60 -26.41 16.09
N ILE A 35 -33.60 -26.94 15.39
CA ILE A 35 -34.96 -26.93 15.93
C ILE A 35 -35.05 -27.75 17.21
N GLU A 36 -34.44 -28.95 17.23
CA GLU A 36 -34.49 -29.79 18.40
C GLU A 36 -33.78 -29.16 19.59
N THR A 37 -32.62 -28.54 19.35
CA THR A 37 -31.89 -27.89 20.43
C THR A 37 -32.69 -26.72 20.98
N GLU A 38 -33.34 -25.94 20.12
CA GLU A 38 -34.15 -24.83 20.60
C GLU A 38 -35.36 -25.32 21.40
N LEU A 39 -36.01 -26.39 20.94
CA LEU A 39 -37.24 -26.85 21.58
C LEU A 39 -37.00 -27.73 22.81
N SER A 40 -35.79 -28.26 22.99
CA SER A 40 -35.52 -29.12 24.14
C SER A 40 -35.21 -28.34 25.41
N TRP A 41 -35.15 -27.02 25.35
CA TRP A 41 -34.81 -26.20 26.50
C TRP A 41 -36.02 -25.95 27.40
N GLY A 42 -37.12 -25.47 26.82
CA GLY A 42 -38.28 -25.13 27.62
C GLY A 42 -39.57 -25.86 27.26
N ALA A 43 -39.71 -26.27 26.00
CA ALA A 43 -40.96 -26.87 25.54
C ALA A 43 -41.14 -28.27 26.13
N TYR A 44 -40.23 -29.18 25.81
CA TYR A 44 -40.25 -30.52 26.39
C TYR A 44 -38.90 -30.86 26.98
N ASP A 45 -38.72 -32.11 27.40
CA ASP A 45 -37.48 -32.56 28.03
C ASP A 45 -36.91 -33.73 27.26
N LYS A 46 -35.70 -34.12 27.64
CA LYS A 46 -34.96 -35.19 26.96
C LYS A 46 -35.49 -36.58 27.30
N ALA A 47 -36.59 -36.67 28.03
CA ALA A 47 -37.18 -37.96 28.40
C ALA A 47 -38.59 -38.10 27.83
N SER A 48 -38.88 -37.44 26.72
CA SER A 48 -40.18 -37.47 26.09
C SER A 48 -40.11 -38.20 24.75
N LEU A 49 -41.27 -38.42 24.15
CA LEU A 49 -41.35 -39.05 22.84
C LEU A 49 -40.98 -38.10 21.71
N TYR A 50 -41.24 -36.80 21.88
CA TYR A 50 -40.89 -35.83 20.85
C TYR A 50 -39.39 -35.81 20.58
N SER A 51 -38.59 -35.84 21.65
CA SER A 51 -37.14 -35.80 21.48
C SER A 51 -36.63 -37.02 20.73
N LEU A 52 -37.09 -38.21 21.13
CA LEU A 52 -36.67 -39.43 20.46
C LEU A 52 -37.11 -39.45 19.00
N ALA A 53 -38.36 -39.06 18.75
CA ALA A 53 -38.89 -39.06 17.39
C ALA A 53 -38.12 -38.09 16.51
N LEU A 54 -37.78 -36.91 17.03
CA LEU A 54 -37.12 -35.90 16.22
C LEU A 54 -35.64 -36.16 16.07
N LYS A 55 -35.02 -36.89 17.01
CA LYS A 55 -33.62 -37.26 16.86
C LYS A 55 -33.43 -38.53 16.06
N CYS A 56 -34.48 -39.34 15.88
CA CYS A 56 -34.35 -40.51 15.03
C CYS A 56 -34.32 -40.17 13.55
N LEU A 57 -34.62 -38.93 13.18
CA LEU A 57 -34.60 -38.49 11.79
C LEU A 57 -33.24 -37.97 11.35
N ILE A 58 -32.25 -37.98 12.23
CA ILE A 58 -30.92 -37.48 11.91
C ILE A 58 -30.01 -38.63 11.52
N SER A 59 -30.18 -39.78 12.19
CA SER A 59 -29.36 -40.94 11.88
C SER A 59 -29.61 -41.46 10.47
N LEU A 60 -30.88 -41.49 10.04
CA LEU A 60 -31.20 -41.94 8.69
C LEU A 60 -30.56 -41.02 7.65
N SER A 61 -30.66 -39.71 7.87
CA SER A 61 -30.04 -38.76 6.96
C SER A 61 -28.53 -38.92 6.94
N THR A 62 -27.92 -39.18 8.10
CA THR A 62 -26.47 -39.40 8.14
C THR A 62 -26.08 -40.63 7.35
N ILE A 63 -26.84 -41.71 7.47
CA ILE A 63 -26.54 -42.94 6.73
C ILE A 63 -26.66 -42.69 5.23
N ILE A 64 -27.71 -41.99 4.80
CA ILE A 64 -27.88 -41.68 3.39
C ILE A 64 -26.72 -40.82 2.90
N LEU A 65 -26.29 -39.85 3.72
CA LEU A 65 -25.17 -38.99 3.36
C LEU A 65 -23.89 -39.80 3.18
N LEU A 66 -23.63 -40.75 4.09
CA LEU A 66 -22.44 -41.58 3.96
C LEU A 66 -22.49 -42.42 2.69
N GLY A 67 -23.65 -43.01 2.38
CA GLY A 67 -23.77 -43.77 1.16
C GLY A 67 -23.52 -42.92 -0.07
N LEU A 68 -24.08 -41.71 -0.10
CA LEU A 68 -23.86 -40.82 -1.23
C LEU A 68 -22.39 -40.43 -1.36
N ILE A 69 -21.70 -40.18 -0.25
CA ILE A 69 -20.28 -39.85 -0.30
C ILE A 69 -19.48 -41.02 -0.88
N ILE A 70 -19.79 -42.24 -0.45
CA ILE A 70 -19.07 -43.40 -0.97
C ILE A 70 -19.31 -43.57 -2.47
N VAL A 71 -20.55 -43.41 -2.92
CA VAL A 71 -20.84 -43.53 -4.36
C VAL A 71 -20.11 -42.44 -5.14
N TYR A 72 -20.08 -41.21 -4.61
CA TYR A 72 -19.36 -40.13 -5.27
C TYR A 72 -17.88 -40.45 -5.42
N HIS A 73 -17.27 -40.97 -4.36
CA HIS A 73 -15.86 -41.33 -4.44
C HIS A 73 -15.61 -42.46 -5.44
N ALA A 74 -16.51 -43.44 -5.50
CA ALA A 74 -16.37 -44.52 -6.48
C ALA A 74 -16.44 -43.98 -7.90
N ARG A 75 -17.38 -43.06 -8.17
CA ARG A 75 -17.47 -42.48 -9.50
C ARG A 75 -16.25 -41.63 -9.84
N GLU A 76 -15.69 -40.92 -8.85
CA GLU A 76 -14.45 -40.19 -9.09
C GLU A 76 -13.31 -41.13 -9.43
N ILE A 77 -13.25 -42.29 -8.77
CA ILE A 77 -12.25 -43.30 -9.10
C ILE A 77 -12.42 -43.77 -10.54
N GLN A 78 -13.67 -44.02 -10.94
CA GLN A 78 -13.94 -44.42 -12.32
C GLN A 78 -13.47 -43.37 -13.31
N LEU A 79 -13.75 -42.11 -13.02
CA LEU A 79 -13.32 -41.02 -13.89
C LEU A 79 -11.80 -40.95 -13.98
N PHE A 80 -11.12 -41.13 -12.85
CA PHE A 80 -9.66 -41.08 -12.85
C PHE A 80 -9.08 -42.22 -13.69
N MET A 81 -9.64 -43.42 -13.56
CA MET A 81 -9.17 -44.54 -14.37
C MET A 81 -9.39 -44.27 -15.86
N VAL A 82 -10.54 -43.69 -16.21
CA VAL A 82 -10.80 -43.39 -17.62
C VAL A 82 -9.83 -42.33 -18.13
N ASP A 83 -9.53 -41.31 -17.33
CA ASP A 83 -8.77 -40.16 -17.82
C ASP A 83 -7.28 -40.42 -17.93
N ASN A 84 -6.77 -41.53 -17.39
CA ASN A 84 -5.34 -41.80 -17.45
C ASN A 84 -4.96 -43.02 -18.26
N GLY A 85 -5.90 -43.93 -18.54
CA GLY A 85 -5.58 -45.12 -19.29
C GLY A 85 -5.18 -46.32 -18.47
N ALA A 86 -5.34 -46.26 -17.16
CA ALA A 86 -5.04 -47.42 -16.32
C ALA A 86 -6.16 -48.44 -16.42
N ASP A 87 -5.87 -49.67 -16.01
CA ASP A 87 -6.82 -50.77 -16.05
C ASP A 87 -7.28 -51.20 -14.67
N ASP A 88 -6.34 -51.45 -13.75
CA ASP A 88 -6.72 -51.87 -12.41
C ASP A 88 -7.10 -50.68 -11.55
N TRP A 89 -8.11 -50.88 -10.70
CA TRP A 89 -8.54 -49.82 -9.79
C TRP A 89 -7.58 -49.60 -8.63
N ARG A 90 -6.75 -50.60 -8.31
CA ARG A 90 -5.85 -50.50 -7.17
C ARG A 90 -4.76 -49.45 -7.39
N ILE A 91 -4.48 -49.08 -8.65
CA ILE A 91 -3.43 -48.12 -8.93
C ILE A 91 -3.73 -46.75 -8.35
N ALA A 92 -5.00 -46.38 -8.22
CA ALA A 92 -5.36 -45.05 -7.75
C ALA A 92 -5.17 -44.86 -6.26
N MET A 93 -5.10 -45.95 -5.49
CA MET A 93 -4.96 -45.85 -4.03
C MET A 93 -3.56 -45.38 -3.68
N THR A 94 -3.42 -44.10 -3.35
CA THR A 94 -2.13 -43.48 -3.12
C THR A 94 -2.09 -42.75 -1.78
N TYR A 95 -2.60 -43.38 -0.72
CA TYR A 95 -2.52 -42.86 0.64
C TYR A 95 -3.23 -41.53 0.80
N GLU A 96 -2.74 -40.48 0.13
CA GLU A 96 -3.36 -39.16 0.21
C GLU A 96 -4.83 -39.23 -0.17
N ARG A 97 -5.16 -40.08 -1.14
CA ARG A 97 -6.55 -40.29 -1.50
C ARG A 97 -7.30 -41.04 -0.40
N ILE A 98 -6.63 -42.01 0.24
CA ILE A 98 -7.28 -42.80 1.28
C ILE A 98 -7.55 -41.96 2.52
N PHE A 99 -6.60 -41.08 2.88
CA PHE A 99 -6.73 -40.31 4.11
C PHE A 99 -7.90 -39.34 4.05
N PHE A 100 -8.12 -38.70 2.90
CA PHE A 100 -9.18 -37.71 2.81
C PHE A 100 -10.57 -38.34 2.86
N ILE A 101 -10.71 -39.55 2.33
CA ILE A 101 -11.98 -40.26 2.44
C ILE A 101 -12.33 -40.52 3.90
N CYS A 102 -11.35 -40.99 4.67
CA CYS A 102 -11.57 -41.22 6.10
C CYS A 102 -11.86 -39.92 6.84
N LEU A 103 -11.16 -38.84 6.46
CA LEU A 103 -11.42 -37.55 7.10
C LEU A 103 -12.85 -37.10 6.84
N GLU A 104 -13.32 -37.23 5.60
CA GLU A 104 -14.70 -36.86 5.28
C GLU A 104 -15.70 -37.72 6.05
N ILE A 105 -15.44 -39.03 6.13
CA ILE A 105 -16.34 -39.92 6.85
C ILE A 105 -16.44 -39.52 8.31
N LEU A 106 -15.29 -39.26 8.95
CA LEU A 106 -15.29 -38.87 10.36
C LEU A 106 -15.99 -37.53 10.55
N VAL A 107 -15.78 -36.58 9.64
CA VAL A 107 -16.41 -35.28 9.77
C VAL A 107 -17.93 -35.39 9.65
N CYS A 108 -18.42 -36.17 8.70
CA CYS A 108 -19.85 -36.25 8.43
C CYS A 108 -20.55 -37.34 9.23
N ALA A 109 -19.83 -38.08 10.07
CA ALA A 109 -20.43 -39.17 10.84
C ALA A 109 -20.90 -38.76 12.22
N ILE A 110 -20.69 -37.51 12.64
CA ILE A 110 -20.99 -37.07 14.00
C ILE A 110 -22.40 -36.47 14.03
N HIS A 111 -23.20 -36.92 14.99
CA HIS A 111 -24.56 -36.44 15.18
C HIS A 111 -25.03 -36.85 16.57
N PRO A 112 -26.04 -36.16 17.12
CA PRO A 112 -26.58 -36.57 18.42
C PRO A 112 -27.43 -37.83 18.33
N ILE A 113 -26.94 -38.92 18.90
CA ILE A 113 -27.63 -40.20 18.86
C ILE A 113 -28.80 -40.19 19.85
N PRO A 114 -29.82 -41.02 19.65
CA PRO A 114 -30.92 -41.09 20.63
C PRO A 114 -30.45 -41.66 21.96
N GLY A 115 -31.17 -41.27 23.01
CA GLY A 115 -30.90 -41.72 24.36
C GLY A 115 -31.03 -40.59 25.34
N ASN A 116 -30.46 -40.79 26.54
CA ASN A 116 -30.50 -39.78 27.60
C ASN A 116 -29.23 -39.95 28.44
N TYR A 117 -28.24 -39.11 28.16
CA TYR A 117 -26.94 -39.17 28.81
C TYR A 117 -26.58 -37.80 29.38
N THR A 118 -25.84 -37.80 30.48
CA THR A 118 -25.52 -36.58 31.18
C THR A 118 -24.06 -36.60 31.64
N PHE A 119 -23.55 -35.42 31.96
CA PHE A 119 -22.23 -35.27 32.54
C PHE A 119 -22.20 -33.99 33.38
N THR A 120 -21.11 -33.80 34.10
CA THR A 120 -20.96 -32.69 35.04
C THR A 120 -20.04 -31.63 34.46
N TRP A 121 -20.48 -30.37 34.54
CA TRP A 121 -19.79 -29.24 33.92
C TRP A 121 -19.57 -28.17 34.98
N THR A 122 -18.34 -27.65 35.06
CA THR A 122 -17.98 -26.62 36.01
C THR A 122 -17.21 -25.51 35.32
N ALA A 123 -17.38 -24.27 35.80
CA ALA A 123 -16.75 -23.11 35.19
C ALA A 123 -16.57 -22.02 36.21
N ARG A 124 -15.71 -21.05 35.88
CA ARG A 124 -15.46 -19.88 36.71
C ARG A 124 -16.12 -18.66 36.07
N LEU A 125 -16.90 -17.92 36.87
CA LEU A 125 -17.65 -16.80 36.35
C LEU A 125 -16.77 -15.56 36.16
N ALA A 126 -17.20 -14.69 35.25
CA ALA A 126 -16.43 -13.49 34.91
C ALA A 126 -16.71 -12.36 35.89
N PHE A 127 -15.68 -11.57 36.18
CA PHE A 127 -15.75 -10.36 36.99
C PHE A 127 -16.02 -10.65 38.46
N SER A 128 -16.26 -11.91 38.81
CA SER A 128 -16.53 -12.30 40.18
C SER A 128 -15.73 -13.50 40.65
N TYR A 129 -15.23 -14.33 39.71
CA TYR A 129 -14.34 -15.44 40.02
C TYR A 129 -15.01 -16.46 40.95
N ALA A 130 -16.31 -16.68 40.73
CA ALA A 130 -17.06 -17.62 41.56
C ALA A 130 -17.29 -18.92 40.81
N PRO A 131 -17.09 -20.07 41.47
CA PRO A 131 -17.33 -21.35 40.81
C PRO A 131 -18.80 -21.59 40.54
N SER A 132 -19.07 -22.35 39.48
CA SER A 132 -20.42 -22.71 39.09
C SER A 132 -20.42 -24.13 38.54
N THR A 133 -21.37 -24.95 38.98
CA THR A 133 -21.46 -26.34 38.58
C THR A 133 -22.90 -26.67 38.20
N THR A 134 -23.07 -27.29 37.03
CA THR A 134 -24.38 -27.71 36.56
C THR A 134 -24.29 -29.13 36.02
N THR A 135 -25.44 -29.72 35.73
CA THR A 135 -25.53 -31.01 35.08
C THR A 135 -26.05 -30.81 33.67
N ALA A 136 -25.25 -31.21 32.68
CA ALA A 136 -25.58 -31.01 31.27
C ALA A 136 -25.72 -32.35 30.58
N ASP A 137 -26.13 -32.31 29.32
CA ASP A 137 -26.28 -33.50 28.49
C ASP A 137 -25.17 -33.56 27.45
N VAL A 138 -24.92 -34.77 26.95
CA VAL A 138 -23.84 -34.97 25.98
C VAL A 138 -24.23 -34.54 24.57
N ASP A 139 -25.50 -34.19 24.35
CA ASP A 139 -25.94 -33.79 23.02
C ASP A 139 -25.37 -32.45 22.58
N ILE A 140 -25.01 -31.58 23.53
CA ILE A 140 -24.41 -30.30 23.17
C ILE A 140 -23.02 -30.51 22.57
N ILE A 141 -22.29 -31.52 23.06
CA ILE A 141 -20.99 -31.83 22.51
C ILE A 141 -21.08 -32.39 21.09
N LEU A 142 -22.13 -33.15 20.79
CA LEU A 142 -22.24 -33.86 19.52
C LEU A 142 -22.97 -33.08 18.44
N SER A 143 -23.44 -31.87 18.72
CA SER A 143 -24.24 -31.09 17.78
C SER A 143 -23.45 -29.95 17.14
N ILE A 144 -22.65 -29.24 17.94
CA ILE A 144 -21.87 -28.12 17.39
C ILE A 144 -20.94 -28.55 16.28
N PRO A 145 -20.21 -29.68 16.37
CA PRO A 145 -19.29 -30.05 15.28
C PRO A 145 -19.95 -30.28 13.93
N MET A 146 -21.27 -30.44 13.89
CA MET A 146 -21.95 -30.68 12.62
C MET A 146 -21.91 -29.48 11.69
N PHE A 147 -21.51 -28.30 12.17
CA PHE A 147 -21.33 -27.15 11.31
C PHE A 147 -20.15 -27.30 10.37
N LEU A 148 -19.31 -28.32 10.56
CA LEU A 148 -18.22 -28.60 9.65
C LEU A 148 -18.71 -29.16 8.32
N ARG A 149 -19.98 -29.55 8.23
CA ARG A 149 -20.55 -30.09 7.00
C ARG A 149 -20.70 -29.04 5.91
N LEU A 150 -20.27 -27.81 6.13
CA LEU A 150 -20.48 -26.72 5.18
C LEU A 150 -19.48 -26.74 4.03
N TYR A 151 -18.50 -27.64 4.04
CA TYR A 151 -17.55 -27.72 2.94
C TYR A 151 -18.18 -28.21 1.66
N LEU A 152 -19.36 -28.83 1.73
CA LEU A 152 -20.05 -29.30 0.53
C LEU A 152 -20.52 -28.16 -0.35
N ILE A 153 -20.81 -27.00 0.23
CA ILE A 153 -21.28 -25.86 -0.55
C ILE A 153 -20.20 -25.40 -1.51
N ALA A 154 -18.94 -25.41 -1.10
CA ALA A 154 -17.84 -25.03 -1.99
C ALA A 154 -17.77 -25.98 -3.18
N ARG A 155 -17.90 -27.28 -2.94
CA ARG A 155 -17.87 -28.26 -4.02
C ARG A 155 -19.01 -28.04 -5.00
N VAL A 156 -20.22 -27.83 -4.46
CA VAL A 156 -21.38 -27.61 -5.32
C VAL A 156 -21.19 -26.34 -6.16
N MET A 157 -20.70 -25.28 -5.53
CA MET A 157 -20.48 -24.03 -6.26
C MET A 157 -19.43 -24.19 -7.34
N LEU A 158 -18.35 -24.93 -7.04
CA LEU A 158 -17.29 -25.11 -8.02
C LEU A 158 -17.76 -25.92 -9.22
N LEU A 159 -18.49 -27.01 -8.97
CA LEU A 159 -18.90 -27.88 -10.07
C LEU A 159 -19.93 -27.23 -11.00
N HIS A 160 -20.52 -26.10 -10.61
CA HIS A 160 -21.55 -25.44 -11.40
C HIS A 160 -21.02 -24.23 -12.16
N SER A 161 -19.72 -23.97 -12.12
CA SER A 161 -19.16 -22.79 -12.77
C SER A 161 -18.93 -23.07 -14.26
N LYS A 162 -19.36 -22.14 -15.11
CA LYS A 162 -19.18 -22.30 -16.55
C LYS A 162 -17.69 -22.25 -16.92
N LEU A 163 -16.91 -21.43 -16.22
CA LEU A 163 -15.50 -21.31 -16.52
C LEU A 163 -14.71 -22.58 -16.22
N PHE A 164 -15.32 -23.55 -15.53
CA PHE A 164 -14.70 -24.84 -15.27
C PHE A 164 -15.14 -25.94 -16.21
N THR A 165 -16.32 -25.82 -16.83
CA THR A 165 -16.87 -26.86 -17.68
C THR A 165 -17.06 -26.39 -19.12
N ASP A 166 -16.33 -25.37 -19.55
CA ASP A 166 -16.43 -24.87 -20.91
C ASP A 166 -15.30 -25.46 -21.76
N ALA A 167 -15.68 -26.09 -22.87
CA ALA A 167 -14.69 -26.71 -23.74
C ALA A 167 -13.94 -25.68 -24.59
N SER A 168 -14.49 -24.48 -24.75
CA SER A 168 -13.81 -23.46 -25.55
C SER A 168 -12.56 -22.94 -24.85
N SER A 169 -12.62 -22.77 -23.53
CA SER A 169 -11.50 -22.19 -22.81
C SER A 169 -10.33 -23.15 -22.69
N ARG A 170 -10.54 -24.44 -23.00
CA ARG A 170 -9.47 -25.43 -22.89
C ARG A 170 -8.33 -25.12 -23.85
N SER A 171 -8.65 -24.65 -25.06
CA SER A 171 -7.61 -24.33 -26.03
C SER A 171 -6.70 -23.21 -25.51
N ILE A 172 -7.30 -22.14 -24.97
CA ILE A 172 -6.50 -21.04 -24.45
C ILE A 172 -5.73 -21.47 -23.21
N GLY A 173 -6.35 -22.30 -22.35
CA GLY A 173 -5.63 -22.79 -21.20
C GLY A 173 -4.42 -23.63 -21.57
N ALA A 174 -4.55 -24.45 -22.61
CA ALA A 174 -3.41 -25.20 -23.10
C ALA A 174 -2.36 -24.29 -23.72
N LEU A 175 -2.81 -23.26 -24.45
CA LEU A 175 -1.86 -22.35 -25.09
C LEU A 175 -1.04 -21.57 -24.07
N ASN A 176 -1.67 -21.08 -23.02
CA ASN A 176 -1.01 -20.25 -22.02
C ASN A 176 -0.50 -21.04 -20.82
N LYS A 177 -0.71 -22.37 -20.81
CA LYS A 177 -0.25 -23.23 -19.72
C LYS A 177 -0.72 -22.73 -18.36
N ILE A 178 -1.97 -22.27 -18.31
CA ILE A 178 -2.55 -21.77 -17.06
C ILE A 178 -3.20 -22.93 -16.33
N ASN A 179 -3.04 -22.96 -15.01
CA ASN A 179 -3.53 -24.05 -14.18
C ASN A 179 -4.94 -23.72 -13.69
N PHE A 180 -5.93 -24.43 -14.22
CA PHE A 180 -7.31 -24.29 -13.77
C PHE A 180 -7.49 -25.13 -12.52
N ASN A 181 -7.23 -24.52 -11.37
CA ASN A 181 -7.27 -25.21 -10.08
C ASN A 181 -8.50 -24.78 -9.29
N THR A 182 -8.71 -25.46 -8.17
CA THR A 182 -9.82 -25.14 -7.27
C THR A 182 -9.63 -23.82 -6.55
N ARG A 183 -8.44 -23.22 -6.62
CA ARG A 183 -8.16 -21.95 -5.95
C ARG A 183 -8.21 -20.77 -6.91
N PHE A 184 -7.99 -21.00 -8.21
CA PHE A 184 -7.99 -19.90 -9.18
C PHE A 184 -9.33 -19.17 -9.19
N VAL A 185 -10.42 -19.88 -8.93
CA VAL A 185 -11.74 -19.25 -8.93
C VAL A 185 -11.82 -18.17 -7.86
N MET A 186 -11.22 -18.43 -6.69
CA MET A 186 -11.21 -17.45 -5.61
C MET A 186 -10.46 -16.20 -6.03
N LYS A 187 -9.29 -16.36 -6.67
CA LYS A 187 -8.51 -15.22 -7.08
C LYS A 187 -9.22 -14.41 -8.15
N THR A 188 -9.91 -15.08 -9.08
CA THR A 188 -10.69 -14.37 -10.09
C THR A 188 -11.84 -13.60 -9.44
N LEU A 189 -12.52 -14.24 -8.48
CA LEU A 189 -13.68 -13.61 -7.83
C LEU A 189 -13.26 -12.41 -7.01
N MET A 190 -12.07 -12.47 -6.40
CA MET A 190 -11.60 -11.35 -5.58
C MET A 190 -11.27 -10.14 -6.44
N THR A 191 -11.36 -10.29 -7.76
CA THR A 191 -11.15 -9.19 -8.69
C THR A 191 -12.42 -8.78 -9.42
N ILE A 192 -13.20 -9.73 -9.93
CA ILE A 192 -14.43 -9.38 -10.64
C ILE A 192 -15.48 -8.85 -9.68
N CYS A 193 -15.67 -9.51 -8.54
CA CYS A 193 -16.68 -9.12 -7.54
C CYS A 193 -16.04 -9.14 -6.16
N PRO A 194 -15.22 -8.13 -5.84
CA PRO A 194 -14.53 -8.11 -4.55
C PRO A 194 -15.37 -7.63 -3.37
N GLY A 195 -16.61 -7.20 -3.60
CA GLY A 195 -17.40 -6.64 -2.52
C GLY A 195 -18.62 -7.44 -2.13
N THR A 196 -18.83 -8.59 -2.78
CA THR A 196 -19.98 -9.44 -2.50
C THR A 196 -19.61 -10.63 -1.62
N VAL A 197 -18.48 -11.28 -1.91
CA VAL A 197 -18.04 -12.41 -1.10
C VAL A 197 -17.76 -11.98 0.33
N LEU A 198 -17.17 -10.79 0.50
CA LEU A 198 -16.91 -10.28 1.84
C LEU A 198 -18.20 -10.12 2.63
N LEU A 199 -19.23 -9.52 2.03
CA LEU A 199 -20.50 -9.33 2.71
C LEU A 199 -21.17 -10.66 3.04
N VAL A 200 -21.19 -11.60 2.08
CA VAL A 200 -21.83 -12.88 2.33
C VAL A 200 -21.13 -13.63 3.46
N PHE A 201 -19.80 -13.69 3.41
CA PHE A 201 -19.02 -14.36 4.44
C PHE A 201 -19.21 -13.71 5.79
N SER A 202 -19.21 -12.37 5.84
CA SER A 202 -19.41 -11.67 7.11
C SER A 202 -20.78 -11.97 7.72
N ILE A 203 -21.85 -11.93 6.92
CA ILE A 203 -23.17 -12.19 7.49
C ILE A 203 -23.29 -13.64 7.96
N SER A 204 -22.80 -14.60 7.17
CA SER A 204 -22.87 -16.00 7.58
C SER A 204 -22.11 -16.24 8.87
N LEU A 205 -20.88 -15.72 8.96
CA LEU A 205 -20.09 -15.88 10.17
C LEU A 205 -20.79 -15.22 11.36
N TRP A 206 -21.35 -14.03 11.15
CA TRP A 206 -22.04 -13.32 12.22
C TRP A 206 -23.15 -14.16 12.83
N ILE A 207 -24.05 -14.67 11.98
CA ILE A 207 -25.18 -15.42 12.50
C ILE A 207 -24.74 -16.73 13.15
N ILE A 208 -23.85 -17.48 12.50
CA ILE A 208 -23.46 -18.78 13.05
C ILE A 208 -22.72 -18.60 14.37
N ALA A 209 -21.80 -17.65 14.44
CA ALA A 209 -21.04 -17.42 15.67
C ALA A 209 -21.94 -16.94 16.81
N ALA A 210 -22.89 -16.05 16.53
CA ALA A 210 -23.80 -15.62 17.58
C ALA A 210 -24.62 -16.78 18.12
N TRP A 211 -25.16 -17.62 17.24
CA TRP A 211 -25.94 -18.77 17.70
C TRP A 211 -25.09 -19.72 18.54
N THR A 212 -23.87 -20.01 18.09
CA THR A 212 -23.00 -20.92 18.84
C THR A 212 -22.64 -20.36 20.21
N VAL A 213 -22.34 -19.05 20.27
CA VAL A 213 -21.99 -18.43 21.55
C VAL A 213 -23.16 -18.51 22.52
N ARG A 214 -24.37 -18.21 22.04
CA ARG A 214 -25.53 -18.31 22.92
C ARG A 214 -25.77 -19.74 23.37
N ALA A 215 -25.56 -20.72 22.48
CA ALA A 215 -25.74 -22.12 22.85
C ALA A 215 -24.77 -22.54 23.94
N CYS A 216 -23.50 -22.13 23.83
CA CYS A 216 -22.58 -22.37 24.95
C CYS A 216 -23.03 -21.67 26.23
N GLU A 217 -23.36 -20.39 26.14
CA GLU A 217 -23.49 -19.58 27.34
C GLU A 217 -24.82 -19.75 28.06
N ARG A 218 -25.80 -20.41 27.46
CA ARG A 218 -27.09 -20.56 28.14
C ARG A 218 -27.00 -21.44 29.38
N TYR A 219 -25.96 -22.27 29.51
CA TYR A 219 -25.90 -23.22 30.61
C TYR A 219 -25.50 -22.58 31.93
N HIS A 220 -24.60 -21.60 31.91
CA HIS A 220 -24.07 -21.02 33.15
C HIS A 220 -24.46 -19.56 33.33
N ASP A 221 -25.44 -19.06 32.57
CA ASP A 221 -25.88 -17.67 32.66
C ASP A 221 -27.27 -17.62 33.29
N GLN A 222 -27.39 -16.92 34.41
CA GLN A 222 -28.66 -16.80 35.12
C GLN A 222 -29.18 -15.37 35.16
N GLN A 223 -28.48 -14.43 34.51
CA GLN A 223 -28.87 -13.02 34.54
C GLN A 223 -29.21 -12.47 33.16
N ASP A 224 -29.29 -13.33 32.15
CA ASP A 224 -29.66 -12.94 30.78
C ASP A 224 -28.71 -11.86 30.24
N VAL A 225 -27.44 -12.23 30.15
CA VAL A 225 -26.41 -11.30 29.69
C VAL A 225 -25.79 -11.83 28.41
N THR A 226 -25.12 -12.97 28.48
CA THR A 226 -24.49 -13.59 27.33
C THR A 226 -25.35 -14.68 26.71
N SER A 227 -26.51 -14.97 27.27
CA SER A 227 -27.44 -15.95 26.72
C SER A 227 -28.53 -15.32 25.88
N ASN A 228 -28.47 -14.00 25.66
CA ASN A 228 -29.45 -13.30 24.84
C ASN A 228 -28.94 -13.17 23.42
N PHE A 229 -29.82 -13.44 22.45
CA PHE A 229 -29.38 -13.53 21.05
C PHE A 229 -28.86 -12.19 20.54
N LEU A 230 -29.56 -11.10 20.85
CA LEU A 230 -29.09 -9.78 20.43
C LEU A 230 -27.79 -9.40 21.12
N GLY A 231 -27.65 -9.76 22.40
CA GLY A 231 -26.38 -9.54 23.08
C GLY A 231 -25.25 -10.30 22.44
N ALA A 232 -25.51 -11.54 22.03
CA ALA A 232 -24.49 -12.32 21.32
C ALA A 232 -24.13 -11.68 19.99
N MET A 233 -25.12 -11.17 19.26
CA MET A 233 -24.85 -10.49 18.01
C MET A 233 -23.96 -9.28 18.23
N TRP A 234 -24.28 -8.47 19.25
CA TRP A 234 -23.47 -7.28 19.55
C TRP A 234 -22.05 -7.65 19.98
N LEU A 235 -21.91 -8.68 20.81
CA LEU A 235 -20.57 -9.12 21.21
C LEU A 235 -19.74 -9.60 20.03
N ILE A 236 -20.35 -10.39 19.12
CA ILE A 236 -19.62 -10.84 17.94
C ILE A 236 -19.23 -9.66 17.07
N SER A 237 -20.12 -8.68 16.90
CA SER A 237 -19.81 -7.52 16.07
C SER A 237 -18.67 -6.70 16.67
N ILE A 238 -18.67 -6.48 17.99
CA ILE A 238 -17.62 -5.66 18.58
C ILE A 238 -16.30 -6.41 18.72
N THR A 239 -16.33 -7.74 18.78
CA THR A 239 -15.08 -8.49 18.75
C THR A 239 -14.50 -8.57 17.35
N PHE A 240 -15.35 -8.60 16.32
CA PHE A 240 -14.88 -8.61 14.95
C PHE A 240 -14.07 -7.36 14.63
N LEU A 241 -14.53 -6.20 15.11
CA LEU A 241 -13.86 -4.94 14.87
C LEU A 241 -12.74 -4.65 15.87
N SER A 242 -12.56 -5.50 16.88
CA SER A 242 -11.50 -5.37 17.87
C SER A 242 -11.59 -4.06 18.64
N ILE A 243 -12.77 -3.78 19.18
CA ILE A 243 -12.98 -2.61 20.03
C ILE A 243 -12.84 -2.97 21.51
N GLY A 244 -13.41 -4.09 21.93
CA GLY A 244 -13.29 -4.53 23.31
C GLY A 244 -14.35 -5.56 23.63
N TYR A 245 -14.51 -5.79 24.95
CA TYR A 245 -15.53 -6.71 25.45
C TYR A 245 -16.60 -6.04 26.30
N GLY A 246 -16.32 -4.87 26.86
CA GLY A 246 -17.28 -4.26 27.77
C GLY A 246 -17.48 -5.14 28.99
N ASP A 247 -18.74 -5.43 29.29
CA ASP A 247 -19.11 -6.37 30.35
C ASP A 247 -19.67 -7.66 29.78
N MET A 248 -19.18 -8.07 28.61
CA MET A 248 -19.72 -9.19 27.86
C MET A 248 -18.71 -10.34 27.77
N VAL A 249 -17.90 -10.50 28.79
CA VAL A 249 -16.89 -11.58 28.79
C VAL A 249 -17.59 -12.91 29.07
N PRO A 250 -17.41 -13.93 28.23
CA PRO A 250 -18.06 -15.22 28.48
C PRO A 250 -17.49 -15.93 29.70
N ASN A 251 -18.32 -16.78 30.30
CA ASN A 251 -17.92 -17.63 31.41
C ASN A 251 -17.51 -19.02 30.97
N THR A 252 -17.33 -19.23 29.66
CA THR A 252 -17.10 -20.55 29.11
C THR A 252 -15.96 -20.47 28.08
N TYR A 253 -15.27 -21.59 27.90
CA TYR A 253 -14.15 -21.65 26.96
C TYR A 253 -14.58 -21.72 25.49
N CYS A 254 -15.70 -22.38 25.18
CA CYS A 254 -16.13 -22.44 23.79
C CYS A 254 -16.65 -21.10 23.27
N GLY A 255 -17.03 -20.18 24.16
CA GLY A 255 -17.25 -18.81 23.74
C GLY A 255 -15.96 -18.07 23.47
N LYS A 256 -14.93 -18.32 24.28
CA LYS A 256 -13.63 -17.70 24.06
C LYS A 256 -13.01 -18.13 22.74
N GLY A 257 -13.14 -19.42 22.39
CA GLY A 257 -12.62 -19.87 21.11
C GLY A 257 -13.30 -19.21 19.93
N VAL A 258 -14.63 -19.06 20.00
CA VAL A 258 -15.36 -18.38 18.94
C VAL A 258 -14.92 -16.92 18.85
N CYS A 259 -14.73 -16.26 20.00
CA CYS A 259 -14.27 -14.87 19.98
C CYS A 259 -12.89 -14.73 19.36
N LEU A 260 -11.97 -15.65 19.68
CA LEU A 260 -10.63 -15.61 19.09
C LEU A 260 -10.69 -15.81 17.59
N LEU A 261 -11.48 -16.78 17.13
CA LEU A 261 -11.62 -17.00 15.69
C LEU A 261 -12.20 -15.78 14.99
N THR A 262 -13.21 -15.15 15.62
CA THR A 262 -13.80 -13.95 15.05
C THR A 262 -12.78 -12.81 14.96
N GLY A 263 -11.93 -12.65 15.98
CA GLY A 263 -10.89 -11.65 15.92
C GLY A 263 -9.89 -11.88 14.80
N ILE A 264 -9.46 -13.13 14.62
CA ILE A 264 -8.52 -13.43 13.54
C ILE A 264 -9.15 -13.15 12.17
N MET A 265 -10.40 -13.60 11.98
CA MET A 265 -11.08 -13.35 10.72
C MET A 265 -11.25 -11.85 10.48
N GLY A 266 -11.55 -11.10 11.54
CA GLY A 266 -11.69 -9.66 11.41
C GLY A 266 -10.40 -8.98 10.98
N ALA A 267 -9.28 -9.41 11.56
CA ALA A 267 -8.00 -8.84 11.16
C ALA A 267 -7.70 -9.13 9.69
N GLY A 268 -7.93 -10.37 9.25
CA GLY A 268 -7.72 -10.70 7.84
C GLY A 268 -8.62 -9.89 6.91
N CYS A 269 -9.89 -9.76 7.27
CA CYS A 269 -10.81 -8.98 6.45
C CYS A 269 -10.44 -7.52 6.42
N THR A 270 -9.95 -6.97 7.54
CA THR A 270 -9.50 -5.58 7.54
C THR A 270 -8.32 -5.38 6.60
N ALA A 271 -7.36 -6.31 6.61
CA ALA A 271 -6.24 -6.21 5.66
C ALA A 271 -6.73 -6.27 4.22
N LEU A 272 -7.64 -7.19 3.92
CA LEU A 272 -8.17 -7.29 2.55
C LEU A 272 -8.90 -6.01 2.14
N VAL A 273 -9.67 -5.44 3.06
CA VAL A 273 -10.41 -4.21 2.77
C VAL A 273 -9.45 -3.06 2.51
N VAL A 274 -8.36 -3.00 3.29
CA VAL A 274 -7.35 -1.95 3.07
C VAL A 274 -6.76 -2.09 1.67
N ALA A 275 -6.42 -3.32 1.27
CA ALA A 275 -5.86 -3.54 -0.07
C ALA A 275 -6.87 -3.15 -1.15
N VAL A 276 -8.14 -3.52 -0.96
CA VAL A 276 -9.16 -3.22 -1.97
C VAL A 276 -9.35 -1.72 -2.11
N VAL A 277 -9.42 -1.01 -0.98
CA VAL A 277 -9.58 0.44 -1.02
C VAL A 277 -8.38 1.08 -1.71
N ALA A 278 -7.18 0.56 -1.45
CA ALA A 278 -5.99 1.06 -2.12
C ALA A 278 -6.08 0.86 -3.63
N ARG A 279 -6.58 -0.29 -4.06
CA ARG A 279 -6.66 -0.60 -5.48
C ARG A 279 -7.87 0.02 -6.18
N LYS A 280 -8.81 0.59 -5.44
CA LYS A 280 -10.05 1.11 -6.01
C LYS A 280 -10.04 2.62 -6.22
N LEU A 281 -8.92 3.29 -5.97
CA LEU A 281 -8.86 4.75 -6.07
C LEU A 281 -8.05 5.25 -7.25
N GLU A 282 -7.51 4.36 -8.07
CA GLU A 282 -6.76 4.80 -9.25
C GLU A 282 -7.69 5.38 -10.31
N LEU A 283 -7.19 6.36 -11.05
CA LEU A 283 -7.95 7.02 -12.10
C LEU A 283 -7.51 6.49 -13.46
N THR A 284 -8.48 6.34 -14.36
CA THR A 284 -8.20 5.87 -15.71
C THR A 284 -7.69 7.02 -16.58
N LYS A 285 -7.31 6.69 -17.82
CA LYS A 285 -6.62 7.65 -18.67
C LYS A 285 -7.53 8.78 -19.13
N ALA A 286 -8.76 8.46 -19.54
CA ALA A 286 -9.66 9.47 -20.10
C ALA A 286 -10.01 10.54 -19.07
N GLU A 287 -10.39 10.10 -17.87
CA GLU A 287 -10.72 11.05 -16.80
C GLU A 287 -9.51 11.88 -16.41
N LYS A 288 -8.32 11.26 -16.40
CA LYS A 288 -7.10 12.00 -16.10
C LYS A 288 -6.86 13.09 -17.13
N HIS A 289 -7.04 12.77 -18.42
CA HIS A 289 -6.85 13.76 -19.47
C HIS A 289 -7.85 14.90 -19.35
N VAL A 290 -9.11 14.57 -19.07
CA VAL A 290 -10.13 15.61 -18.92
C VAL A 290 -9.81 16.51 -17.74
N HIS A 291 -9.38 15.91 -16.63
CA HIS A 291 -9.02 16.69 -15.44
C HIS A 291 -7.85 17.61 -15.74
N ASN A 292 -6.84 17.11 -16.46
CA ASN A 292 -5.70 17.94 -16.83
C ASN A 292 -6.14 19.10 -17.72
N PHE A 293 -7.02 18.83 -18.68
CA PHE A 293 -7.52 19.88 -19.56
C PHE A 293 -8.21 20.99 -18.77
N MET A 294 -9.14 20.61 -17.90
CA MET A 294 -9.87 21.60 -17.11
C MET A 294 -8.93 22.39 -16.19
N MET A 295 -7.98 21.68 -15.56
CA MET A 295 -7.04 22.35 -14.66
C MET A 295 -6.18 23.35 -15.44
N ASP A 296 -5.72 22.96 -16.64
CA ASP A 296 -4.90 23.87 -17.44
C ASP A 296 -5.68 25.11 -17.83
N THR A 297 -6.95 24.95 -18.24
CA THR A 297 -7.76 26.11 -18.59
C THR A 297 -7.93 27.04 -17.40
N GLN A 298 -8.30 26.48 -16.24
CA GLN A 298 -8.52 27.31 -15.06
C GLN A 298 -7.23 28.01 -14.65
N LEU A 299 -6.10 27.31 -14.71
CA LEU A 299 -4.83 27.91 -14.30
C LEU A 299 -4.41 29.02 -15.25
N THR A 300 -4.66 28.86 -16.56
CA THR A 300 -4.36 29.92 -17.51
C THR A 300 -5.20 31.17 -17.21
N LYS A 301 -6.49 30.96 -16.93
CA LYS A 301 -7.34 32.11 -16.58
C LYS A 301 -6.82 32.80 -15.32
N ARG A 302 -6.45 32.02 -14.31
CA ARG A 302 -5.92 32.59 -13.08
C ARG A 302 -4.60 33.32 -13.32
N VAL A 303 -3.76 32.81 -14.22
CA VAL A 303 -2.50 33.47 -14.54
C VAL A 303 -2.76 34.84 -15.14
N LYS A 304 -3.70 34.92 -16.09
CA LYS A 304 -4.02 36.22 -16.68
C LYS A 304 -4.57 37.18 -15.62
N ASN A 305 -5.49 36.69 -14.77
CA ASN A 305 -6.09 37.54 -13.76
C ASN A 305 -5.04 38.07 -12.79
N ALA A 306 -4.09 37.21 -12.39
CA ALA A 306 -3.04 37.65 -11.47
C ALA A 306 -2.07 38.61 -12.14
N ALA A 307 -1.76 38.38 -13.42
CA ALA A 307 -0.82 39.24 -14.13
C ALA A 307 -1.38 40.64 -14.37
N ALA A 308 -2.70 40.78 -14.45
CA ALA A 308 -3.27 42.12 -14.61
C ALA A 308 -2.98 43.02 -13.41
N ASN A 309 -3.07 42.47 -12.20
CA ASN A 309 -2.98 43.30 -10.99
C ASN A 309 -1.60 43.91 -10.81
N VAL A 310 -0.54 43.24 -11.27
CA VAL A 310 0.80 43.79 -11.16
C VAL A 310 0.90 45.10 -11.92
N LEU A 311 0.46 45.10 -13.18
CA LEU A 311 0.46 46.34 -13.97
C LEU A 311 -0.46 47.38 -13.36
N ARG A 312 -1.64 46.96 -12.87
CA ARG A 312 -2.55 47.91 -12.26
C ARG A 312 -1.91 48.64 -11.08
N GLU A 313 -1.29 47.89 -10.18
CA GLU A 313 -0.67 48.49 -9.00
C GLU A 313 0.53 49.33 -9.38
N THR A 314 1.32 48.92 -10.37
CA THR A 314 2.44 49.74 -10.83
C THR A 314 1.94 51.09 -11.34
N TRP A 315 0.87 51.08 -12.15
CA TRP A 315 0.33 52.33 -12.67
C TRP A 315 -0.22 53.19 -11.54
N LEU A 316 -0.91 52.59 -10.58
CA LEU A 316 -1.43 53.37 -9.46
C LEU A 316 -0.31 54.03 -8.67
N ILE A 317 0.77 53.29 -8.41
CA ILE A 317 1.90 53.86 -7.68
C ILE A 317 2.50 55.02 -8.47
N TYR A 318 2.73 54.82 -9.76
CA TYR A 318 3.37 55.87 -10.56
C TYR A 318 2.49 57.11 -10.66
N LYS A 319 1.17 56.92 -10.80
CA LYS A 319 0.27 58.07 -10.82
C LYS A 319 0.24 58.78 -9.48
N ASN A 320 0.28 58.04 -8.38
CA ASN A 320 0.17 58.65 -7.07
C ASN A 320 1.47 59.25 -6.56
N THR A 321 2.63 58.97 -7.18
CA THR A 321 3.89 59.52 -6.67
C THR A 321 4.23 60.86 -7.34
N LYS A 322 4.34 60.88 -8.67
CA LYS A 322 4.79 62.07 -9.38
C LYS A 322 3.61 62.78 -10.04
N LEU A 323 2.64 63.17 -9.23
CA LEU A 323 1.48 63.92 -9.71
C LEU A 323 0.89 64.72 -8.56
N VAL A 324 0.02 65.67 -8.92
CA VAL A 324 -0.73 66.56 -8.03
C VAL A 324 0.11 67.02 -6.84
N LYS A 325 1.40 67.25 -7.06
CA LYS A 325 2.29 67.81 -6.05
C LYS A 325 2.29 67.01 -4.75
N LYS A 326 1.58 67.49 -3.74
CA LYS A 326 1.56 66.82 -2.44
C LYS A 326 0.96 65.43 -2.57
N ILE A 327 1.51 64.49 -1.79
CA ILE A 327 1.17 63.09 -1.89
C ILE A 327 0.86 62.54 -0.51
N ASP A 328 -0.13 61.65 -0.44
CA ASP A 328 -0.47 60.96 0.80
C ASP A 328 0.28 59.64 0.84
N HIS A 329 1.16 59.49 1.83
CA HIS A 329 2.05 58.33 1.87
C HIS A 329 1.29 57.05 2.18
N ALA A 330 0.12 57.17 2.82
CA ALA A 330 -0.66 55.98 3.16
C ALA A 330 -1.10 55.24 1.90
N LYS A 331 -1.57 55.97 0.89
CA LYS A 331 -1.94 55.35 -0.37
C LYS A 331 -0.76 54.64 -1.02
N VAL A 332 0.41 55.29 -0.99
CA VAL A 332 1.61 54.70 -1.58
C VAL A 332 1.95 53.39 -0.88
N ARG A 333 1.91 53.39 0.46
CA ARG A 333 2.25 52.20 1.21
C ARG A 333 1.26 51.07 0.94
N LYS A 334 -0.03 51.39 0.90
CA LYS A 334 -1.04 50.38 0.61
C LYS A 334 -0.83 49.80 -0.78
N HIS A 335 -0.53 50.65 -1.76
CA HIS A 335 -0.32 50.18 -3.13
C HIS A 335 0.93 49.32 -3.22
N GLN A 336 1.97 49.66 -2.46
CA GLN A 336 3.17 48.81 -2.43
C GLN A 336 2.86 47.44 -1.84
N ARG A 337 2.07 47.41 -0.76
CA ARG A 337 1.68 46.12 -0.19
C ARG A 337 0.90 45.29 -1.20
N LYS A 338 -0.04 45.91 -1.91
CA LYS A 338 -0.80 45.20 -2.93
C LYS A 338 0.09 44.73 -4.06
N PHE A 339 1.09 45.53 -4.44
CA PHE A 339 2.03 45.15 -5.48
C PHE A 339 2.81 43.89 -5.08
N LEU A 340 3.33 43.87 -3.86
CA LEU A 340 4.05 42.69 -3.39
C LEU A 340 3.14 41.47 -3.32
N GLN A 341 1.91 41.64 -2.84
CA GLN A 341 0.97 40.51 -2.79
C GLN A 341 0.70 39.97 -4.19
N ALA A 342 0.50 40.86 -5.16
CA ALA A 342 0.24 40.43 -6.53
C ALA A 342 1.44 39.69 -7.10
N ILE A 343 2.65 40.18 -6.83
CA ILE A 343 3.86 39.52 -7.31
C ILE A 343 3.94 38.10 -6.76
N HIS A 344 3.74 37.97 -5.44
CA HIS A 344 3.84 36.65 -4.81
C HIS A 344 2.78 35.70 -5.36
N GLN A 345 1.55 36.19 -5.52
CA GLN A 345 0.48 35.34 -6.04
C GLN A 345 0.77 34.89 -7.47
N LEU A 346 1.26 35.81 -8.30
CA LEU A 346 1.60 35.46 -9.68
C LEU A 346 2.70 34.41 -9.71
N ARG A 347 3.71 34.56 -8.86
CA ARG A 347 4.79 33.57 -8.81
C ARG A 347 4.27 32.21 -8.40
N SER A 348 3.39 32.18 -7.39
CA SER A 348 2.84 30.90 -6.93
C SER A 348 2.02 30.22 -8.02
N VAL A 349 1.19 31.00 -8.73
CA VAL A 349 0.34 30.41 -9.77
C VAL A 349 1.20 29.91 -10.92
N LYS A 350 2.25 30.65 -11.28
CA LYS A 350 3.15 30.20 -12.35
C LYS A 350 3.84 28.90 -11.96
N MET A 351 4.30 28.81 -10.71
CA MET A 351 4.95 27.59 -10.25
C MET A 351 3.99 26.40 -10.30
N GLU A 352 2.75 26.61 -9.84
CA GLU A 352 1.77 25.53 -9.88
C GLU A 352 1.47 25.10 -11.32
N GLN A 353 1.35 26.07 -12.22
CA GLN A 353 1.10 25.76 -13.63
C GLN A 353 2.23 24.91 -14.20
N ARG A 354 3.48 25.33 -13.98
CA ARG A 354 4.61 24.59 -14.54
C ARG A 354 4.71 23.19 -13.94
N LYS A 355 4.44 23.07 -12.64
CA LYS A 355 4.49 21.76 -12.00
C LYS A 355 3.44 20.82 -12.58
N LEU A 356 2.20 21.31 -12.70
CA LEU A 356 1.14 20.49 -13.26
C LEU A 356 1.46 20.09 -14.69
N ASN A 357 1.97 21.03 -15.49
CA ASN A 357 2.27 20.71 -16.88
C ASN A 357 3.35 19.64 -16.98
N ASP A 358 4.45 19.81 -16.24
CA ASP A 358 5.55 18.85 -16.34
C ASP A 358 5.14 17.48 -15.81
N GLN A 359 4.30 17.44 -14.78
CA GLN A 359 3.88 16.14 -14.26
C GLN A 359 2.86 15.48 -15.20
N ALA A 360 2.09 16.29 -15.93
CA ALA A 360 1.12 15.73 -16.85
C ALA A 360 1.73 15.35 -18.20
N ASN A 361 2.92 15.85 -18.51
CA ASN A 361 3.58 15.46 -19.75
C ASN A 361 3.96 13.98 -19.72
N ASP B 1 31.21 44.23 6.88
CA ASP B 1 30.64 44.50 5.58
C ASP B 1 31.67 44.29 4.47
N GLN B 2 32.09 43.04 4.29
CA GLN B 2 33.06 42.67 3.27
C GLN B 2 32.87 41.18 2.97
N LEU B 3 33.80 40.61 2.21
CA LEU B 3 33.81 39.19 1.89
C LEU B 3 35.04 38.57 2.54
N THR B 4 34.83 37.87 3.65
CA THR B 4 35.94 37.30 4.40
C THR B 4 36.48 36.06 3.68
N GLU B 5 37.54 35.49 4.25
CA GLU B 5 38.19 34.35 3.63
C GLU B 5 37.26 33.14 3.54
N GLU B 6 36.42 32.95 4.56
CA GLU B 6 35.44 31.87 4.51
C GLU B 6 34.44 32.11 3.38
N GLN B 7 34.03 33.37 3.20
CA GLN B 7 33.10 33.68 2.11
C GLN B 7 33.72 33.44 0.75
N ILE B 8 35.01 33.78 0.59
CA ILE B 8 35.69 33.60 -0.69
C ILE B 8 35.72 32.12 -1.06
N ALA B 9 36.09 31.27 -0.11
CA ALA B 9 36.14 29.83 -0.37
C ALA B 9 34.74 29.27 -0.61
N GLU B 10 33.73 29.88 0.01
CA GLU B 10 32.35 29.41 -0.15
C GLU B 10 31.90 29.53 -1.61
N PHE B 11 32.19 30.67 -2.24
CA PHE B 11 31.79 30.85 -3.64
C PHE B 11 32.59 29.95 -4.57
N LYS B 12 33.84 29.67 -4.22
CA LYS B 12 34.66 28.79 -5.05
C LYS B 12 34.06 27.39 -5.14
N GLU B 13 33.54 26.88 -4.01
CA GLU B 13 32.87 25.59 -4.02
C GLU B 13 31.66 25.61 -4.94
N ALA B 14 30.88 26.69 -4.88
CA ALA B 14 29.80 26.86 -5.84
C ALA B 14 30.34 27.09 -7.25
N PHE B 15 31.45 27.83 -7.37
CA PHE B 15 32.05 28.06 -8.68
C PHE B 15 32.67 26.79 -9.25
N SER B 16 33.20 25.93 -8.38
CA SER B 16 33.79 24.67 -8.85
C SER B 16 32.74 23.74 -9.44
N LEU B 17 31.47 23.94 -9.08
CA LEU B 17 30.40 23.12 -9.64
C LEU B 17 30.20 23.36 -11.13
N PHE B 18 30.66 24.51 -11.65
CA PHE B 18 30.56 24.81 -13.07
C PHE B 18 31.90 24.82 -13.78
N ASP B 19 33.01 24.93 -13.05
CA ASP B 19 34.36 24.88 -13.63
C ASP B 19 34.86 23.45 -13.51
N LYS B 20 34.53 22.63 -14.52
CA LYS B 20 34.90 21.22 -14.47
C LYS B 20 36.39 21.02 -14.64
N ASP B 21 37.00 21.76 -15.57
CA ASP B 21 38.42 21.62 -15.88
C ASP B 21 39.27 22.67 -15.16
N GLY B 22 38.65 23.48 -14.30
CA GLY B 22 39.40 24.53 -13.62
C GLY B 22 39.95 25.57 -14.57
N ASP B 23 39.17 25.93 -15.59
CA ASP B 23 39.60 26.89 -16.61
C ASP B 23 39.54 28.33 -16.12
N GLY B 24 38.97 28.59 -14.95
CA GLY B 24 38.70 29.95 -14.54
C GLY B 24 37.49 30.57 -15.19
N THR B 25 36.77 29.82 -16.03
CA THR B 25 35.59 30.29 -16.72
C THR B 25 34.78 29.07 -17.14
N ILE B 26 33.58 29.32 -17.64
CA ILE B 26 32.67 28.26 -18.06
C ILE B 26 32.45 28.35 -19.56
N THR B 27 32.45 27.21 -20.22
CA THR B 27 32.14 27.13 -21.64
C THR B 27 30.66 26.86 -21.84
N THR B 28 30.12 27.33 -22.96
CA THR B 28 28.69 27.21 -23.19
C THR B 28 28.26 25.78 -23.48
N LYS B 29 29.20 24.89 -23.81
CA LYS B 29 28.84 23.51 -24.11
C LYS B 29 28.56 22.69 -22.86
N GLU B 30 29.15 23.03 -21.72
CA GLU B 30 28.96 22.26 -20.49
C GLU B 30 27.76 22.71 -19.68
N LEU B 31 27.04 23.74 -20.12
CA LEU B 31 25.78 24.09 -19.46
C LEU B 31 24.77 22.97 -19.61
N GLY B 32 24.71 22.35 -20.79
CA GLY B 32 23.80 21.25 -20.99
C GLY B 32 24.14 20.04 -20.15
N THR B 33 25.41 19.91 -19.77
CA THR B 33 25.83 18.78 -18.93
C THR B 33 25.13 18.82 -17.58
N VAL B 34 25.19 19.97 -16.90
CA VAL B 34 24.55 20.08 -15.59
C VAL B 34 23.03 20.11 -15.73
N MET B 35 22.51 20.67 -16.82
CA MET B 35 21.07 20.77 -16.97
C MET B 35 20.45 19.41 -17.29
N ARG B 36 21.17 18.55 -18.01
CA ARG B 36 20.66 17.21 -18.29
C ARG B 36 20.49 16.42 -17.00
N SER B 37 21.46 16.53 -16.09
CA SER B 37 21.35 15.85 -14.81
C SER B 37 20.24 16.43 -13.94
N LEU B 38 19.73 17.62 -14.29
CA LEU B 38 18.64 18.24 -13.56
C LEU B 38 17.31 18.13 -14.30
N GLY B 39 17.21 17.21 -15.26
CA GLY B 39 15.99 17.00 -16.00
C GLY B 39 15.60 18.17 -16.89
N GLN B 40 16.58 18.76 -17.57
CA GLN B 40 16.32 19.87 -18.49
C GLN B 40 17.08 19.62 -19.79
N ASN B 41 16.39 19.84 -20.91
CA ASN B 41 16.99 19.71 -22.24
C ASN B 41 16.63 20.95 -23.06
N PRO B 42 17.25 22.09 -22.76
CA PRO B 42 16.95 23.31 -23.52
C PRO B 42 17.64 23.31 -24.88
N THR B 43 17.17 24.21 -25.73
CA THR B 43 17.72 24.35 -27.07
C THR B 43 19.03 25.14 -27.03
N GLU B 44 19.73 25.15 -28.17
CA GLU B 44 20.99 25.87 -28.27
C GLU B 44 20.78 27.37 -28.06
N ALA B 45 19.71 27.91 -28.63
CA ALA B 45 19.43 29.34 -28.49
C ALA B 45 19.19 29.71 -27.03
N GLU B 46 18.47 28.87 -26.29
CA GLU B 46 18.18 29.15 -24.89
C GLU B 46 19.46 29.27 -24.07
N LEU B 47 20.36 28.30 -24.23
CA LEU B 47 21.64 28.37 -23.52
C LEU B 47 22.51 29.50 -24.06
N GLN B 48 22.42 29.76 -25.37
CA GLN B 48 23.15 30.87 -25.95
C GLN B 48 22.64 32.21 -25.42
N ASP B 49 21.31 32.35 -25.32
CA ASP B 49 20.74 33.58 -24.78
C ASP B 49 21.06 33.72 -23.29
N MET B 50 21.02 32.62 -22.55
CA MET B 50 21.27 32.69 -21.11
C MET B 50 22.68 33.19 -20.81
N ILE B 51 23.68 32.65 -21.52
CA ILE B 51 25.05 33.08 -21.28
C ILE B 51 25.29 34.48 -21.86
N ASN B 52 24.48 34.89 -22.84
CA ASN B 52 24.67 36.18 -23.48
C ASN B 52 24.48 37.32 -22.48
N GLU B 53 23.44 37.23 -21.65
CA GLU B 53 23.14 38.31 -20.72
C GLU B 53 24.19 38.41 -19.62
N VAL B 54 24.75 37.28 -19.19
CA VAL B 54 25.66 37.24 -18.07
C VAL B 54 27.11 37.26 -18.56
N ASP B 55 27.32 37.67 -19.80
CA ASP B 55 28.66 37.77 -20.39
C ASP B 55 29.03 39.25 -20.47
N ALA B 56 29.93 39.67 -19.59
CA ALA B 56 30.40 41.05 -19.59
C ALA B 56 31.72 41.21 -20.32
N ASP B 57 32.56 40.17 -20.33
CA ASP B 57 33.84 40.25 -21.03
C ASP B 57 33.63 40.40 -22.53
N GLY B 58 32.66 39.68 -23.08
CA GLY B 58 32.38 39.73 -24.50
C GLY B 58 33.08 38.67 -25.32
N ASN B 59 34.02 37.93 -24.73
CA ASN B 59 34.73 36.89 -25.46
C ASN B 59 33.79 35.75 -25.84
N GLY B 60 32.86 35.40 -24.95
CA GLY B 60 31.95 34.30 -25.20
C GLY B 60 31.91 33.33 -24.04
N THR B 61 32.46 33.73 -22.90
CA THR B 61 32.45 32.90 -21.70
C THR B 61 32.22 33.79 -20.49
N ILE B 62 31.82 33.17 -19.39
CA ILE B 62 31.42 33.86 -18.18
C ILE B 62 32.58 33.84 -17.19
N ASP B 63 32.87 35.00 -16.60
CA ASP B 63 33.95 35.14 -15.63
C ASP B 63 33.39 35.15 -14.21
N PHE B 64 34.30 35.04 -13.24
CA PHE B 64 33.89 35.03 -11.84
C PHE B 64 33.18 36.32 -11.40
N PRO B 65 33.64 37.53 -11.78
CA PRO B 65 32.91 38.74 -11.38
C PRO B 65 31.45 38.73 -11.80
N GLU B 66 31.17 38.18 -12.99
CA GLU B 66 29.79 38.00 -13.42
C GLU B 66 29.09 36.98 -12.54
N PHE B 67 29.79 35.92 -12.16
CA PHE B 67 29.21 34.90 -11.29
C PHE B 67 28.87 35.49 -9.92
N LEU B 68 29.77 36.31 -9.37
CA LEU B 68 29.52 36.92 -8.06
C LEU B 68 28.29 37.84 -8.11
N THR B 69 28.18 38.62 -9.18
CA THR B 69 27.00 39.46 -9.36
C THR B 69 25.75 38.63 -9.56
N MET B 70 25.89 37.45 -10.18
CA MET B 70 24.74 36.59 -10.42
C MET B 70 24.14 36.09 -9.11
N MET B 71 24.99 35.73 -8.14
CA MET B 71 24.49 35.22 -6.87
C MET B 71 23.72 36.29 -6.11
N ALA B 72 24.18 37.55 -6.18
CA ALA B 72 23.52 38.63 -5.45
C ALA B 72 22.07 38.78 -5.89
N ARG B 73 21.80 38.66 -7.20
CA ARG B 73 20.43 38.68 -7.68
C ARG B 73 19.66 37.48 -7.16
N LYS B 74 20.31 36.32 -7.08
CA LYS B 74 19.66 35.12 -6.55
C LYS B 74 19.33 35.27 -5.07
N MET B 75 20.20 35.95 -4.32
CA MET B 75 19.97 36.13 -2.89
C MET B 75 18.68 36.92 -2.63
N LYS B 76 18.36 37.87 -3.52
CA LYS B 76 17.17 38.68 -3.33
C LYS B 76 15.91 37.82 -3.40
N ASP B 77 15.00 38.05 -2.44
CA ASP B 77 13.76 37.28 -2.40
C ASP B 77 12.80 37.70 -3.50
N THR B 78 12.90 38.92 -3.99
CA THR B 78 12.00 39.42 -5.02
C THR B 78 12.73 40.50 -5.82
N ASP B 79 13.08 40.19 -7.06
CA ASP B 79 13.68 41.17 -7.96
C ASP B 79 12.54 41.96 -8.61
N SER B 80 12.31 43.17 -8.12
CA SER B 80 11.18 43.97 -8.60
C SER B 80 11.35 44.46 -10.03
N GLU B 81 12.54 44.32 -10.61
CA GLU B 81 12.78 44.79 -11.97
C GLU B 81 12.54 43.71 -13.02
N GLU B 82 12.10 42.51 -12.61
CA GLU B 82 11.78 41.44 -13.54
C GLU B 82 10.33 41.02 -13.50
N GLU B 83 9.58 41.36 -12.45
CA GLU B 83 8.18 40.97 -12.37
C GLU B 83 7.34 41.63 -13.46
N ILE B 84 7.61 42.90 -13.74
CA ILE B 84 6.87 43.61 -14.79
C ILE B 84 7.15 42.97 -16.15
N ARG B 85 8.38 42.48 -16.35
CA ARG B 85 8.70 41.76 -17.57
C ARG B 85 7.80 40.53 -17.73
N GLU B 86 7.59 39.80 -16.65
CA GLU B 86 6.75 38.61 -16.70
C GLU B 86 5.32 38.95 -17.10
N ALA B 87 4.78 40.02 -16.52
CA ALA B 87 3.41 40.42 -16.84
C ALA B 87 3.28 40.82 -18.31
N PHE B 88 4.27 41.56 -18.82
CA PHE B 88 4.24 41.97 -20.22
C PHE B 88 4.32 40.77 -21.15
N ARG B 89 5.19 39.81 -20.83
CA ARG B 89 5.35 38.65 -21.70
C ARG B 89 4.14 37.71 -21.66
N VAL B 90 3.31 37.80 -20.62
CA VAL B 90 2.06 37.04 -20.61
C VAL B 90 1.14 37.53 -21.72
N PHE B 91 1.00 38.85 -21.84
CA PHE B 91 0.22 39.46 -22.92
C PHE B 91 1.11 39.79 -24.12
N ASP B 92 1.86 38.79 -24.59
CA ASP B 92 2.79 38.95 -25.69
C ASP B 92 2.54 37.86 -26.73
N LYS B 93 2.61 38.23 -28.00
CA LYS B 93 2.41 37.31 -29.10
C LYS B 93 3.63 37.29 -30.00
N ASP B 94 4.00 36.10 -30.46
CA ASP B 94 5.13 35.82 -31.34
C ASP B 94 6.40 36.60 -30.95
N GLY B 95 6.60 36.78 -29.65
CA GLY B 95 7.81 37.39 -29.11
C GLY B 95 8.27 38.67 -29.77
N ASN B 96 7.34 39.45 -30.34
CA ASN B 96 7.72 40.67 -31.03
C ASN B 96 8.06 41.78 -30.05
N GLY B 97 7.34 41.88 -28.93
CA GLY B 97 7.51 42.94 -27.98
C GLY B 97 6.73 44.19 -28.30
N TYR B 98 6.38 44.39 -29.56
CA TYR B 98 5.61 45.56 -30.00
C TYR B 98 4.16 45.35 -29.60
N ILE B 99 3.88 45.59 -28.31
CA ILE B 99 2.54 45.38 -27.79
C ILE B 99 1.63 46.52 -28.27
N SER B 100 0.47 46.16 -28.79
CA SER B 100 -0.46 47.16 -29.31
C SER B 100 -1.01 48.03 -28.17
N ALA B 101 -1.08 49.33 -28.43
CA ALA B 101 -1.62 50.25 -27.43
C ALA B 101 -3.12 50.07 -27.24
N ALA B 102 -3.84 49.76 -28.32
CA ALA B 102 -5.29 49.55 -28.22
C ALA B 102 -5.61 48.28 -27.44
N GLU B 103 -4.71 47.29 -27.45
CA GLU B 103 -4.96 46.06 -26.72
C GLU B 103 -5.00 46.31 -25.21
N LEU B 104 -4.16 47.22 -24.72
CA LEU B 104 -4.12 47.49 -23.29
C LEU B 104 -5.43 48.13 -22.80
N ARG B 105 -6.20 48.73 -23.71
CA ARG B 105 -7.45 49.36 -23.32
C ARG B 105 -8.43 48.34 -22.76
N HIS B 106 -8.55 47.19 -23.42
CA HIS B 106 -9.56 46.21 -23.02
C HIS B 106 -9.20 45.52 -21.71
N VAL B 107 -7.94 45.11 -21.56
CA VAL B 107 -7.54 44.29 -20.41
C VAL B 107 -7.69 45.08 -19.11
N MET B 108 -7.22 46.34 -19.11
CA MET B 108 -7.29 47.14 -17.90
C MET B 108 -8.73 47.43 -17.49
N THR B 109 -9.61 47.65 -18.47
CA THR B 109 -10.99 47.99 -18.15
C THR B 109 -11.75 46.81 -17.57
N ASN B 110 -11.47 45.58 -18.03
CA ASN B 110 -12.27 44.44 -17.61
C ASN B 110 -11.44 43.38 -16.88
N LEU B 111 -10.31 42.99 -17.46
CA LEU B 111 -9.52 41.88 -16.93
C LEU B 111 -8.72 42.35 -15.73
N GLY B 112 -9.15 41.97 -14.54
CA GLY B 112 -8.46 42.36 -13.32
C GLY B 112 -9.39 42.93 -12.27
N GLU B 113 -9.17 44.20 -11.90
CA GLU B 113 -9.98 44.87 -10.90
C GLU B 113 -10.91 45.91 -11.50
N LYS B 114 -11.16 45.84 -12.81
CA LYS B 114 -12.15 46.68 -13.50
C LYS B 114 -11.83 48.17 -13.34
N LEU B 115 -10.68 48.56 -13.90
CA LEU B 115 -10.33 49.97 -13.95
C LEU B 115 -11.28 50.73 -14.88
N THR B 116 -11.48 52.00 -14.58
CA THR B 116 -12.43 52.82 -15.32
C THR B 116 -11.80 53.38 -16.60
N ASP B 117 -12.66 53.87 -17.50
CA ASP B 117 -12.20 54.37 -18.79
C ASP B 117 -11.33 55.62 -18.62
N GLU B 118 -11.70 56.52 -17.70
CA GLU B 118 -10.92 57.72 -17.50
C GLU B 118 -9.53 57.42 -16.94
N GLU B 119 -9.41 56.40 -16.10
CA GLU B 119 -8.11 56.03 -15.56
C GLU B 119 -7.21 55.47 -16.64
N VAL B 120 -7.72 54.54 -17.45
CA VAL B 120 -6.91 53.92 -18.49
C VAL B 120 -6.62 54.91 -19.60
N ASP B 121 -7.50 55.90 -19.81
CA ASP B 121 -7.30 56.87 -20.89
C ASP B 121 -6.00 57.63 -20.72
N GLU B 122 -5.67 58.03 -19.49
CA GLU B 122 -4.41 58.72 -19.24
C GLU B 122 -3.21 57.81 -19.42
N MET B 123 -3.39 56.49 -19.33
CA MET B 123 -2.27 55.57 -19.46
C MET B 123 -1.70 55.60 -20.87
N ILE B 124 -2.55 55.43 -21.88
CA ILE B 124 -2.07 55.41 -23.26
C ILE B 124 -1.49 56.77 -23.65
N ARG B 125 -2.17 57.85 -23.27
CA ARG B 125 -1.69 59.18 -23.61
C ARG B 125 -0.32 59.48 -22.99
N GLU B 126 0.04 58.77 -21.93
CA GLU B 126 1.38 58.89 -21.35
C GLU B 126 2.31 57.81 -21.87
N ALA B 127 1.79 56.61 -22.12
CA ALA B 127 2.60 55.51 -22.61
C ALA B 127 2.96 55.64 -24.08
N ASP B 128 2.38 56.60 -24.79
CA ASP B 128 2.73 56.81 -26.20
C ASP B 128 4.12 57.41 -26.31
N ILE B 129 5.14 56.56 -26.45
CA ILE B 129 6.50 57.04 -26.56
C ILE B 129 6.70 57.79 -27.87
N ASP B 130 6.05 57.34 -28.94
CA ASP B 130 6.12 57.99 -30.24
C ASP B 130 4.77 58.47 -30.74
N GLY B 131 3.74 57.62 -30.66
CA GLY B 131 2.41 58.00 -31.11
C GLY B 131 1.91 57.16 -32.26
N ASP B 132 2.38 55.91 -32.36
CA ASP B 132 1.97 55.01 -33.43
C ASP B 132 0.99 53.94 -32.98
N GLY B 133 1.03 53.53 -31.71
CA GLY B 133 0.17 52.49 -31.21
C GLY B 133 0.87 51.24 -30.74
N GLN B 134 2.20 51.21 -30.78
CA GLN B 134 2.99 50.07 -30.33
C GLN B 134 3.83 50.50 -29.15
N VAL B 135 3.70 49.79 -28.02
CA VAL B 135 4.42 50.10 -26.80
C VAL B 135 5.41 48.98 -26.52
N ASN B 136 6.49 49.32 -25.83
CA ASN B 136 7.56 48.37 -25.53
C ASN B 136 7.97 48.54 -24.08
N TYR B 137 9.10 47.94 -23.71
CA TYR B 137 9.55 47.95 -22.32
C TYR B 137 10.13 49.28 -21.90
N GLU B 138 10.28 50.25 -22.80
CA GLU B 138 10.72 51.58 -22.39
C GLU B 138 9.72 52.22 -21.43
N GLU B 139 8.46 51.79 -21.45
CA GLU B 139 7.52 52.23 -20.43
C GLU B 139 7.91 51.69 -19.06
N PHE B 140 8.41 50.45 -19.01
CA PHE B 140 8.78 49.85 -17.74
C PHE B 140 9.93 50.60 -17.08
N VAL B 141 10.99 50.88 -17.85
CA VAL B 141 12.13 51.60 -17.27
C VAL B 141 11.73 53.01 -16.89
N GLN B 142 10.76 53.59 -17.59
CA GLN B 142 10.22 54.88 -17.18
C GLN B 142 9.50 54.76 -15.84
N MET B 143 8.84 53.63 -15.60
CA MET B 143 8.16 53.43 -14.32
C MET B 143 9.16 53.37 -13.16
N MET B 144 10.28 52.69 -13.36
CA MET B 144 11.28 52.51 -12.31
C MET B 144 12.41 53.52 -12.40
N THR B 145 12.18 54.68 -13.03
CA THR B 145 13.23 55.69 -13.14
C THR B 145 13.64 56.20 -11.76
N ALA B 146 12.66 56.45 -10.90
CA ALA B 146 12.95 56.91 -9.54
C ALA B 146 12.38 55.94 -8.51
N ILE C 1 -31.31 29.23 -32.14
CA ILE C 1 -32.01 27.96 -32.32
C ILE C 1 -33.47 28.09 -31.91
N GLY C 2 -33.69 28.58 -30.69
CA GLY C 2 -35.03 28.70 -30.15
C GLY C 2 -35.49 27.44 -29.43
N TYR C 3 -36.52 27.62 -28.60
CA TYR C 3 -37.05 26.55 -27.76
C TYR C 3 -35.93 25.87 -26.99
N LYS C 4 -35.28 24.90 -27.62
CA LYS C 4 -34.16 24.21 -27.00
C LYS C 4 -33.05 25.20 -26.65
N LEU C 5 -32.47 25.02 -25.48
CA LEU C 5 -31.40 25.85 -24.92
C LEU C 5 -31.93 27.21 -24.48
N GLY C 6 -33.19 27.49 -24.80
CA GLY C 6 -33.87 28.64 -24.25
C GLY C 6 -34.91 28.21 -23.23
N HIS C 7 -35.70 27.20 -23.60
CA HIS C 7 -36.68 26.64 -22.67
C HIS C 7 -36.02 25.72 -21.66
N ARG C 8 -34.99 24.98 -22.09
CA ARG C 8 -34.29 24.08 -21.17
C ARG C 8 -33.61 24.86 -20.05
N ARG C 9 -33.20 26.10 -20.31
CA ARG C 9 -32.60 26.93 -19.27
C ARG C 9 -33.60 27.22 -18.17
N ALA C 10 -34.86 27.50 -18.54
CA ALA C 10 -35.88 27.81 -17.54
C ALA C 10 -36.15 26.62 -16.63
N LEU C 11 -36.19 25.41 -17.19
CA LEU C 11 -36.43 24.22 -16.38
C LEU C 11 -35.31 24.00 -15.38
N PHE C 12 -34.06 24.23 -15.80
CA PHE C 12 -32.94 24.09 -14.88
C PHE C 12 -33.04 25.07 -13.72
N GLU C 13 -33.40 26.33 -14.02
CA GLU C 13 -33.53 27.33 -12.96
C GLU C 13 -34.66 26.97 -12.01
N LYS C 14 -35.79 26.53 -12.55
CA LYS C 14 -36.92 26.14 -11.71
C LYS C 14 -36.56 24.95 -10.81
N ARG C 15 -35.85 23.98 -11.37
CA ARG C 15 -35.44 22.82 -10.58
C ARG C 15 -34.44 23.21 -9.50
N LYS C 16 -33.51 24.11 -9.83
CA LYS C 16 -32.49 24.52 -8.86
C LYS C 16 -33.10 25.34 -7.72
N ARG C 17 -34.05 26.23 -8.05
CA ARG C 17 -34.66 27.06 -7.02
C ARG C 17 -35.48 26.23 -6.03
N LEU C 18 -36.15 25.20 -6.53
CA LEU C 18 -37.02 24.38 -5.69
C LEU C 18 -36.25 23.52 -4.69
N SER C 19 -34.93 23.41 -4.81
CA SER C 19 -34.15 22.57 -3.92
C SER C 19 -33.60 23.33 -2.72
N ASP C 20 -33.78 24.64 -2.65
CA ASP C 20 -33.32 25.44 -1.51
C ASP C 20 -34.39 25.63 -0.46
N TYR C 21 -35.63 25.92 -0.89
CA TYR C 21 -36.74 26.03 0.06
C TYR C 21 -36.96 24.70 0.77
N ALA C 22 -36.80 23.59 0.05
CA ALA C 22 -36.92 22.27 0.67
C ALA C 22 -35.89 22.09 1.78
N LEU C 23 -34.64 22.49 1.52
CA LEU C 23 -33.60 22.40 2.54
C LEU C 23 -33.91 23.30 3.74
N ILE C 24 -34.40 24.51 3.49
CA ILE C 24 -34.71 25.42 4.59
C ILE C 24 -35.82 24.84 5.46
N PHE C 25 -36.90 24.34 4.85
CA PHE C 25 -37.99 23.75 5.60
C PHE C 25 -37.65 22.40 6.20
N GLY C 26 -36.59 21.74 5.72
CA GLY C 26 -36.13 20.52 6.35
C GLY C 26 -35.26 20.77 7.57
N MET C 27 -34.45 21.82 7.51
CA MET C 27 -33.62 22.18 8.66
C MET C 27 -34.40 22.88 9.76
N PHE C 28 -35.44 23.64 9.40
CA PHE C 28 -36.26 24.33 10.39
C PHE C 28 -36.90 23.33 11.35
N GLY C 29 -37.45 22.24 10.81
CA GLY C 29 -38.08 21.24 11.66
C GLY C 29 -37.10 20.56 12.60
N ILE C 30 -35.88 20.27 12.10
CA ILE C 30 -34.86 19.65 12.95
C ILE C 30 -34.48 20.57 14.09
N VAL C 31 -34.29 21.86 13.79
CA VAL C 31 -33.90 22.81 14.83
C VAL C 31 -35.01 22.92 15.88
N VAL C 32 -36.26 23.04 15.42
CA VAL C 32 -37.37 23.16 16.36
C VAL C 32 -37.51 21.89 17.21
N MET C 33 -37.29 20.73 16.60
CA MET C 33 -37.36 19.48 17.36
C MET C 33 -36.29 19.43 18.43
N VAL C 34 -35.07 19.85 18.10
CA VAL C 34 -34.00 19.83 19.10
C VAL C 34 -34.33 20.77 20.26
N ILE C 35 -34.80 21.98 19.95
CA ILE C 35 -35.14 22.92 21.02
C ILE C 35 -36.27 22.38 21.89
N GLU C 36 -37.32 21.83 21.27
CA GLU C 36 -38.45 21.31 22.02
C GLU C 36 -38.04 20.12 22.89
N THR C 37 -37.22 19.23 22.35
CA THR C 37 -36.76 18.08 23.13
C THR C 37 -35.92 18.53 24.32
N GLU C 38 -35.05 19.52 24.12
CA GLU C 38 -34.25 20.01 25.23
C GLU C 38 -35.10 20.70 26.29
N LEU C 39 -36.09 21.48 25.88
CA LEU C 39 -36.89 22.26 26.82
C LEU C 39 -38.02 21.47 27.46
N SER C 40 -38.40 20.32 26.92
CA SER C 40 -39.49 19.54 27.49
C SER C 40 -39.03 18.63 28.62
N TRP C 41 -37.75 18.63 28.96
CA TRP C 41 -37.24 17.72 29.97
C TRP C 41 -37.34 18.34 31.36
N GLY C 42 -36.92 19.60 31.51
CA GLY C 42 -36.98 20.25 32.80
C GLY C 42 -37.74 21.56 32.86
N ALA C 43 -37.83 22.28 31.74
CA ALA C 43 -38.42 23.62 31.75
C ALA C 43 -39.94 23.53 31.92
N TYR C 44 -40.59 22.66 31.16
CA TYR C 44 -42.03 22.46 31.27
C TYR C 44 -42.32 20.99 31.02
N ASP C 45 -43.60 20.66 30.83
CA ASP C 45 -44.04 19.29 30.66
C ASP C 45 -44.84 19.17 29.38
N LYS C 46 -45.20 17.94 29.03
CA LYS C 46 -45.91 17.65 27.79
C LYS C 46 -47.40 17.99 27.86
N ALA C 47 -47.89 18.42 29.02
CA ALA C 47 -49.30 18.78 29.18
C ALA C 47 -49.50 20.29 29.29
N SER C 48 -48.58 21.07 28.73
CA SER C 48 -48.63 22.52 28.77
C SER C 48 -49.02 23.07 27.41
N LEU C 49 -49.14 24.40 27.34
CA LEU C 49 -49.43 25.07 26.09
C LEU C 49 -48.19 25.33 25.24
N TYR C 50 -47.03 25.50 25.89
CA TYR C 50 -45.79 25.70 25.15
C TYR C 50 -45.47 24.51 24.26
N SER C 51 -45.65 23.30 24.78
CA SER C 51 -45.34 22.10 24.00
C SER C 51 -46.25 22.00 22.77
N LEU C 52 -47.56 22.21 22.96
CA LEU C 52 -48.49 22.15 21.84
C LEU C 52 -48.19 23.24 20.81
N ALA C 53 -47.94 24.46 21.29
CA ALA C 53 -47.66 25.56 20.37
C ALA C 53 -46.39 25.32 19.58
N LEU C 54 -45.35 24.78 20.22
CA LEU C 54 -44.08 24.60 19.55
C LEU C 54 -44.07 23.36 18.66
N LYS C 55 -44.92 22.37 18.96
CA LYS C 55 -45.02 21.20 18.08
C LYS C 55 -46.00 21.40 16.95
N CYS C 56 -46.89 22.40 17.02
CA CYS C 56 -47.77 22.68 15.89
C CYS C 56 -47.05 23.37 14.74
N LEU C 57 -45.81 23.82 14.96
CA LEU C 57 -45.02 24.47 13.91
C LEU C 57 -44.21 23.48 13.09
N ILE C 58 -44.29 22.18 13.38
CA ILE C 58 -43.53 21.18 12.66
C ILE C 58 -44.39 20.55 11.57
N SER C 59 -45.69 20.38 11.87
CA SER C 59 -46.59 19.79 10.89
C SER C 59 -46.75 20.68 9.66
N LEU C 60 -46.86 21.99 9.85
CA LEU C 60 -46.99 22.91 8.73
C LEU C 60 -45.74 22.86 7.85
N SER C 61 -44.56 22.86 8.46
CA SER C 61 -43.32 22.75 7.71
C SER C 61 -43.24 21.43 6.96
N THR C 62 -43.70 20.34 7.58
CA THR C 62 -43.69 19.05 6.90
C THR C 62 -44.60 19.06 5.68
N ILE C 63 -45.80 19.66 5.81
CA ILE C 63 -46.71 19.74 4.69
C ILE C 63 -46.11 20.57 3.55
N ILE C 64 -45.49 21.70 3.88
CA ILE C 64 -44.85 22.52 2.86
C ILE C 64 -43.72 21.74 2.18
N LEU C 65 -42.96 20.99 2.97
CA LEU C 65 -41.87 20.19 2.41
C LEU C 65 -42.40 19.13 1.44
N LEU C 66 -43.49 18.46 1.81
CA LEU C 66 -44.08 17.47 0.91
C LEU C 66 -44.56 18.11 -0.39
N GLY C 67 -45.20 19.27 -0.29
CA GLY C 67 -45.64 19.96 -1.49
C GLY C 67 -44.48 20.32 -2.39
N LEU C 68 -43.40 20.84 -1.79
CA LEU C 68 -42.21 21.20 -2.57
C LEU C 68 -41.59 19.98 -3.24
N ILE C 69 -41.54 18.85 -2.53
CA ILE C 69 -40.98 17.63 -3.13
C ILE C 69 -41.82 17.19 -4.33
N ILE C 70 -43.15 17.23 -4.19
CA ILE C 70 -44.02 16.84 -5.30
C ILE C 70 -43.82 17.76 -6.50
N VAL C 71 -43.73 19.07 -6.26
CA VAL C 71 -43.52 20.01 -7.37
C VAL C 71 -42.17 19.76 -8.04
N TYR C 72 -41.13 19.49 -7.24
CA TYR C 72 -39.82 19.20 -7.79
C TYR C 72 -39.85 17.97 -8.69
N HIS C 73 -40.53 16.91 -8.24
CA HIS C 73 -40.63 15.71 -9.07
C HIS C 73 -41.43 15.96 -10.35
N ALA C 74 -42.48 16.78 -10.27
CA ALA C 74 -43.23 17.12 -11.47
C ALA C 74 -42.37 17.88 -12.48
N ARG C 75 -41.57 18.83 -12.00
CA ARG C 75 -40.68 19.55 -12.91
C ARG C 75 -39.60 18.65 -13.48
N GLU C 76 -39.11 17.69 -12.71
CA GLU C 76 -38.15 16.72 -13.24
C GLU C 76 -38.79 15.87 -14.34
N ILE C 77 -40.05 15.49 -14.16
CA ILE C 77 -40.78 14.75 -15.20
C ILE C 77 -40.89 15.60 -16.46
N GLN C 78 -41.20 16.88 -16.30
CA GLN C 78 -41.30 17.77 -17.46
C GLN C 78 -39.96 17.86 -18.18
N LEU C 79 -38.87 18.00 -17.43
CA LEU C 79 -37.54 18.05 -18.04
C LEU C 79 -37.21 16.76 -18.78
N PHE C 80 -37.57 15.61 -18.20
CA PHE C 80 -37.31 14.34 -18.88
C PHE C 80 -38.11 14.23 -20.17
N MET C 81 -39.36 14.66 -20.16
CA MET C 81 -40.16 14.65 -21.39
C MET C 81 -39.56 15.58 -22.44
N VAL C 82 -39.06 16.75 -22.01
CA VAL C 82 -38.46 17.68 -22.95
C VAL C 82 -37.20 17.09 -23.57
N ASP C 83 -36.33 16.48 -22.75
CA ASP C 83 -35.05 15.97 -23.23
C ASP C 83 -35.22 14.86 -24.27
N ASN C 84 -35.81 13.73 -23.86
CA ASN C 84 -36.03 12.63 -24.78
C ASN C 84 -37.35 12.80 -25.51
N GLY C 85 -37.36 12.49 -26.80
CA GLY C 85 -38.55 12.66 -27.60
C GLY C 85 -39.74 11.85 -27.11
N ALA C 86 -40.71 12.55 -26.53
CA ALA C 86 -41.93 11.92 -26.02
C ALA C 86 -43.00 12.97 -25.85
N ASP C 87 -44.25 12.54 -25.89
CA ASP C 87 -45.40 13.43 -25.74
C ASP C 87 -46.45 12.81 -24.83
N ASP C 88 -46.00 12.16 -23.76
CA ASP C 88 -46.93 11.57 -22.80
C ASP C 88 -46.20 11.36 -21.48
N TRP C 89 -46.80 11.84 -20.39
CA TRP C 89 -46.19 11.71 -19.08
C TRP C 89 -46.18 10.28 -18.56
N ARG C 90 -47.04 9.41 -19.11
CA ARG C 90 -47.15 8.05 -18.60
C ARG C 90 -45.94 7.19 -18.98
N ILE C 91 -45.13 7.63 -19.94
CA ILE C 91 -43.98 6.85 -20.36
C ILE C 91 -42.90 6.79 -19.30
N ALA C 92 -42.80 7.82 -18.44
CA ALA C 92 -41.70 7.87 -17.48
C ALA C 92 -41.85 6.87 -16.35
N MET C 93 -43.09 6.51 -15.99
CA MET C 93 -43.32 5.58 -14.89
C MET C 93 -42.78 4.19 -15.21
N THR C 94 -41.72 3.78 -14.53
CA THR C 94 -41.00 2.56 -14.86
C THR C 94 -40.74 1.66 -13.64
N TYR C 95 -41.65 1.70 -12.66
CA TYR C 95 -41.61 0.80 -11.49
C TYR C 95 -40.42 1.09 -10.59
N GLU C 96 -39.55 2.02 -10.98
CA GLU C 96 -38.41 2.43 -10.17
C GLU C 96 -38.47 3.91 -9.83
N ARG C 97 -38.89 4.73 -10.78
CA ARG C 97 -39.14 6.15 -10.50
C ARG C 97 -40.25 6.32 -9.48
N ILE C 98 -41.24 5.43 -9.51
CA ILE C 98 -42.33 5.51 -8.53
C ILE C 98 -41.85 5.13 -7.13
N PHE C 99 -41.00 4.12 -7.02
CA PHE C 99 -40.58 3.64 -5.70
C PHE C 99 -39.81 4.69 -4.92
N PHE C 100 -38.91 5.42 -5.60
CA PHE C 100 -38.10 6.41 -4.90
C PHE C 100 -38.92 7.59 -4.42
N ILE C 101 -39.97 7.96 -5.15
CA ILE C 101 -40.86 9.02 -4.70
C ILE C 101 -41.53 8.62 -3.39
N CYS C 102 -42.04 7.38 -3.32
CA CYS C 102 -42.66 6.90 -2.10
C CYS C 102 -41.65 6.82 -0.96
N LEU C 103 -40.42 6.39 -1.26
CA LEU C 103 -39.39 6.33 -0.23
C LEU C 103 -39.10 7.73 0.34
N GLU C 104 -39.00 8.73 -0.55
CA GLU C 104 -38.78 10.10 -0.09
C GLU C 104 -39.93 10.59 0.75
N ILE C 105 -41.16 10.30 0.33
CA ILE C 105 -42.34 10.75 1.08
C ILE C 105 -42.34 10.14 2.48
N LEU C 106 -42.09 8.83 2.57
CA LEU C 106 -42.08 8.17 3.86
C LEU C 106 -40.96 8.69 4.75
N VAL C 107 -39.78 8.95 4.16
CA VAL C 107 -38.66 9.46 4.95
C VAL C 107 -38.98 10.85 5.51
N CYS C 108 -39.55 11.72 4.68
CA CYS C 108 -39.77 13.11 5.08
C CYS C 108 -41.12 13.34 5.75
N ALA C 109 -41.94 12.30 5.92
CA ALA C 109 -43.26 12.46 6.50
C ALA C 109 -43.31 12.21 8.00
N ILE C 110 -42.19 11.84 8.62
CA ILE C 110 -42.18 11.46 10.04
C ILE C 110 -41.83 12.68 10.88
N HIS C 111 -42.65 12.93 11.91
CA HIS C 111 -42.44 14.04 12.83
C HIS C 111 -43.27 13.79 14.08
N PRO C 112 -42.91 14.41 15.21
CA PRO C 112 -43.72 14.26 16.42
C PRO C 112 -45.02 15.04 16.35
N ILE C 113 -46.14 14.33 16.30
CA ILE C 113 -47.46 14.94 16.19
C ILE C 113 -47.88 15.49 17.56
N PRO C 114 -48.77 16.48 17.61
CA PRO C 114 -49.26 16.97 18.90
C PRO C 114 -50.07 15.92 19.64
N GLY C 115 -50.09 16.04 20.96
CA GLY C 115 -50.80 15.14 21.85
C GLY C 115 -49.97 14.80 23.06
N ASN C 116 -50.41 13.78 23.79
CA ASN C 116 -49.70 13.33 24.98
C ASN C 116 -49.92 11.81 25.11
N TYR C 117 -48.97 11.05 24.59
CA TYR C 117 -49.02 9.60 24.60
C TYR C 117 -47.79 9.05 25.30
N THR C 118 -47.94 7.85 25.88
CA THR C 118 -46.87 7.25 26.68
C THR C 118 -46.80 5.76 26.40
N PHE C 119 -45.67 5.17 26.80
CA PHE C 119 -45.47 3.73 26.72
C PHE C 119 -44.47 3.32 27.80
N THR C 120 -44.31 2.01 27.96
CA THR C 120 -43.47 1.45 29.02
C THR C 120 -42.16 0.93 28.42
N TRP C 121 -41.05 1.22 29.10
CA TRP C 121 -39.72 0.92 28.61
C TRP C 121 -38.93 0.20 29.70
N THR C 122 -38.28 -0.91 29.33
CA THR C 122 -37.51 -1.72 30.26
C THR C 122 -36.14 -1.99 29.68
N ALA C 123 -35.11 -1.93 30.54
CA ALA C 123 -33.73 -2.13 30.11
C ALA C 123 -32.93 -2.79 31.23
N ARG C 124 -31.81 -3.39 30.85
CA ARG C 124 -30.88 -4.00 31.80
C ARG C 124 -29.64 -3.13 31.93
N LEU C 125 -29.28 -2.81 33.18
CA LEU C 125 -28.18 -1.90 33.44
C LEU C 125 -26.83 -2.59 33.25
N ALA C 126 -25.83 -1.78 32.93
CA ALA C 126 -24.49 -2.31 32.65
C ALA C 126 -23.71 -2.50 33.95
N PHE C 127 -22.88 -3.56 33.96
CA PHE C 127 -21.94 -3.87 35.04
C PHE C 127 -22.64 -4.34 36.31
N SER C 128 -23.96 -4.28 36.33
CA SER C 128 -24.74 -4.71 37.49
C SER C 128 -25.89 -5.64 37.14
N TYR C 129 -26.34 -5.64 35.89
CA TYR C 129 -27.35 -6.58 35.40
C TYR C 129 -28.67 -6.44 36.18
N ALA C 130 -29.03 -5.20 36.53
CA ALA C 130 -30.25 -4.94 37.27
C ALA C 130 -31.34 -4.39 36.35
N PRO C 131 -32.56 -4.90 36.47
CA PRO C 131 -33.66 -4.39 35.63
C PRO C 131 -34.02 -2.96 35.99
N SER C 132 -34.53 -2.24 34.99
CA SER C 132 -34.96 -0.86 35.16
C SER C 132 -36.18 -0.63 34.28
N THR C 133 -37.21 0.01 34.84
CA THR C 133 -38.46 0.26 34.13
C THR C 133 -38.89 1.70 34.36
N THR C 134 -39.19 2.41 33.27
CA THR C 134 -39.68 3.78 33.33
C THR C 134 -40.87 3.93 32.40
N THR C 135 -41.54 5.09 32.51
CA THR C 135 -42.61 5.47 31.62
C THR C 135 -42.12 6.60 30.72
N ALA C 136 -42.11 6.37 29.42
CA ALA C 136 -41.60 7.32 28.44
C ALA C 136 -42.73 7.77 27.52
N ASP C 137 -42.41 8.73 26.66
CA ASP C 137 -43.36 9.25 25.68
C ASP C 137 -42.98 8.76 24.28
N VAL C 138 -43.97 8.75 23.39
CA VAL C 138 -43.75 8.28 22.03
C VAL C 138 -43.04 9.30 21.15
N ASP C 139 -42.82 10.52 21.64
CA ASP C 139 -42.17 11.55 20.85
C ASP C 139 -40.69 11.25 20.63
N ILE C 140 -40.05 10.50 21.52
CA ILE C 140 -38.64 10.16 21.33
C ILE C 140 -38.48 9.22 20.14
N ILE C 141 -39.45 8.34 19.92
CA ILE C 141 -39.42 7.44 18.76
C ILE C 141 -39.59 8.20 17.45
N LEU C 142 -40.39 9.26 17.44
CA LEU C 142 -40.75 9.96 16.21
C LEU C 142 -39.84 11.12 15.87
N SER C 143 -38.83 11.41 16.69
CA SER C 143 -37.96 12.57 16.48
C SER C 143 -36.59 12.19 15.95
N ILE C 144 -36.00 11.11 16.46
CA ILE C 144 -34.67 10.70 15.99
C ILE C 144 -34.65 10.39 14.50
N PRO C 145 -35.65 9.70 13.91
CA PRO C 145 -35.58 9.41 12.47
C PRO C 145 -35.53 10.64 11.56
N MET C 146 -35.89 11.82 12.08
CA MET C 146 -35.88 13.02 11.24
C MET C 146 -34.48 13.44 10.82
N PHE C 147 -33.43 12.86 11.39
CA PHE C 147 -32.07 13.12 10.93
C PHE C 147 -31.80 12.52 9.56
N LEU C 148 -32.70 11.68 9.06
CA LEU C 148 -32.57 11.15 7.70
C LEU C 148 -32.81 12.20 6.63
N ARG C 149 -33.34 13.37 7.01
CA ARG C 149 -33.61 14.46 6.08
C ARG C 149 -32.35 15.12 5.56
N LEU C 150 -31.16 14.63 5.89
CA LEU C 150 -29.92 15.29 5.51
C LEU C 150 -29.47 14.95 4.10
N TYR C 151 -30.20 14.09 3.39
CA TYR C 151 -29.85 13.77 2.01
C TYR C 151 -30.07 14.95 1.08
N LEU C 152 -30.86 15.94 1.49
CA LEU C 152 -31.12 17.11 0.66
C LEU C 152 -29.86 17.96 0.47
N ILE C 153 -28.95 17.95 1.44
CA ILE C 153 -27.73 18.75 1.34
C ILE C 153 -26.89 18.28 0.17
N ALA C 154 -26.81 16.96 -0.04
CA ALA C 154 -26.06 16.43 -1.17
C ALA C 154 -26.64 16.91 -2.50
N ARG C 155 -27.98 16.89 -2.61
CA ARG C 155 -28.62 17.36 -3.84
C ARG C 155 -28.36 18.84 -4.07
N VAL C 156 -28.46 19.65 -3.02
CA VAL C 156 -28.21 21.09 -3.15
C VAL C 156 -26.76 21.33 -3.57
N MET C 157 -25.82 20.61 -2.95
CA MET C 157 -24.42 20.78 -3.30
C MET C 157 -24.14 20.36 -4.74
N LEU C 158 -24.78 19.27 -5.19
CA LEU C 158 -24.54 18.79 -6.55
C LEU C 158 -25.10 19.76 -7.58
N LEU C 159 -26.32 20.28 -7.37
CA LEU C 159 -26.93 21.16 -8.35
C LEU C 159 -26.20 22.49 -8.50
N HIS C 160 -25.34 22.83 -7.54
CA HIS C 160 -24.60 24.09 -7.59
C HIS C 160 -23.19 23.92 -8.14
N SER C 161 -22.84 22.73 -8.61
CA SER C 161 -21.48 22.48 -9.08
C SER C 161 -21.25 23.16 -10.43
N LYS C 162 -20.13 23.86 -10.56
CA LYS C 162 -19.78 24.50 -11.83
C LYS C 162 -19.47 23.47 -12.89
N LEU C 163 -18.79 22.39 -12.52
CA LEU C 163 -18.43 21.33 -13.46
C LEU C 163 -19.62 20.47 -13.87
N PHE C 164 -20.83 20.86 -13.47
CA PHE C 164 -22.04 20.15 -13.82
C PHE C 164 -22.86 20.85 -14.90
N THR C 165 -22.69 22.15 -15.10
CA THR C 165 -23.47 22.92 -16.06
C THR C 165 -22.56 23.79 -16.93
N ASP C 166 -21.43 23.23 -17.35
CA ASP C 166 -20.47 23.95 -18.19
C ASP C 166 -20.45 23.30 -19.57
N ALA C 167 -20.64 24.13 -20.61
CA ALA C 167 -20.70 23.60 -21.97
C ALA C 167 -19.37 22.99 -22.40
N SER C 168 -18.26 23.64 -22.01
CA SER C 168 -16.94 23.13 -22.38
C SER C 168 -16.70 21.75 -21.77
N SER C 169 -17.10 21.57 -20.51
CA SER C 169 -16.98 20.27 -19.87
C SER C 169 -17.78 19.22 -20.61
N ARG C 170 -18.99 19.58 -21.04
CA ARG C 170 -19.82 18.65 -21.80
C ARG C 170 -19.16 18.27 -23.12
N SER C 171 -18.56 19.26 -23.80
CA SER C 171 -17.89 18.98 -25.06
C SER C 171 -16.70 18.04 -24.86
N ILE C 172 -15.91 18.27 -23.82
CA ILE C 172 -14.77 17.40 -23.54
C ILE C 172 -15.24 16.01 -23.17
N GLY C 173 -16.32 15.92 -22.38
CA GLY C 173 -16.87 14.61 -22.05
C GLY C 173 -17.37 13.87 -23.27
N ALA C 174 -17.99 14.58 -24.21
CA ALA C 174 -18.38 13.96 -25.48
C ALA C 174 -17.15 13.47 -26.23
N LEU C 175 -16.09 14.28 -26.25
CA LEU C 175 -14.88 13.87 -26.96
C LEU C 175 -14.22 12.66 -26.30
N ASN C 176 -14.44 12.45 -25.00
CA ASN C 176 -13.81 11.36 -24.29
C ASN C 176 -14.80 10.37 -23.69
N LYS C 177 -16.08 10.47 -24.03
CA LYS C 177 -17.12 9.56 -23.54
C LYS C 177 -17.11 9.48 -22.02
N ILE C 178 -16.98 10.64 -21.38
CA ILE C 178 -16.91 10.71 -19.93
C ILE C 178 -18.32 10.68 -19.35
N ASN C 179 -18.53 9.81 -18.37
CA ASN C 179 -19.84 9.66 -17.72
C ASN C 179 -19.90 10.61 -16.53
N PHE C 180 -20.48 11.79 -16.75
CA PHE C 180 -20.68 12.75 -15.66
C PHE C 180 -21.84 12.30 -14.78
N ASN C 181 -21.54 11.61 -13.69
CA ASN C 181 -22.55 11.04 -12.82
C ASN C 181 -22.53 11.74 -11.46
N THR C 182 -23.51 11.37 -10.62
CA THR C 182 -23.61 11.91 -9.28
C THR C 182 -22.50 11.44 -8.37
N ARG C 183 -21.73 10.42 -8.77
CA ARG C 183 -20.65 9.88 -7.96
C ARG C 183 -19.28 10.40 -8.40
N PHE C 184 -19.15 10.85 -9.65
CA PHE C 184 -17.87 11.33 -10.15
C PHE C 184 -17.36 12.51 -9.35
N VAL C 185 -18.27 13.32 -8.80
CA VAL C 185 -17.86 14.48 -8.01
C VAL C 185 -17.09 14.03 -6.77
N MET C 186 -17.55 12.95 -6.14
CA MET C 186 -16.83 12.41 -4.98
C MET C 186 -15.45 11.92 -5.38
N LYS C 187 -15.35 11.26 -6.53
CA LYS C 187 -14.06 10.76 -7.01
C LYS C 187 -13.08 11.91 -7.24
N THR C 188 -13.56 13.00 -7.84
CA THR C 188 -12.70 14.16 -8.04
C THR C 188 -12.31 14.80 -6.71
N LEU C 189 -13.27 14.92 -5.79
CA LEU C 189 -13.02 15.61 -4.53
C LEU C 189 -12.03 14.84 -3.67
N MET C 190 -12.06 13.51 -3.72
CA MET C 190 -11.15 12.72 -2.92
C MET C 190 -9.72 12.84 -3.40
N THR C 191 -9.52 13.55 -4.51
CA THR C 191 -8.19 13.83 -5.04
C THR C 191 -7.80 15.29 -4.94
N ILE C 192 -8.70 16.21 -5.31
CA ILE C 192 -8.35 17.63 -5.25
C ILE C 192 -8.25 18.13 -3.81
N CYS C 193 -9.21 17.74 -2.97
CA CYS C 193 -9.25 18.16 -1.57
C CYS C 193 -9.54 16.95 -0.69
N PRO C 194 -8.54 16.09 -0.48
CA PRO C 194 -8.77 14.86 0.31
C PRO C 194 -8.72 15.06 1.81
N GLY C 195 -8.45 16.25 2.31
CA GLY C 195 -8.30 16.45 3.74
C GLY C 195 -9.37 17.33 4.38
N THR C 196 -10.31 17.83 3.57
CA THR C 196 -11.38 18.69 4.07
C THR C 196 -12.68 17.92 4.29
N VAL C 197 -13.05 17.07 3.34
CA VAL C 197 -14.27 16.28 3.48
C VAL C 197 -14.19 15.36 4.68
N LEU C 198 -13.01 14.76 4.92
CA LEU C 198 -12.84 13.90 6.09
C LEU C 198 -13.09 14.66 7.39
N LEU C 199 -12.52 15.86 7.52
CA LEU C 199 -12.71 16.66 8.72
C LEU C 199 -14.17 17.08 8.90
N VAL C 200 -14.81 17.53 7.82
CA VAL C 200 -16.20 17.97 7.93
C VAL C 200 -17.10 16.81 8.33
N PHE C 201 -16.94 15.65 7.67
CA PHE C 201 -17.74 14.48 7.97
C PHE C 201 -17.50 14.01 9.40
N SER C 202 -16.24 14.00 9.85
CA SER C 202 -15.93 13.58 11.21
C SER C 202 -16.58 14.49 12.25
N ILE C 203 -16.50 15.81 12.08
CA ILE C 203 -17.09 16.70 13.07
C ILE C 203 -18.62 16.57 13.09
N SER C 204 -19.25 16.50 11.91
CA SER C 204 -20.70 16.36 11.86
C SER C 204 -21.16 15.07 12.53
N LEU C 205 -20.50 13.95 12.20
CA LEU C 205 -20.84 12.68 12.82
C LEU C 205 -20.63 12.73 14.32
N TRP C 206 -19.53 13.34 14.77
CA TRP C 206 -19.23 13.43 16.19
C TRP C 206 -20.37 14.11 16.95
N ILE C 207 -20.75 15.30 16.49
CA ILE C 207 -21.78 16.05 17.21
C ILE C 207 -23.13 15.33 17.17
N ILE C 208 -23.55 14.86 15.98
CA ILE C 208 -24.86 14.25 15.87
C ILE C 208 -24.94 12.98 16.71
N ALA C 209 -23.90 12.13 16.64
CA ALA C 209 -23.90 10.89 17.39
C ALA C 209 -23.87 11.14 18.90
N ALA C 210 -23.10 12.11 19.37
CA ALA C 210 -23.09 12.41 20.80
C ALA C 210 -24.47 12.87 21.26
N TRP C 211 -25.12 13.76 20.50
CA TRP C 211 -26.45 14.22 20.91
C TRP C 211 -27.44 13.06 20.94
N THR C 212 -27.42 12.20 19.92
CA THR C 212 -28.35 11.06 19.88
C THR C 212 -28.12 10.10 21.04
N VAL C 213 -26.85 9.83 21.36
CA VAL C 213 -26.56 8.92 22.47
C VAL C 213 -27.06 9.49 23.78
N ARG C 214 -26.83 10.80 24.01
CA ARG C 214 -27.33 11.40 25.24
C ARG C 214 -28.85 11.38 25.30
N ALA C 215 -29.51 11.60 24.15
CA ALA C 215 -30.97 11.58 24.11
C ALA C 215 -31.52 10.19 24.45
N CYS C 216 -30.90 9.13 23.94
CA CYS C 216 -31.28 7.79 24.39
C CYS C 216 -31.03 7.60 25.88
N GLU C 217 -29.85 8.01 26.36
CA GLU C 217 -29.42 7.60 27.69
C GLU C 217 -30.01 8.43 28.82
N ARG C 218 -30.69 9.54 28.52
CA ARG C 218 -31.28 10.33 29.60
C ARG C 218 -32.30 9.53 30.43
N TYR C 219 -32.97 8.55 29.82
CA TYR C 219 -34.13 7.94 30.46
C TYR C 219 -33.76 6.97 31.58
N HIS C 220 -32.68 6.20 31.42
CA HIS C 220 -32.34 5.16 32.38
C HIS C 220 -31.05 5.44 33.13
N ASP C 221 -30.54 6.66 33.09
CA ASP C 221 -29.30 7.02 33.78
C ASP C 221 -29.62 7.95 34.94
N GLN C 222 -29.26 7.53 36.15
CA GLN C 222 -29.52 8.31 37.35
C GLN C 222 -28.24 8.77 38.04
N GLN C 223 -27.07 8.47 37.48
CA GLN C 223 -25.80 8.81 38.10
C GLN C 223 -24.96 9.76 37.24
N ASP C 224 -25.53 10.31 36.17
CA ASP C 224 -24.85 11.28 35.31
C ASP C 224 -23.55 10.72 34.76
N VAL C 225 -23.67 9.63 33.99
CA VAL C 225 -22.50 8.99 33.39
C VAL C 225 -22.60 9.06 31.88
N THR C 226 -23.60 8.42 31.31
CA THR C 226 -23.81 8.40 29.86
C THR C 226 -24.82 9.44 29.41
N SER C 227 -25.41 10.19 30.33
CA SER C 227 -26.34 11.26 30.01
C SER C 227 -25.67 12.63 29.98
N ASN C 228 -24.37 12.69 30.17
CA ASN C 228 -23.62 13.95 30.15
C ASN C 228 -23.06 14.17 28.75
N PHE C 229 -23.20 15.40 28.25
CA PHE C 229 -22.85 15.69 26.86
C PHE C 229 -21.37 15.49 26.60
N LEU C 230 -20.51 15.97 27.50
CA LEU C 230 -19.07 15.77 27.34
C LEU C 230 -18.69 14.29 27.45
N GLY C 231 -19.34 13.56 28.35
CA GLY C 231 -19.12 12.13 28.41
C GLY C 231 -19.51 11.43 27.13
N ALA C 232 -20.63 11.84 26.53
CA ALA C 232 -21.03 11.27 25.24
C ALA C 232 -20.02 11.59 24.15
N MET C 233 -19.50 12.82 24.14
CA MET C 233 -18.47 13.18 23.18
C MET C 233 -17.24 12.30 23.34
N TRP C 234 -16.79 12.10 24.58
CA TRP C 234 -15.61 11.27 24.81
C TRP C 234 -15.85 9.82 24.43
N LEU C 235 -17.03 9.28 24.73
CA LEU C 235 -17.36 7.91 24.36
C LEU C 235 -17.38 7.74 22.84
N ILE C 236 -17.98 8.69 22.12
CA ILE C 236 -18.00 8.61 20.66
C ILE C 236 -16.58 8.68 20.11
N SER C 237 -15.75 9.57 20.65
CA SER C 237 -14.38 9.69 20.16
C SER C 237 -13.58 8.42 20.40
N ILE C 238 -13.71 7.80 21.58
CA ILE C 238 -12.92 6.59 21.85
C ILE C 238 -13.48 5.36 21.14
N THR C 239 -14.77 5.35 20.80
CA THR C 239 -15.28 4.25 19.99
C THR C 239 -14.91 4.41 18.53
N PHE C 240 -14.80 5.65 18.04
CA PHE C 240 -14.38 5.89 16.67
C PHE C 240 -12.98 5.34 16.41
N LEU C 241 -12.07 5.53 17.37
CA LEU C 241 -10.70 5.06 17.25
C LEU C 241 -10.51 3.61 17.67
N SER C 242 -11.57 2.96 18.18
CA SER C 242 -11.54 1.55 18.57
C SER C 242 -10.50 1.28 19.66
N ILE C 243 -10.55 2.06 20.73
CA ILE C 243 -9.69 1.85 21.88
C ILE C 243 -10.40 1.03 22.96
N GLY C 244 -11.67 1.32 23.23
CA GLY C 244 -12.42 0.56 24.20
C GLY C 244 -13.66 1.31 24.64
N TYR C 245 -14.25 0.84 25.74
CA TYR C 245 -15.41 1.48 26.35
C TYR C 245 -15.15 2.03 27.74
N GLY C 246 -14.14 1.54 28.44
CA GLY C 246 -13.95 1.97 29.82
C GLY C 246 -15.13 1.54 30.68
N ASP C 247 -15.68 2.50 31.43
CA ASP C 247 -16.87 2.28 32.22
C ASP C 247 -18.08 3.02 31.64
N MET C 248 -18.11 3.19 30.31
CA MET C 248 -19.13 3.98 29.64
C MET C 248 -19.98 3.13 28.71
N VAL C 249 -20.27 1.90 29.10
CA VAL C 249 -21.14 1.04 28.28
C VAL C 249 -22.59 1.51 28.43
N PRO C 250 -23.32 1.74 27.34
CA PRO C 250 -24.70 2.19 27.46
C PRO C 250 -25.61 1.10 28.02
N ASN C 251 -26.70 1.55 28.65
CA ASN C 251 -27.73 0.65 29.15
C ASN C 251 -28.89 0.49 28.16
N THR C 252 -28.72 0.94 26.93
CA THR C 252 -29.80 0.99 25.95
C THR C 252 -29.27 0.48 24.62
N TYR C 253 -30.18 -0.06 23.80
CA TYR C 253 -29.84 -0.60 22.49
C TYR C 253 -29.58 0.47 21.43
N CYS C 254 -30.30 1.61 21.47
CA CYS C 254 -30.05 2.65 20.48
C CYS C 254 -28.72 3.35 20.69
N GLY C 255 -28.14 3.29 21.88
CA GLY C 255 -26.76 3.70 22.05
C GLY C 255 -25.78 2.70 21.45
N LYS C 256 -26.07 1.40 21.60
CA LYS C 256 -25.22 0.36 21.02
C LYS C 256 -25.21 0.45 19.50
N GLY C 257 -26.35 0.73 18.87
CA GLY C 257 -26.39 0.87 17.42
C GLY C 257 -25.53 2.04 16.95
N VAL C 258 -25.61 3.17 17.64
CA VAL C 258 -24.79 4.33 17.29
C VAL C 258 -23.32 4.00 17.46
N CYS C 259 -22.96 3.28 18.54
CA CYS C 259 -21.57 2.90 18.73
C CYS C 259 -21.06 1.98 17.63
N LEU C 260 -21.88 1.01 17.20
CA LEU C 260 -21.49 0.12 16.12
C LEU C 260 -21.29 0.88 14.82
N LEU C 261 -22.21 1.79 14.50
CA LEU C 261 -22.08 2.60 13.29
C LEU C 261 -20.81 3.45 13.34
N THR C 262 -20.53 4.04 14.50
CA THR C 262 -19.32 4.84 14.66
C THR C 262 -18.06 4.00 14.46
N GLY C 263 -18.06 2.77 14.99
CA GLY C 263 -16.92 1.89 14.76
C GLY C 263 -16.70 1.55 13.31
N ILE C 264 -17.78 1.24 12.58
CA ILE C 264 -17.64 0.93 11.16
C ILE C 264 -17.12 2.13 10.39
N MET C 265 -17.68 3.32 10.65
CA MET C 265 -17.21 4.52 9.98
C MET C 265 -15.75 4.80 10.30
N GLY C 266 -15.35 4.56 11.56
CA GLY C 266 -13.97 4.76 11.93
C GLY C 266 -13.01 3.84 11.21
N ALA C 267 -13.40 2.56 11.05
CA ALA C 267 -12.57 1.63 10.31
C ALA C 267 -12.41 2.07 8.85
N GLY C 268 -13.52 2.47 8.22
CA GLY C 268 -13.43 2.94 6.85
C GLY C 268 -12.55 4.18 6.72
N CYS C 269 -12.71 5.14 7.62
CA CYS C 269 -11.90 6.35 7.58
C CYS C 269 -10.43 6.05 7.83
N THR C 270 -10.12 5.10 8.71
CA THR C 270 -8.73 4.70 8.94
C THR C 270 -8.12 4.11 7.67
N ALA C 271 -8.87 3.26 6.96
CA ALA C 271 -8.36 2.72 5.70
C ALA C 271 -8.10 3.83 4.69
N LEU C 272 -9.03 4.77 4.57
CA LEU C 272 -8.86 5.87 3.63
C LEU C 272 -7.64 6.73 4.00
N VAL C 273 -7.45 6.98 5.30
CA VAL C 273 -6.32 7.77 5.75
C VAL C 273 -5.01 7.06 5.44
N VAL C 274 -4.97 5.74 5.63
CA VAL C 274 -3.76 4.98 5.29
C VAL C 274 -3.45 5.12 3.81
N ALA C 275 -4.47 4.98 2.97
CA ALA C 275 -4.26 5.12 1.53
C ALA C 275 -3.77 6.53 1.17
N VAL C 276 -4.36 7.55 1.79
CA VAL C 276 -3.96 8.93 1.49
C VAL C 276 -2.53 9.18 1.91
N VAL C 277 -2.14 8.70 3.09
CA VAL C 277 -0.76 8.87 3.56
C VAL C 277 0.20 8.18 2.62
N ALA C 278 -0.16 6.98 2.16
CA ALA C 278 0.69 6.29 1.20
C ALA C 278 0.83 7.09 -0.09
N ARG C 279 -0.26 7.69 -0.55
CA ARG C 279 -0.26 8.46 -1.80
C ARG C 279 0.43 9.82 -1.67
N LYS C 280 0.58 10.35 -0.46
CA LYS C 280 1.06 11.72 -0.26
C LYS C 280 2.54 11.81 0.08
N LEU C 281 3.29 10.71 -0.05
CA LEU C 281 4.69 10.70 0.36
C LEU C 281 5.69 10.62 -0.77
N GLU C 282 5.28 10.22 -1.97
CA GLU C 282 6.23 10.13 -3.08
C GLU C 282 6.67 11.52 -3.53
N LEU C 283 7.90 11.61 -4.01
CA LEU C 283 8.52 12.86 -4.43
C LEU C 283 8.30 13.11 -5.91
N THR C 284 8.45 14.37 -6.30
CA THR C 284 8.37 14.76 -7.70
C THR C 284 9.76 14.76 -8.32
N LYS C 285 9.87 15.17 -9.58
CA LYS C 285 11.12 15.04 -10.31
C LYS C 285 12.17 16.06 -9.87
N ALA C 286 11.76 17.31 -9.66
CA ALA C 286 12.70 18.38 -9.37
C ALA C 286 13.43 18.15 -8.04
N GLU C 287 12.67 17.88 -6.99
CA GLU C 287 13.28 17.64 -5.68
C GLU C 287 14.16 16.39 -5.72
N LYS C 288 13.73 15.37 -6.46
CA LYS C 288 14.53 14.16 -6.60
C LYS C 288 15.87 14.46 -7.26
N HIS C 289 15.85 15.25 -8.33
CA HIS C 289 17.09 15.60 -9.02
C HIS C 289 18.02 16.41 -8.11
N VAL C 290 17.45 17.38 -7.38
CA VAL C 290 18.27 18.18 -6.48
C VAL C 290 18.89 17.31 -5.39
N HIS C 291 18.09 16.39 -4.84
CA HIS C 291 18.58 15.48 -3.81
C HIS C 291 19.71 14.61 -4.35
N ASN C 292 19.55 14.08 -5.56
CA ASN C 292 20.59 13.27 -6.17
C ASN C 292 21.87 14.08 -6.37
N PHE C 293 21.74 15.33 -6.82
CA PHE C 293 22.91 16.18 -7.03
C PHE C 293 23.67 16.40 -5.72
N MET C 294 22.94 16.79 -4.67
CA MET C 294 23.60 17.05 -3.38
C MET C 294 24.23 15.78 -2.83
N MET C 295 23.53 14.64 -2.95
CA MET C 295 24.09 13.39 -2.47
C MET C 295 25.36 13.01 -3.22
N ASP C 296 25.36 13.19 -4.54
CA ASP C 296 26.55 12.87 -5.33
C ASP C 296 27.73 13.73 -4.89
N THR C 297 27.49 15.03 -4.68
CA THR C 297 28.58 15.90 -4.23
C THR C 297 29.12 15.46 -2.88
N GLN C 298 28.23 15.18 -1.93
CA GLN C 298 28.66 14.79 -0.60
C GLN C 298 29.43 13.48 -0.63
N LEU C 299 28.95 12.50 -1.41
CA LEU C 299 29.64 11.22 -1.51
C LEU C 299 31.01 11.37 -2.16
N THR C 300 31.14 12.24 -3.16
CA THR C 300 32.45 12.47 -3.76
C THR C 300 33.42 13.05 -2.74
N LYS C 301 32.96 14.04 -1.97
CA LYS C 301 33.82 14.62 -0.93
C LYS C 301 34.23 13.57 0.09
N ARG C 302 33.28 12.75 0.52
CA ARG C 302 33.60 11.71 1.51
C ARG C 302 34.55 10.68 0.94
N VAL C 303 34.42 10.36 -0.34
CA VAL C 303 35.34 9.41 -0.98
C VAL C 303 36.75 9.95 -0.96
N LYS C 304 36.93 11.23 -1.31
CA LYS C 304 38.27 11.81 -1.27
C LYS C 304 38.83 11.80 0.16
N ASN C 305 37.99 12.19 1.13
CA ASN C 305 38.45 12.25 2.52
C ASN C 305 38.87 10.87 3.01
N ALA C 306 38.09 9.84 2.67
CA ALA C 306 38.43 8.48 3.10
C ALA C 306 39.68 7.97 2.39
N ALA C 307 39.84 8.27 1.10
CA ALA C 307 40.99 7.80 0.37
C ALA C 307 42.29 8.43 0.84
N ALA C 308 42.23 9.63 1.42
CA ALA C 308 43.45 10.23 1.96
C ALA C 308 44.05 9.39 3.09
N ASN C 309 43.20 8.87 3.98
CA ASN C 309 43.68 8.22 5.20
C ASN C 309 44.44 6.93 4.89
N VAL C 310 44.07 6.22 3.82
CA VAL C 310 44.77 4.98 3.48
C VAL C 310 46.24 5.27 3.20
N LEU C 311 46.50 6.26 2.35
CA LEU C 311 47.87 6.66 2.04
C LEU C 311 48.57 7.18 3.29
N ARG C 312 47.87 7.96 4.11
CA ARG C 312 48.48 8.49 5.32
C ARG C 312 48.97 7.36 6.23
N GLU C 313 48.11 6.38 6.49
CA GLU C 313 48.49 5.29 7.39
C GLU C 313 49.58 4.42 6.78
N THR C 314 49.53 4.20 5.46
CA THR C 314 50.60 3.44 4.81
C THR C 314 51.95 4.14 5.01
N TRP C 315 51.98 5.46 4.80
CA TRP C 315 53.23 6.20 4.98
C TRP C 315 53.69 6.15 6.43
N LEU C 316 52.77 6.30 7.38
CA LEU C 316 53.15 6.25 8.78
C LEU C 316 53.76 4.89 9.14
N ILE C 317 53.14 3.80 8.67
CA ILE C 317 53.68 2.47 8.95
C ILE C 317 55.06 2.32 8.36
N TYR C 318 55.23 2.71 7.08
CA TYR C 318 56.52 2.54 6.44
C TYR C 318 57.60 3.38 7.09
N LYS C 319 57.26 4.60 7.51
CA LYS C 319 58.25 5.44 8.20
C LYS C 319 58.60 4.87 9.56
N ASN C 320 57.63 4.26 10.24
CA ASN C 320 57.87 3.75 11.58
C ASN C 320 58.48 2.36 11.61
N THR C 321 58.56 1.64 10.49
CA THR C 321 59.11 0.28 10.54
C THR C 321 60.61 0.25 10.26
N LYS C 322 61.03 0.69 9.06
CA LYS C 322 62.43 0.59 8.68
C LYS C 322 63.18 1.91 8.87
N LEU C 323 63.05 2.51 10.06
CA LEU C 323 63.77 3.74 10.37
C LEU C 323 64.12 3.74 11.86
N VAL C 324 64.85 4.78 12.25
CA VAL C 324 65.28 5.08 13.63
C VAL C 324 65.57 3.82 14.45
N LYS C 325 66.33 2.89 13.86
CA LYS C 325 66.76 1.67 14.53
C LYS C 325 65.60 0.90 15.17
N LYS C 326 65.53 0.90 16.50
CA LYS C 326 64.51 0.15 17.21
C LYS C 326 63.14 0.74 16.96
N ILE C 327 62.11 -0.09 17.15
CA ILE C 327 60.73 0.25 16.81
C ILE C 327 59.84 -0.08 18.01
N ASP C 328 58.86 0.78 18.26
CA ASP C 328 57.84 0.54 19.27
C ASP C 328 56.63 -0.10 18.59
N HIS C 329 56.36 -1.36 18.95
CA HIS C 329 55.34 -2.13 18.23
C HIS C 329 53.93 -1.62 18.51
N ALA C 330 53.73 -0.91 19.62
CA ALA C 330 52.40 -0.39 19.94
C ALA C 330 51.92 0.59 18.88
N LYS C 331 52.80 1.52 18.49
CA LYS C 331 52.45 2.46 17.42
C LYS C 331 52.21 1.73 16.11
N VAL C 332 53.00 0.70 15.83
CA VAL C 332 52.84 -0.04 14.58
C VAL C 332 51.48 -0.71 14.53
N ARG C 333 51.08 -1.37 15.61
CA ARG C 333 49.79 -2.08 15.62
C ARG C 333 48.64 -1.09 15.61
N LYS C 334 48.79 0.05 16.29
CA LYS C 334 47.77 1.08 16.23
C LYS C 334 47.58 1.58 14.80
N HIS C 335 48.68 1.82 14.10
CA HIS C 335 48.60 2.29 12.73
C HIS C 335 48.01 1.23 11.81
N GLN C 336 48.31 -0.05 12.06
CA GLN C 336 47.71 -1.11 11.27
C GLN C 336 46.19 -1.16 11.49
N ARG C 337 45.75 -1.00 12.73
CA ARG C 337 44.31 -0.96 13.01
C ARG C 337 43.66 0.20 12.28
N LYS C 338 44.29 1.38 12.32
CA LYS C 338 43.75 2.53 11.60
C LYS C 338 43.73 2.29 10.09
N PHE C 339 44.75 1.61 9.56
CA PHE C 339 44.79 1.29 8.14
C PHE C 339 43.63 0.40 7.74
N LEU C 340 43.36 -0.64 8.52
CA LEU C 340 42.22 -1.52 8.23
C LEU C 340 40.90 -0.77 8.33
N GLN C 341 40.75 0.09 9.34
CA GLN C 341 39.53 0.89 9.46
C GLN C 341 39.33 1.79 8.25
N ALA C 342 40.41 2.44 7.79
CA ALA C 342 40.33 3.31 6.62
C ALA C 342 39.94 2.52 5.37
N ILE C 343 40.52 1.32 5.22
CA ILE C 343 40.19 0.48 4.07
C ILE C 343 38.71 0.14 4.08
N HIS C 344 38.20 -0.29 5.24
CA HIS C 344 36.78 -0.66 5.33
C HIS C 344 35.88 0.53 5.05
N GLN C 345 36.23 1.70 5.59
CA GLN C 345 35.42 2.89 5.36
C GLN C 345 35.39 3.26 3.88
N LEU C 346 36.55 3.21 3.22
CA LEU C 346 36.62 3.53 1.80
C LEU C 346 35.77 2.57 0.98
N ARG C 347 35.86 1.27 1.30
CA ARG C 347 35.07 0.29 0.58
C ARG C 347 33.57 0.55 0.75
N SER C 348 33.15 0.85 1.99
CA SER C 348 31.74 1.09 2.25
C SER C 348 31.24 2.31 1.50
N VAL C 349 32.02 3.39 1.51
CA VAL C 349 31.58 4.62 0.84
C VAL C 349 31.52 4.41 -0.67
N LYS C 350 32.51 3.69 -1.23
CA LYS C 350 32.49 3.41 -2.65
C LYS C 350 31.26 2.59 -3.04
N MET C 351 30.94 1.57 -2.24
CA MET C 351 29.77 0.74 -2.53
C MET C 351 28.49 1.56 -2.47
N GLU C 352 28.37 2.42 -1.44
CA GLU C 352 27.18 3.23 -1.30
C GLU C 352 27.03 4.20 -2.48
N GLN C 353 28.13 4.83 -2.89
CA GLN C 353 28.07 5.78 -4.00
C GLN C 353 27.68 5.07 -5.30
N ARG C 354 28.26 3.89 -5.55
CA ARG C 354 27.92 3.17 -6.78
C ARG C 354 26.46 2.72 -6.77
N LYS C 355 25.97 2.29 -5.60
CA LYS C 355 24.56 1.89 -5.50
C LYS C 355 23.64 3.07 -5.78
N LEU C 356 23.94 4.22 -5.17
CA LEU C 356 23.13 5.41 -5.39
C LEU C 356 23.15 5.83 -6.86
N ASN C 357 24.32 5.78 -7.48
CA ASN C 357 24.44 6.19 -8.88
C ASN C 357 23.63 5.28 -9.79
N ASP C 358 23.77 3.96 -9.63
CA ASP C 358 23.04 3.04 -10.49
C ASP C 358 21.55 3.13 -10.25
N GLN C 359 21.13 3.40 -9.00
CA GLN C 359 19.71 3.60 -8.73
C GLN C 359 19.19 4.86 -9.41
N ALA C 360 19.98 5.93 -9.37
CA ALA C 360 19.54 7.21 -9.93
C ALA C 360 19.65 7.29 -11.44
N ASN C 361 20.39 6.38 -12.06
CA ASN C 361 20.49 6.36 -13.52
C ASN C 361 19.14 6.01 -14.16
N ASP D 1 46.67 -31.23 3.37
CA ASP D 1 45.28 -30.89 3.12
C ASP D 1 45.03 -30.67 1.63
N GLN D 2 45.61 -29.60 1.11
CA GLN D 2 45.49 -29.24 -0.30
C GLN D 2 44.04 -29.14 -0.74
N LEU D 3 43.53 -30.18 -1.41
CA LEU D 3 42.17 -30.15 -1.94
C LEU D 3 41.66 -31.57 -2.00
N THR D 4 40.57 -31.84 -1.28
CA THR D 4 40.04 -33.18 -1.12
C THR D 4 39.10 -33.50 -2.28
N GLU D 5 38.75 -34.79 -2.43
CA GLU D 5 37.99 -35.24 -3.60
C GLU D 5 36.63 -34.56 -3.68
N GLU D 6 35.93 -34.44 -2.56
CA GLU D 6 34.66 -33.73 -2.58
C GLU D 6 34.84 -32.26 -2.90
N GLN D 7 36.01 -31.70 -2.62
CA GLN D 7 36.29 -30.31 -2.99
C GLN D 7 36.62 -30.19 -4.48
N ILE D 8 37.02 -31.27 -5.13
CA ILE D 8 37.33 -31.22 -6.55
C ILE D 8 36.09 -30.84 -7.34
N ALA D 9 34.97 -31.54 -7.10
CA ALA D 9 33.74 -31.27 -7.83
C ALA D 9 33.15 -29.92 -7.47
N GLU D 10 33.46 -29.38 -6.29
CA GLU D 10 32.93 -28.09 -5.89
C GLU D 10 33.40 -26.98 -6.82
N PHE D 11 34.69 -26.98 -7.16
CA PHE D 11 35.21 -25.94 -8.05
C PHE D 11 34.79 -26.18 -9.48
N LYS D 12 34.74 -27.45 -9.91
CA LYS D 12 34.29 -27.75 -11.27
C LYS D 12 32.85 -27.33 -11.48
N GLU D 13 32.01 -27.52 -10.45
CA GLU D 13 30.63 -27.05 -10.54
C GLU D 13 30.58 -25.54 -10.71
N ALA D 14 31.42 -24.81 -9.95
CA ALA D 14 31.56 -23.38 -10.18
C ALA D 14 32.25 -23.09 -11.51
N PHE D 15 33.21 -23.93 -11.90
CA PHE D 15 33.87 -23.77 -13.19
C PHE D 15 32.91 -24.05 -14.35
N SER D 16 31.93 -24.93 -14.14
CA SER D 16 30.96 -25.24 -15.18
C SER D 16 30.05 -24.07 -15.50
N LEU D 17 29.93 -23.09 -14.60
CA LEU D 17 29.10 -21.93 -14.87
C LEU D 17 29.76 -20.99 -15.88
N PHE D 18 31.05 -21.15 -16.14
CA PHE D 18 31.74 -20.40 -17.17
C PHE D 18 32.16 -21.25 -18.37
N ASP D 19 32.15 -22.57 -18.23
CA ASP D 19 32.42 -23.49 -19.33
C ASP D 19 31.07 -24.06 -19.77
N LYS D 20 30.56 -23.56 -20.89
CA LYS D 20 29.19 -23.86 -21.29
C LYS D 20 29.06 -25.26 -21.87
N ASP D 21 29.81 -25.55 -22.95
CA ASP D 21 29.64 -26.80 -23.68
C ASP D 21 30.96 -27.56 -23.78
N GLY D 22 31.66 -27.71 -22.66
CA GLY D 22 32.94 -28.37 -22.68
C GLY D 22 34.01 -27.63 -23.43
N ASP D 23 33.97 -26.30 -23.41
CA ASP D 23 34.98 -25.51 -24.11
C ASP D 23 36.36 -25.73 -23.53
N GLY D 24 36.45 -25.79 -22.19
CA GLY D 24 37.73 -25.86 -21.53
C GLY D 24 38.48 -24.54 -21.48
N THR D 25 37.91 -23.47 -22.02
CA THR D 25 38.54 -22.17 -22.06
C THR D 25 37.50 -21.11 -21.73
N ILE D 26 37.98 -19.96 -21.29
CA ILE D 26 37.12 -18.82 -20.95
C ILE D 26 37.42 -17.72 -21.95
N THR D 27 36.56 -17.58 -22.96
CA THR D 27 36.76 -16.60 -24.01
C THR D 27 35.98 -15.32 -23.71
N THR D 28 36.11 -14.34 -24.60
CA THR D 28 35.42 -13.06 -24.41
C THR D 28 33.92 -13.20 -24.65
N LYS D 29 33.52 -14.02 -25.61
CA LYS D 29 32.10 -14.15 -25.93
C LYS D 29 31.32 -14.74 -24.77
N GLU D 30 31.88 -15.76 -24.10
CA GLU D 30 31.18 -16.36 -22.97
C GLU D 30 31.13 -15.42 -21.77
N LEU D 31 32.18 -14.63 -21.56
CA LEU D 31 32.19 -13.68 -20.45
C LEU D 31 31.12 -12.62 -20.64
N GLY D 32 30.93 -12.14 -21.87
CA GLY D 32 29.89 -11.15 -22.12
C GLY D 32 28.50 -11.72 -21.96
N THR D 33 28.34 -13.03 -22.12
CA THR D 33 27.03 -13.65 -21.98
C THR D 33 26.56 -13.60 -20.53
N VAL D 34 27.41 -14.01 -19.59
CA VAL D 34 27.02 -14.03 -18.19
C VAL D 34 26.89 -12.61 -17.63
N MET D 35 27.66 -11.66 -18.15
CA MET D 35 27.63 -10.30 -17.61
C MET D 35 26.33 -9.59 -17.95
N ARG D 36 25.75 -9.86 -19.12
CA ARG D 36 24.47 -9.24 -19.46
C ARG D 36 23.36 -9.70 -18.52
N SER D 37 23.34 -10.99 -18.18
CA SER D 37 22.35 -11.52 -17.26
C SER D 37 22.56 -11.01 -15.83
N LEU D 38 23.70 -10.41 -15.53
CA LEU D 38 23.98 -9.85 -14.21
C LEU D 38 23.87 -8.32 -14.21
N GLY D 39 23.16 -7.75 -15.17
CA GLY D 39 22.99 -6.31 -15.25
C GLY D 39 24.25 -5.54 -15.52
N GLN D 40 25.09 -6.01 -16.45
CA GLN D 40 26.31 -5.33 -16.82
C GLN D 40 26.49 -5.39 -18.34
N ASN D 41 26.88 -4.27 -18.93
CA ASN D 41 27.20 -4.18 -20.35
C ASN D 41 28.52 -3.44 -20.51
N PRO D 42 29.64 -4.07 -20.14
CA PRO D 42 30.94 -3.41 -20.23
C PRO D 42 31.44 -3.37 -21.68
N THR D 43 32.43 -2.52 -21.90
CA THR D 43 33.03 -2.38 -23.21
C THR D 43 33.96 -3.55 -23.51
N GLU D 44 34.35 -3.66 -24.78
CA GLU D 44 35.23 -4.74 -25.20
C GLU D 44 36.60 -4.64 -24.51
N ALA D 45 37.12 -3.43 -24.37
CA ALA D 45 38.42 -3.25 -23.73
C ALA D 45 38.39 -3.70 -22.28
N GLU D 46 37.28 -3.44 -21.57
CA GLU D 46 37.18 -3.82 -20.17
C GLU D 46 37.30 -5.33 -20.00
N LEU D 47 36.52 -6.09 -20.77
CA LEU D 47 36.61 -7.54 -20.71
C LEU D 47 37.92 -8.04 -21.30
N GLN D 48 38.47 -7.34 -22.29
CA GLN D 48 39.79 -7.70 -22.80
C GLN D 48 40.87 -7.50 -21.76
N ASP D 49 40.81 -6.39 -21.01
CA ASP D 49 41.77 -6.15 -19.95
C ASP D 49 41.55 -7.12 -18.79
N MET D 50 40.29 -7.47 -18.51
CA MET D 50 39.99 -8.37 -17.40
C MET D 50 40.61 -9.74 -17.63
N ILE D 51 40.47 -10.27 -18.84
CA ILE D 51 41.06 -11.57 -19.16
C ILE D 51 42.56 -11.47 -19.40
N ASN D 52 43.07 -10.28 -19.73
CA ASN D 52 44.50 -10.12 -19.97
C ASN D 52 45.30 -10.40 -18.70
N GLU D 53 44.85 -9.90 -17.56
CA GLU D 53 45.58 -10.07 -16.32
C GLU D 53 45.63 -11.53 -15.88
N VAL D 54 44.56 -12.29 -16.13
CA VAL D 54 44.47 -13.68 -15.68
C VAL D 54 44.87 -14.65 -16.79
N ASP D 55 45.55 -14.16 -17.83
CA ASP D 55 46.01 -15.01 -18.93
C ASP D 55 47.49 -15.32 -18.68
N ALA D 56 47.74 -16.22 -17.73
CA ALA D 56 49.11 -16.60 -17.40
C ALA D 56 49.72 -17.48 -18.48
N ASP D 57 48.90 -18.35 -19.10
CA ASP D 57 49.41 -19.25 -20.13
C ASP D 57 49.89 -18.48 -21.35
N GLY D 58 49.16 -17.44 -21.74
CA GLY D 58 49.49 -16.67 -22.92
C GLY D 58 48.74 -17.05 -24.17
N ASN D 59 47.82 -18.01 -24.09
CA ASN D 59 47.04 -18.44 -25.24
C ASN D 59 45.86 -17.53 -25.54
N GLY D 60 45.61 -16.52 -24.71
CA GLY D 60 44.47 -15.64 -24.91
C GLY D 60 43.20 -16.09 -24.24
N THR D 61 43.28 -17.00 -23.27
CA THR D 61 42.10 -17.48 -22.57
C THR D 61 42.50 -17.93 -21.17
N ILE D 62 41.50 -18.09 -20.31
CA ILE D 62 41.72 -18.44 -18.91
C ILE D 62 41.69 -19.96 -18.76
N ASP D 63 42.66 -20.49 -18.04
CA ASP D 63 42.73 -21.92 -17.74
C ASP D 63 42.27 -22.19 -16.31
N PHE D 64 41.98 -23.45 -16.04
CA PHE D 64 41.53 -23.83 -14.70
C PHE D 64 42.58 -23.54 -13.62
N PRO D 65 43.86 -23.89 -13.78
CA PRO D 65 44.83 -23.47 -12.75
C PRO D 65 44.91 -21.96 -12.58
N GLU D 66 44.77 -21.21 -13.67
CA GLU D 66 44.69 -19.75 -13.55
C GLU D 66 43.41 -19.34 -12.82
N PHE D 67 42.30 -20.02 -13.11
CA PHE D 67 41.03 -19.69 -12.46
C PHE D 67 41.10 -19.95 -10.96
N LEU D 68 41.76 -21.04 -10.55
CA LEU D 68 41.86 -21.37 -9.14
C LEU D 68 42.61 -20.29 -8.37
N THR D 69 43.71 -19.80 -8.93
CA THR D 69 44.52 -18.81 -8.22
C THR D 69 43.79 -17.48 -8.07
N MET D 70 43.14 -17.00 -9.13
CA MET D 70 42.47 -15.71 -9.06
C MET D 70 41.29 -15.73 -8.12
N MET D 71 40.52 -16.82 -8.11
CA MET D 71 39.37 -16.90 -7.22
C MET D 71 39.79 -17.11 -5.77
N ALA D 72 40.98 -17.69 -5.55
CA ALA D 72 41.47 -17.86 -4.19
C ALA D 72 41.72 -16.52 -3.52
N ARG D 73 42.23 -15.55 -4.27
CA ARG D 73 42.44 -14.22 -3.72
C ARG D 73 41.11 -13.53 -3.44
N LYS D 74 40.07 -13.84 -4.21
CA LYS D 74 38.76 -13.25 -3.98
C LYS D 74 38.11 -13.79 -2.71
N MET D 75 38.55 -14.94 -2.21
CA MET D 75 38.03 -15.47 -0.95
C MET D 75 38.49 -14.65 0.25
N LYS D 76 39.56 -13.87 0.11
CA LYS D 76 40.06 -13.06 1.21
C LYS D 76 39.10 -11.91 1.50
N ASP D 77 38.95 -11.59 2.78
CA ASP D 77 38.10 -10.48 3.18
C ASP D 77 38.68 -9.13 2.76
N THR D 78 40.00 -9.04 2.60
CA THR D 78 40.64 -7.78 2.22
C THR D 78 41.98 -8.10 1.58
N ASP D 79 42.13 -7.75 0.29
CA ASP D 79 43.42 -7.87 -0.38
C ASP D 79 44.27 -6.67 0.01
N SER D 80 45.31 -6.92 0.81
CA SER D 80 46.06 -5.82 1.41
C SER D 80 46.72 -4.95 0.35
N GLU D 81 47.38 -5.58 -0.62
CA GLU D 81 48.08 -4.82 -1.66
C GLU D 81 47.21 -4.57 -2.88
N GLU D 82 46.00 -4.07 -2.65
CA GLU D 82 45.15 -3.61 -3.74
C GLU D 82 44.44 -2.29 -3.45
N GLU D 83 44.23 -1.92 -2.19
CA GLU D 83 43.49 -0.69 -1.90
C GLU D 83 44.36 0.54 -2.10
N ILE D 84 45.68 0.40 -1.95
CA ILE D 84 46.59 1.52 -2.18
C ILE D 84 46.48 2.00 -3.61
N ARG D 85 46.39 1.06 -4.56
CA ARG D 85 46.21 1.42 -5.96
C ARG D 85 44.89 2.15 -6.16
N GLU D 86 43.82 1.68 -5.51
CA GLU D 86 42.52 2.33 -5.65
C GLU D 86 42.55 3.76 -5.14
N ALA D 87 43.24 3.99 -4.03
CA ALA D 87 43.40 5.36 -3.54
C ALA D 87 44.19 6.21 -4.53
N PHE D 88 45.21 5.62 -5.15
CA PHE D 88 45.97 6.34 -6.17
C PHE D 88 45.10 6.65 -7.38
N ARG D 89 44.28 5.70 -7.82
CA ARG D 89 43.44 5.91 -8.98
C ARG D 89 42.32 6.91 -8.72
N VAL D 90 41.96 7.13 -7.46
CA VAL D 90 41.02 8.20 -7.14
C VAL D 90 41.64 9.55 -7.47
N PHE D 91 42.90 9.75 -7.08
CA PHE D 91 43.64 10.97 -7.41
C PHE D 91 44.43 10.81 -8.70
N ASP D 92 43.74 10.39 -9.77
CA ASP D 92 44.35 10.12 -11.05
C ASP D 92 43.64 10.88 -12.15
N LYS D 93 44.41 11.43 -13.08
CA LYS D 93 43.89 12.19 -14.21
C LYS D 93 44.11 11.42 -15.50
N ASP D 94 43.06 11.35 -16.32
CA ASP D 94 43.03 10.78 -17.68
C ASP D 94 43.85 9.50 -17.82
N GLY D 95 43.87 8.67 -16.78
CA GLY D 95 44.46 7.35 -16.85
C GLY D 95 45.94 7.31 -17.17
N ASN D 96 46.64 8.44 -17.02
CA ASN D 96 48.06 8.47 -17.33
C ASN D 96 48.86 7.68 -16.30
N GLY D 97 48.52 7.83 -15.02
CA GLY D 97 49.22 7.17 -13.95
C GLY D 97 50.35 7.96 -13.33
N TYR D 98 50.85 8.99 -14.03
CA TYR D 98 51.95 9.80 -13.52
C TYR D 98 51.37 10.92 -12.67
N ILE D 99 51.28 10.67 -11.37
CA ILE D 99 50.77 11.68 -10.44
C ILE D 99 51.88 12.67 -10.13
N SER D 100 51.57 13.95 -10.27
CA SER D 100 52.55 14.99 -10.02
C SER D 100 52.99 14.98 -8.55
N ALA D 101 54.30 15.12 -8.33
CA ALA D 101 54.82 15.12 -6.97
C ALA D 101 54.32 16.32 -6.17
N ALA D 102 54.23 17.49 -6.81
CA ALA D 102 53.75 18.68 -6.12
C ALA D 102 52.30 18.54 -5.70
N GLU D 103 51.54 17.67 -6.37
CA GLU D 103 50.14 17.46 -6.01
C GLU D 103 50.00 16.75 -4.67
N LEU D 104 50.93 15.86 -4.33
CA LEU D 104 50.85 15.16 -3.06
C LEU D 104 51.02 16.09 -1.88
N ARG D 105 51.72 17.21 -2.07
CA ARG D 105 51.93 18.15 -0.97
C ARG D 105 50.61 18.73 -0.48
N HIS D 106 49.74 19.12 -1.41
CA HIS D 106 48.49 19.76 -1.02
C HIS D 106 47.54 18.76 -0.34
N VAL D 107 47.41 17.56 -0.91
CA VAL D 107 46.42 16.62 -0.40
C VAL D 107 46.77 16.13 1.00
N MET D 108 48.05 16.12 1.38
CA MET D 108 48.43 15.68 2.72
C MET D 108 48.31 16.78 3.76
N THR D 109 48.23 18.05 3.35
CA THR D 109 48.13 19.14 4.30
C THR D 109 46.73 19.29 4.88
N ASN D 110 45.69 19.02 4.09
CA ASN D 110 44.34 19.25 4.57
C ASN D 110 43.43 18.02 4.47
N LEU D 111 43.55 17.24 3.41
CA LEU D 111 42.68 16.08 3.21
C LEU D 111 43.17 14.95 4.11
N GLY D 112 42.32 14.56 5.07
CA GLY D 112 42.68 13.50 5.99
C GLY D 112 42.94 14.01 7.39
N GLU D 113 44.07 13.62 7.97
CA GLU D 113 44.44 14.03 9.32
C GLU D 113 45.43 15.19 9.33
N LYS D 114 45.69 15.80 8.17
CA LYS D 114 46.47 17.04 8.06
C LYS D 114 47.88 16.86 8.61
N LEU D 115 48.65 16.03 7.91
CA LEU D 115 50.06 15.86 8.24
C LEU D 115 50.81 17.18 8.11
N THR D 116 51.91 17.29 8.86
CA THR D 116 52.68 18.52 8.91
C THR D 116 53.51 18.69 7.63
N ASP D 117 53.93 19.94 7.39
CA ASP D 117 54.70 20.25 6.19
C ASP D 117 56.05 19.54 6.20
N GLU D 118 56.71 19.49 7.36
CA GLU D 118 57.99 18.77 7.43
C GLU D 118 57.81 17.28 7.24
N GLU D 119 56.64 16.74 7.62
CA GLU D 119 56.37 15.32 7.42
C GLU D 119 56.30 14.98 5.93
N VAL D 120 55.51 15.74 5.18
CA VAL D 120 55.41 15.50 3.74
C VAL D 120 56.71 15.91 3.06
N ASP D 121 57.47 16.84 3.66
CA ASP D 121 58.77 17.21 3.09
C ASP D 121 59.71 16.02 3.09
N GLU D 122 59.71 15.23 4.15
CA GLU D 122 60.48 13.98 4.15
C GLU D 122 59.80 12.91 3.31
N MET D 123 58.47 12.95 3.21
CA MET D 123 57.75 12.01 2.37
C MET D 123 58.13 12.17 0.90
N ILE D 124 58.20 13.42 0.43
CA ILE D 124 58.61 13.64 -0.95
C ILE D 124 60.06 13.23 -1.18
N ARG D 125 60.87 13.23 -0.12
CA ARG D 125 62.19 12.62 -0.22
C ARG D 125 62.04 11.12 -0.38
N GLU D 126 62.84 10.55 -1.30
CA GLU D 126 62.82 9.14 -1.67
C GLU D 126 61.56 8.81 -2.47
N ALA D 127 60.63 9.76 -2.55
CA ALA D 127 59.45 9.57 -3.40
C ALA D 127 59.82 9.67 -4.87
N ASP D 128 60.71 10.60 -5.21
CA ASP D 128 61.20 10.73 -6.59
C ASP D 128 62.18 9.60 -6.85
N ILE D 129 61.69 8.53 -7.48
CA ILE D 129 62.53 7.38 -7.76
C ILE D 129 63.63 7.76 -8.75
N ASP D 130 63.39 8.75 -9.60
CA ASP D 130 64.37 9.24 -10.56
C ASP D 130 64.73 10.70 -10.35
N GLY D 131 63.75 11.55 -10.06
CA GLY D 131 64.03 12.96 -9.80
C GLY D 131 63.26 13.90 -10.69
N ASP D 132 62.17 13.43 -11.31
CA ASP D 132 61.34 14.27 -12.15
C ASP D 132 60.10 14.80 -11.44
N GLY D 133 59.42 13.95 -10.66
CA GLY D 133 58.23 14.37 -9.96
C GLY D 133 56.98 13.60 -10.35
N GLN D 134 57.16 12.44 -10.97
CA GLN D 134 56.05 11.60 -11.40
C GLN D 134 56.27 10.18 -10.89
N VAL D 135 55.24 9.63 -10.26
CA VAL D 135 55.27 8.27 -9.72
C VAL D 135 53.97 7.57 -10.09
N ASN D 136 54.07 6.38 -10.68
CA ASN D 136 52.86 5.64 -11.03
C ASN D 136 52.48 4.65 -9.94
N TYR D 137 53.31 3.64 -9.71
CA TYR D 137 53.11 2.76 -8.57
C TYR D 137 54.42 2.27 -7.96
N GLU D 138 55.58 2.80 -8.38
CA GLU D 138 56.85 2.32 -7.83
C GLU D 138 56.95 2.60 -6.34
N GLU D 139 56.29 3.66 -5.87
CA GLU D 139 56.21 3.89 -4.43
C GLU D 139 55.38 2.79 -3.75
N PHE D 140 54.29 2.37 -4.41
CA PHE D 140 53.42 1.36 -3.81
C PHE D 140 54.15 0.03 -3.59
N VAL D 141 54.83 -0.46 -4.64
CA VAL D 141 55.57 -1.71 -4.49
C VAL D 141 56.73 -1.55 -3.53
N GLN D 142 57.30 -0.34 -3.43
CA GLN D 142 58.33 -0.08 -2.44
C GLN D 142 57.75 -0.13 -1.04
N MET D 143 56.49 0.29 -0.87
CA MET D 143 55.85 0.24 0.43
C MET D 143 55.70 -1.20 0.93
N MET D 144 55.31 -2.11 0.04
CA MET D 144 55.05 -3.50 0.40
C MET D 144 56.24 -4.40 0.10
N THR D 145 57.46 -3.86 0.15
CA THR D 145 58.64 -4.68 -0.08
C THR D 145 58.80 -5.76 0.98
N ALA D 146 58.53 -5.42 2.24
CA ALA D 146 58.62 -6.37 3.34
C ALA D 146 57.35 -6.35 4.18
N ILE E 1 28.66 45.34 -4.97
CA ILE E 1 27.79 44.32 -4.40
C ILE E 1 28.31 43.90 -3.03
N GLY E 2 29.47 44.43 -2.64
CA GLY E 2 30.05 44.13 -1.36
C GLY E 2 29.20 44.59 -0.20
N TYR E 3 28.52 45.73 -0.37
CA TYR E 3 27.66 46.25 0.68
C TYR E 3 26.51 45.30 0.98
N LYS E 4 25.85 44.79 -0.06
CA LYS E 4 24.67 43.96 0.15
C LYS E 4 25.04 42.61 0.77
N LEU E 5 26.04 41.93 0.19
CA LEU E 5 26.39 40.60 0.68
C LEU E 5 27.09 40.66 2.03
N GLY E 6 27.93 41.68 2.26
CA GLY E 6 28.60 41.79 3.55
C GLY E 6 27.62 42.10 4.67
N HIS E 7 26.68 43.01 4.42
CA HIS E 7 25.71 43.37 5.44
C HIS E 7 24.74 42.22 5.72
N ARG E 8 24.36 41.48 4.68
CA ARG E 8 23.41 40.38 4.84
C ARG E 8 23.97 39.28 5.75
N ARG E 9 25.29 39.13 5.80
CA ARG E 9 25.88 38.14 6.71
C ARG E 9 25.65 38.51 8.16
N ALA E 10 25.80 39.80 8.49
CA ALA E 10 25.65 40.23 9.88
C ALA E 10 24.24 40.00 10.40
N LEU E 11 23.23 40.31 9.58
CA LEU E 11 21.85 40.11 10.00
C LEU E 11 21.54 38.64 10.25
N PHE E 12 22.04 37.74 9.41
CA PHE E 12 21.82 36.32 9.62
C PHE E 12 22.44 35.85 10.92
N GLU E 13 23.67 36.30 11.22
CA GLU E 13 24.32 35.90 12.46
C GLU E 13 23.58 36.45 13.67
N LYS E 14 23.14 37.70 13.61
CA LYS E 14 22.39 38.29 14.72
C LYS E 14 21.08 37.54 14.94
N ARG E 15 20.39 37.18 13.86
CA ARG E 15 19.13 36.45 13.99
C ARG E 15 19.37 35.06 14.56
N LYS E 16 20.44 34.40 14.12
CA LYS E 16 20.73 33.04 14.60
C LYS E 16 21.12 33.04 16.06
N ARG E 17 21.90 34.04 16.50
CA ARG E 17 22.34 34.07 17.89
C ARG E 17 21.17 34.29 18.84
N LEU E 18 20.20 35.12 18.44
CA LEU E 18 19.09 35.46 19.31
C LEU E 18 18.13 34.30 19.54
N SER E 19 18.25 33.20 18.80
CA SER E 19 17.35 32.07 18.94
C SER E 19 17.84 31.03 19.94
N ASP E 20 19.06 31.17 20.46
CA ASP E 20 19.59 30.24 21.45
C ASP E 20 19.34 30.69 22.87
N TYR E 21 19.53 31.98 23.16
CA TYR E 21 19.22 32.51 24.48
C TYR E 21 17.73 32.36 24.79
N ALA E 22 16.88 32.55 23.77
CA ALA E 22 15.45 32.35 23.96
C ALA E 22 15.15 30.91 24.36
N LEU E 23 15.79 29.94 23.70
CA LEU E 23 15.60 28.54 24.06
C LEU E 23 16.10 28.25 25.48
N ILE E 24 17.24 28.81 25.86
CA ILE E 24 17.77 28.57 27.20
C ILE E 24 16.82 29.12 28.26
N PHE E 25 16.35 30.36 28.07
CA PHE E 25 15.43 30.96 29.02
C PHE E 25 14.03 30.35 28.97
N GLY E 26 13.68 29.65 27.89
CA GLY E 26 12.42 28.93 27.84
C GLY E 26 12.48 27.59 28.55
N MET E 27 13.61 26.91 28.45
CA MET E 27 13.78 25.64 29.15
C MET E 27 14.05 25.81 30.64
N PHE E 28 14.71 26.91 31.03
CA PHE E 28 14.97 27.16 32.44
C PHE E 28 13.68 27.25 33.23
N GLY E 29 12.69 27.98 32.70
CA GLY E 29 11.42 28.12 33.40
C GLY E 29 10.68 26.80 33.53
N ILE E 30 10.72 25.97 32.49
CA ILE E 30 10.06 24.67 32.54
C ILE E 30 10.70 23.80 33.61
N VAL E 31 12.04 23.78 33.66
CA VAL E 31 12.73 22.96 34.65
C VAL E 31 12.39 23.43 36.07
N VAL E 32 12.43 24.75 36.28
CA VAL E 32 12.13 25.28 37.61
C VAL E 32 10.69 24.99 37.99
N MET E 33 9.76 25.08 37.04
CA MET E 33 8.36 24.76 37.33
C MET E 33 8.20 23.30 37.73
N VAL E 34 8.87 22.39 37.02
CA VAL E 34 8.75 20.98 37.37
C VAL E 34 9.30 20.72 38.77
N ILE E 35 10.46 21.29 39.11
CA ILE E 35 11.03 21.09 40.44
C ILE E 35 10.11 21.66 41.51
N GLU E 36 9.59 22.88 41.29
CA GLU E 36 8.73 23.51 42.29
C GLU E 36 7.43 22.73 42.47
N THR E 37 6.84 22.26 41.38
CA THR E 37 5.61 21.47 41.47
C THR E 37 5.85 20.17 42.22
N GLU E 38 6.98 19.51 41.96
CA GLU E 38 7.28 18.27 42.67
C GLU E 38 7.52 18.52 44.16
N LEU E 39 8.23 19.60 44.50
CA LEU E 39 8.59 19.86 45.89
C LEU E 39 7.48 20.53 46.70
N SER E 40 6.46 21.09 46.05
CA SER E 40 5.40 21.76 46.79
C SER E 40 4.33 20.80 47.30
N TRP E 41 4.43 19.52 46.97
CA TRP E 41 3.43 18.53 47.38
C TRP E 41 3.66 18.02 48.80
N GLY E 42 4.88 17.59 49.12
CA GLY E 42 5.13 17.04 50.44
C GLY E 42 6.24 17.70 51.23
N ALA E 43 7.20 18.34 50.54
CA ALA E 43 8.36 18.91 51.24
C ALA E 43 7.98 20.17 52.01
N TYR E 44 7.50 21.18 51.30
CA TYR E 44 7.02 22.40 51.96
C TYR E 44 5.62 22.74 51.46
N ASP E 45 5.11 23.90 51.85
CA ASP E 45 3.77 24.33 51.48
C ASP E 45 3.85 25.66 50.73
N LYS E 46 2.69 26.08 50.21
CA LYS E 46 2.61 27.29 49.40
C LYS E 46 2.71 28.57 50.23
N ALA E 47 2.70 28.46 51.56
CA ALA E 47 2.79 29.62 52.44
C ALA E 47 4.16 29.76 53.07
N SER E 48 5.20 29.21 52.43
CA SER E 48 6.55 29.25 52.92
C SER E 48 7.37 30.25 52.12
N LEU E 49 8.65 30.39 52.50
CA LEU E 49 9.57 31.27 51.79
C LEU E 49 10.23 30.58 50.60
N TYR E 50 10.40 29.26 50.67
CA TYR E 50 10.99 28.52 49.55
C TYR E 50 10.13 28.66 48.30
N SER E 51 8.81 28.56 48.45
CA SER E 51 7.92 28.65 47.29
C SER E 51 8.01 30.03 46.65
N LEU E 52 7.96 31.09 47.45
CA LEU E 52 8.05 32.44 46.91
C LEU E 52 9.41 32.67 46.24
N ALA E 53 10.49 32.24 46.90
CA ALA E 53 11.82 32.44 46.34
C ALA E 53 11.99 31.70 45.03
N LEU E 54 11.47 30.48 44.94
CA LEU E 54 11.67 29.67 43.74
C LEU E 54 10.72 30.08 42.61
N LYS E 55 9.57 30.68 42.94
CA LYS E 55 8.67 31.17 41.91
C LYS E 55 9.00 32.58 41.46
N CYS E 56 9.80 33.33 42.22
CA CYS E 56 10.23 34.64 41.77
C CYS E 56 11.30 34.56 40.68
N LEU E 57 11.86 33.38 40.43
CA LEU E 57 12.87 33.19 39.40
C LEU E 57 12.26 32.85 38.04
N ILE E 58 10.94 32.78 37.93
CA ILE E 58 10.29 32.44 36.68
C ILE E 58 9.84 33.71 35.96
N SER E 59 9.40 34.71 36.74
CA SER E 59 8.96 35.96 36.15
C SER E 59 10.11 36.70 35.46
N LEU E 60 11.29 36.72 36.07
CA LEU E 60 12.45 37.37 35.46
C LEU E 60 12.81 36.69 34.14
N SER E 61 12.83 35.36 34.13
CA SER E 61 13.11 34.63 32.91
C SER E 61 12.06 34.90 31.84
N THR E 62 10.79 35.00 32.23
CA THR E 62 9.73 35.30 31.27
C THR E 62 9.92 36.70 30.66
N ILE E 63 10.29 37.68 31.49
CA ILE E 63 10.52 39.03 30.99
C ILE E 63 11.69 39.04 30.01
N ILE E 64 12.78 38.35 30.35
CA ILE E 64 13.93 38.28 29.45
C ILE E 64 13.53 37.60 28.14
N LEU E 65 12.72 36.55 28.23
CA LEU E 65 12.27 35.85 27.02
C LEU E 65 11.44 36.77 26.13
N LEU E 66 10.53 37.55 26.73
CA LEU E 66 9.73 38.49 25.95
C LEU E 66 10.61 39.52 25.26
N GLY E 67 11.59 40.07 25.98
CA GLY E 67 12.49 41.03 25.38
C GLY E 67 13.27 40.44 24.21
N LEU E 68 13.76 39.20 24.38
CA LEU E 68 14.48 38.54 23.31
C LEU E 68 13.59 38.29 22.10
N ILE E 69 12.33 37.90 22.32
CA ILE E 69 11.41 37.69 21.21
C ILE E 69 11.18 38.99 20.45
N ILE E 70 10.98 40.10 21.17
CA ILE E 70 10.77 41.38 20.51
C ILE E 70 11.99 41.79 19.70
N VAL E 71 13.19 41.62 20.25
CA VAL E 71 14.40 41.96 19.52
C VAL E 71 14.55 41.09 18.26
N TYR E 72 14.23 39.80 18.39
CA TYR E 72 14.31 38.90 17.24
C TYR E 72 13.37 39.36 16.13
N HIS E 73 12.13 39.74 16.49
CA HIS E 73 11.20 40.20 15.47
C HIS E 73 11.65 41.51 14.84
N ALA E 74 12.24 42.41 15.63
CA ALA E 74 12.77 43.64 15.06
C ALA E 74 13.88 43.37 14.06
N ARG E 75 14.78 42.44 14.39
CA ARG E 75 15.85 42.11 13.45
C ARG E 75 15.31 41.43 12.20
N GLU E 76 14.25 40.61 12.34
CA GLU E 76 13.63 40.03 11.16
C GLU E 76 13.00 41.10 10.28
N ILE E 77 12.40 42.12 10.89
CA ILE E 77 11.86 43.25 10.12
C ILE E 77 12.98 43.96 9.36
N GLN E 78 14.12 44.17 10.03
CA GLN E 78 15.26 44.80 9.37
C GLN E 78 15.74 43.97 8.19
N LEU E 79 15.82 42.65 8.37
CA LEU E 79 16.23 41.78 7.28
C LEU E 79 15.24 41.84 6.11
N PHE E 80 13.94 41.87 6.40
CA PHE E 80 12.96 41.96 5.33
C PHE E 80 13.08 43.27 4.58
N MET E 81 13.31 44.38 5.30
CA MET E 81 13.51 45.67 4.63
C MET E 81 14.76 45.65 3.76
N VAL E 82 15.83 45.03 4.25
CA VAL E 82 17.06 44.96 3.46
C VAL E 82 16.86 44.14 2.20
N ASP E 83 16.21 42.99 2.32
CA ASP E 83 16.06 42.06 1.20
C ASP E 83 15.24 42.67 0.06
N ASN E 84 13.97 42.96 0.32
CA ASN E 84 13.12 43.55 -0.69
C ASN E 84 13.25 45.07 -0.67
N GLY E 85 13.25 45.68 -1.86
CA GLY E 85 13.43 47.12 -1.96
C GLY E 85 12.36 47.91 -1.24
N ALA E 86 12.72 48.52 -0.12
CA ALA E 86 11.80 49.34 0.66
C ALA E 86 12.61 50.21 1.60
N ASP E 87 12.02 51.33 2.00
CA ASP E 87 12.65 52.28 2.91
C ASP E 87 11.66 52.77 3.96
N ASP E 88 10.83 51.87 4.47
CA ASP E 88 9.88 52.23 5.51
C ASP E 88 9.47 50.95 6.24
N TRP E 89 9.56 50.97 7.58
CA TRP E 89 9.21 49.80 8.37
C TRP E 89 7.71 49.53 8.36
N ARG E 90 6.88 50.51 8.04
CA ARG E 90 5.44 50.34 8.12
C ARG E 90 4.89 49.46 7.00
N ILE E 91 5.69 49.22 5.95
CA ILE E 91 5.19 48.43 4.83
C ILE E 91 5.02 46.96 5.19
N ALA E 92 5.74 46.46 6.18
CA ALA E 92 5.72 45.03 6.49
C ALA E 92 4.47 44.61 7.25
N MET E 93 3.76 45.52 7.90
CA MET E 93 2.60 45.18 8.71
C MET E 93 1.44 44.84 7.79
N THR E 94 1.09 43.55 7.71
CA THR E 94 0.10 43.06 6.76
C THR E 94 -1.01 42.27 7.44
N TYR E 95 -1.36 42.61 8.68
CA TYR E 95 -2.48 42.01 9.40
C TYR E 95 -2.27 40.52 9.69
N GLU E 96 -1.15 39.98 9.25
CA GLU E 96 -0.80 38.59 9.54
C GLU E 96 0.51 38.51 10.31
N ARG E 97 1.46 39.35 9.95
CA ARG E 97 2.70 39.46 10.72
C ARG E 97 2.43 39.96 12.13
N ILE E 98 1.42 40.82 12.28
CA ILE E 98 1.07 41.34 13.61
C ILE E 98 0.43 40.25 14.45
N PHE E 99 -0.43 39.42 13.85
CA PHE E 99 -1.18 38.44 14.62
C PHE E 99 -0.25 37.39 15.25
N PHE E 100 0.75 36.94 14.51
CA PHE E 100 1.63 35.89 15.02
C PHE E 100 2.51 36.40 16.16
N ILE E 101 2.90 37.67 16.12
CA ILE E 101 3.65 38.25 17.23
C ILE E 101 2.81 38.23 18.51
N CYS E 102 1.54 38.62 18.41
CA CYS E 102 0.67 38.57 19.58
C CYS E 102 0.44 37.15 20.05
N LEU E 103 0.30 36.20 19.12
CA LEU E 103 0.14 34.80 19.50
C LEU E 103 1.36 34.30 20.27
N GLU E 104 2.55 34.63 19.78
CA GLU E 104 3.78 34.23 20.48
C GLU E 104 3.85 34.86 21.86
N ILE E 105 3.50 36.14 21.98
CA ILE E 105 3.55 36.82 23.27
C ILE E 105 2.59 36.15 24.26
N LEU E 106 1.37 35.88 23.82
CA LEU E 106 0.40 35.23 24.70
C LEU E 106 0.83 33.83 25.09
N VAL E 107 1.42 33.08 24.16
CA VAL E 107 1.86 31.73 24.47
C VAL E 107 2.99 31.76 25.50
N CYS E 108 3.96 32.66 25.32
CA CYS E 108 5.13 32.67 26.17
C CYS E 108 4.98 33.54 27.42
N ALA E 109 3.82 34.18 27.62
CA ALA E 109 3.62 35.06 28.75
C ALA E 109 2.98 34.39 29.96
N ILE E 110 2.64 33.10 29.86
CA ILE E 110 1.91 32.42 30.93
C ILE E 110 2.91 31.72 31.85
N HIS E 111 2.75 31.95 33.16
CA HIS E 111 3.60 31.34 34.17
C HIS E 111 2.91 31.47 35.52
N PRO E 112 3.26 30.62 36.50
CA PRO E 112 2.68 30.75 37.83
C PRO E 112 3.25 31.94 38.60
N ILE E 113 2.41 32.94 38.84
CA ILE E 113 2.83 34.16 39.54
C ILE E 113 2.94 33.89 41.03
N PRO E 114 3.72 34.65 41.78
CA PRO E 114 3.78 34.47 43.23
C PRO E 114 2.46 34.82 43.90
N GLY E 115 2.24 34.20 45.05
CA GLY E 115 1.04 34.40 45.85
C GLY E 115 0.53 33.09 46.38
N ASN E 116 -0.70 33.12 46.89
CA ASN E 116 -1.35 31.93 47.44
C ASN E 116 -2.86 32.04 47.18
N TYR E 117 -3.30 31.45 46.08
CA TYR E 117 -4.70 31.49 45.68
C TYR E 117 -5.24 30.08 45.56
N THR E 118 -6.56 29.94 45.73
CA THR E 118 -7.18 28.62 45.77
C THR E 118 -8.51 28.66 45.03
N PHE E 119 -9.00 27.48 44.68
CA PHE E 119 -10.32 27.32 44.09
C PHE E 119 -10.83 25.92 44.43
N THR E 120 -12.09 25.66 44.06
CA THR E 120 -12.77 24.41 44.40
C THR E 120 -12.92 23.54 43.16
N TRP E 121 -12.64 22.25 43.32
CA TRP E 121 -12.61 21.30 42.22
C TRP E 121 -13.47 20.08 42.57
N THR E 122 -14.32 19.66 41.63
CA THR E 122 -15.22 18.54 41.83
C THR E 122 -15.14 17.61 40.63
N ALA E 123 -15.15 16.29 40.90
CA ALA E 123 -15.04 15.29 39.85
C ALA E 123 -15.84 14.05 40.23
N ARG E 124 -16.15 13.24 39.22
CA ARG E 124 -16.84 11.97 39.41
C ARG E 124 -15.86 10.83 39.23
N LEU E 125 -15.81 9.92 40.22
CA LEU E 125 -14.84 8.83 40.21
C LEU E 125 -15.24 7.73 39.24
N ALA E 126 -14.23 7.01 38.75
CA ALA E 126 -14.44 5.96 37.77
C ALA E 126 -14.85 4.65 38.44
N PHE E 127 -15.74 3.92 37.78
CA PHE E 127 -16.17 2.57 38.15
C PHE E 127 -17.05 2.57 39.40
N SER E 128 -17.21 3.73 40.04
CA SER E 128 -18.04 3.84 41.23
C SER E 128 -19.01 5.01 41.17
N TYR E 129 -18.76 6.00 40.33
CA TYR E 129 -19.68 7.12 40.09
C TYR E 129 -19.95 7.90 41.38
N ALA E 130 -18.91 8.05 42.21
CA ALA E 130 -19.03 8.77 43.47
C ALA E 130 -18.45 10.17 43.35
N PRO E 131 -19.15 11.19 43.84
CA PRO E 131 -18.62 12.56 43.77
C PRO E 131 -17.41 12.74 44.68
N SER E 132 -16.51 13.63 44.26
CA SER E 132 -15.31 13.95 45.03
C SER E 132 -15.07 15.45 44.91
N THR E 133 -14.78 16.09 46.04
CA THR E 133 -14.57 17.54 46.09
C THR E 133 -13.34 17.85 46.92
N THR E 134 -12.42 18.61 46.35
CA THR E 134 -11.21 19.06 47.05
C THR E 134 -11.00 20.54 46.76
N THR E 135 -10.11 21.15 47.55
CA THR E 135 -9.66 22.51 47.31
C THR E 135 -8.24 22.48 46.79
N ALA E 136 -8.01 23.17 45.67
CA ALA E 136 -6.72 23.16 44.98
C ALA E 136 -6.19 24.58 44.86
N ASP E 137 -5.07 24.71 44.17
CA ASP E 137 -4.44 26.01 43.93
C ASP E 137 -4.49 26.33 42.44
N VAL E 138 -4.41 27.63 42.13
CA VAL E 138 -4.48 28.07 40.74
C VAL E 138 -3.17 27.87 39.99
N ASP E 139 -2.11 27.45 40.68
CA ASP E 139 -0.82 27.26 40.02
C ASP E 139 -0.82 26.06 39.08
N ILE E 140 -1.68 25.07 39.32
CA ILE E 140 -1.74 23.92 38.43
C ILE E 140 -2.30 24.33 37.07
N ILE E 141 -3.24 25.28 37.05
CA ILE E 141 -3.78 25.79 35.79
C ILE E 141 -2.74 26.57 35.00
N LEU E 142 -1.85 27.30 35.67
CA LEU E 142 -0.92 28.21 35.01
C LEU E 142 0.42 27.57 34.65
N SER E 143 0.63 26.30 35.00
CA SER E 143 1.92 25.65 34.79
C SER E 143 1.91 24.70 33.59
N ILE E 144 0.84 23.92 33.43
CA ILE E 144 0.77 22.98 32.31
C ILE E 144 0.88 23.66 30.96
N PRO E 145 0.21 24.81 30.70
CA PRO E 145 0.32 25.43 29.37
C PRO E 145 1.74 25.84 28.97
N MET E 146 2.67 25.91 29.92
CA MET E 146 4.04 26.31 29.57
C MET E 146 4.76 25.30 28.70
N PHE E 147 4.21 24.09 28.55
CA PHE E 147 4.80 23.12 27.63
C PHE E 147 4.63 23.53 26.17
N LEU E 148 3.81 24.55 25.89
CA LEU E 148 3.68 25.07 24.54
C LEU E 148 4.93 25.80 24.06
N ARG E 149 5.85 26.11 24.97
CA ARG E 149 7.10 26.79 24.64
C ARG E 149 8.06 25.94 23.84
N LEU E 150 7.69 24.73 23.43
CA LEU E 150 8.60 23.82 22.75
C LEU E 150 8.71 24.10 21.26
N TYR E 151 7.96 25.07 20.74
CA TYR E 151 8.07 25.41 19.32
C TYR E 151 9.41 26.07 19.00
N LEU E 152 10.13 26.58 20.00
CA LEU E 152 11.42 27.20 19.76
C LEU E 152 12.47 26.20 19.30
N ILE E 153 12.35 24.93 19.70
CA ILE E 153 13.32 23.92 19.31
C ILE E 153 13.30 23.73 17.80
N ALA E 154 12.11 23.75 17.19
CA ALA E 154 12.02 23.62 15.74
C ALA E 154 12.74 24.78 15.04
N ARG E 155 12.54 26.00 15.54
CA ARG E 155 13.21 27.15 14.95
C ARG E 155 14.73 27.05 15.07
N VAL E 156 15.21 26.64 16.25
CA VAL E 156 16.65 26.49 16.45
C VAL E 156 17.21 25.43 15.52
N MET E 157 16.50 24.31 15.39
CA MET E 157 16.97 23.24 14.51
C MET E 157 16.98 23.67 13.06
N LEU E 158 15.97 24.44 12.64
CA LEU E 158 15.90 24.88 11.25
C LEU E 158 17.02 25.87 10.93
N LEU E 159 17.26 26.83 11.82
CA LEU E 159 18.26 27.86 11.54
C LEU E 159 19.67 27.30 11.49
N HIS E 160 19.90 26.10 12.02
CA HIS E 160 21.21 25.47 12.02
C HIS E 160 21.40 24.48 10.87
N SER E 161 20.42 24.37 9.98
CA SER E 161 20.50 23.40 8.89
C SER E 161 21.48 23.86 7.83
N LYS E 162 22.39 22.97 7.42
CA LYS E 162 23.34 23.29 6.38
C LYS E 162 22.65 23.47 5.03
N LEU E 163 21.65 22.63 4.73
CA LEU E 163 20.94 22.74 3.46
C LEU E 163 20.04 23.97 3.39
N PHE E 164 20.02 24.80 4.42
CA PHE E 164 19.27 26.05 4.41
C PHE E 164 20.13 27.28 4.22
N THR E 165 21.41 27.22 4.57
CA THR E 165 22.31 28.37 4.51
C THR E 165 23.50 28.11 3.58
N ASP E 166 23.34 27.20 2.63
CA ASP E 166 24.41 26.85 1.70
C ASP E 166 24.26 27.66 0.42
N ALA E 167 25.34 28.34 0.03
CA ALA E 167 25.31 29.16 -1.18
C ALA E 167 25.37 28.32 -2.46
N SER E 168 25.96 27.12 -2.38
CA SER E 168 26.07 26.28 -3.57
C SER E 168 24.71 25.79 -4.04
N SER E 169 23.82 25.44 -3.11
CA SER E 169 22.54 24.85 -3.47
C SER E 169 21.61 25.88 -4.12
N ARG E 170 21.93 27.16 -3.99
CA ARG E 170 21.07 28.20 -4.57
C ARG E 170 21.01 28.10 -6.08
N SER E 171 22.14 27.77 -6.72
CA SER E 171 22.15 27.63 -8.17
C SER E 171 21.23 26.52 -8.63
N ILE E 172 21.27 25.37 -7.96
CA ILE E 172 20.40 24.26 -8.34
C ILE E 172 18.95 24.60 -8.03
N GLY E 173 18.70 25.29 -6.92
CA GLY E 173 17.35 25.72 -6.62
C GLY E 173 16.79 26.65 -7.67
N ALA E 174 17.61 27.56 -8.18
CA ALA E 174 17.19 28.43 -9.28
C ALA E 174 16.95 27.62 -10.55
N LEU E 175 17.83 26.67 -10.85
CA LEU E 175 17.71 25.90 -12.07
C LEU E 175 16.48 25.00 -12.06
N ASN E 176 16.04 24.56 -10.88
CA ASN E 176 14.88 23.67 -10.77
C ASN E 176 13.66 24.35 -10.17
N LYS E 177 13.77 25.59 -9.69
CA LYS E 177 12.65 26.33 -9.13
C LYS E 177 11.99 25.57 -7.98
N ILE E 178 12.80 24.91 -7.17
CA ILE E 178 12.32 24.15 -6.03
C ILE E 178 12.18 25.10 -4.84
N ASN E 179 11.14 24.90 -4.04
CA ASN E 179 10.83 25.79 -2.92
C ASN E 179 11.59 25.36 -1.67
N PHE E 180 12.54 26.20 -1.24
CA PHE E 180 13.28 25.95 -0.01
C PHE E 180 12.51 26.59 1.15
N ASN E 181 11.41 25.96 1.50
CA ASN E 181 10.53 26.45 2.54
C ASN E 181 10.77 25.68 3.84
N THR E 182 9.94 25.93 4.85
CA THR E 182 10.09 25.34 6.16
C THR E 182 9.52 23.93 6.24
N ARG E 183 8.90 23.42 5.18
CA ARG E 183 8.30 22.10 5.17
C ARG E 183 9.13 21.07 4.42
N PHE E 184 10.00 21.51 3.51
CA PHE E 184 10.80 20.59 2.72
C PHE E 184 11.75 19.77 3.59
N VAL E 185 12.17 20.33 4.72
CA VAL E 185 13.12 19.65 5.60
C VAL E 185 12.49 18.36 6.14
N MET E 186 11.22 18.43 6.53
CA MET E 186 10.53 17.23 7.01
C MET E 186 10.41 16.19 5.91
N LYS E 187 10.13 16.62 4.68
CA LYS E 187 10.02 15.69 3.57
C LYS E 187 11.35 14.98 3.33
N THR E 188 12.46 15.71 3.38
CA THR E 188 13.77 15.08 3.22
C THR E 188 14.06 14.14 4.37
N LEU E 189 13.75 14.55 5.60
CA LEU E 189 14.09 13.75 6.78
C LEU E 189 13.32 12.45 6.81
N MET E 190 12.05 12.47 6.38
CA MET E 190 11.23 11.27 6.42
C MET E 190 11.71 10.25 5.40
N THR E 191 12.72 10.60 4.62
CA THR E 191 13.33 9.68 3.66
C THR E 191 14.76 9.31 4.01
N ILE E 192 15.60 10.29 4.39
CA ILE E 192 16.98 9.98 4.73
C ILE E 192 17.06 9.23 6.05
N CYS E 193 16.32 9.67 7.07
CA CYS E 193 16.32 9.05 8.39
C CYS E 193 14.89 8.86 8.86
N PRO E 194 14.17 7.88 8.31
CA PRO E 194 12.76 7.69 8.69
C PRO E 194 12.54 6.96 9.99
N GLY E 195 13.59 6.47 10.66
CA GLY E 195 13.42 5.68 11.86
C GLY E 195 13.94 6.31 13.13
N THR E 196 14.48 7.52 13.03
CA THR E 196 15.01 8.23 14.19
C THR E 196 14.04 9.28 14.73
N VAL E 197 13.41 10.05 13.84
CA VAL E 197 12.44 11.05 14.27
C VAL E 197 11.26 10.39 14.97
N LEU E 198 10.80 9.23 14.46
CA LEU E 198 9.71 8.53 15.10
C LEU E 198 10.06 8.13 16.53
N LEU E 199 11.25 7.57 16.74
CA LEU E 199 11.68 7.17 18.07
C LEU E 199 11.80 8.37 19.01
N VAL E 200 12.42 9.46 18.54
CA VAL E 200 12.60 10.64 19.39
C VAL E 200 11.25 11.22 19.79
N PHE E 201 10.36 11.38 18.81
CA PHE E 201 9.03 11.93 19.07
C PHE E 201 8.24 11.04 20.02
N SER E 202 8.32 9.71 19.83
CA SER E 202 7.60 8.79 20.70
C SER E 202 8.09 8.88 22.14
N ILE E 203 9.41 8.90 22.36
CA ILE E 203 9.90 8.97 23.73
C ILE E 203 9.55 10.29 24.39
N SER E 204 9.70 11.41 23.66
CA SER E 204 9.36 12.70 24.25
C SER E 204 7.89 12.77 24.62
N LEU E 205 7.00 12.34 23.71
CA LEU E 205 5.58 12.34 24.00
C LEU E 205 5.27 11.44 25.19
N TRP E 206 5.89 10.27 25.24
CA TRP E 206 5.65 9.32 26.33
C TRP E 206 5.94 9.98 27.68
N ILE E 207 7.14 10.54 27.84
CA ILE E 207 7.50 11.11 29.13
C ILE E 207 6.63 12.31 29.48
N ILE E 208 6.42 13.23 28.53
CA ILE E 208 5.67 14.44 28.86
C ILE E 208 4.22 14.10 29.22
N ALA E 209 3.60 13.21 28.43
CA ALA E 209 2.21 12.85 28.69
C ALA E 209 2.05 12.11 30.02
N ALA E 210 2.98 11.20 30.34
CA ALA E 210 2.89 10.53 31.64
C ALA E 210 3.00 11.51 32.79
N TRP E 211 3.95 12.46 32.71
CA TRP E 211 4.09 13.43 33.80
C TRP E 211 2.83 14.29 33.93
N THR E 212 2.28 14.75 32.80
CA THR E 212 1.08 15.59 32.86
C THR E 212 -0.10 14.84 33.45
N VAL E 213 -0.29 13.58 33.04
CA VAL E 213 -1.39 12.78 33.56
C VAL E 213 -1.27 12.61 35.06
N ARG E 214 -0.06 12.27 35.53
CA ARG E 214 0.11 12.12 36.98
C ARG E 214 -0.11 13.44 37.71
N ALA E 215 0.34 14.55 37.12
CA ALA E 215 0.18 15.86 37.77
C ALA E 215 -1.29 16.21 37.95
N CYS E 216 -2.13 15.99 36.93
CA CYS E 216 -3.55 16.22 37.15
C CYS E 216 -4.22 15.16 38.04
N GLU E 217 -3.77 13.91 37.99
CA GLU E 217 -4.46 12.86 38.74
C GLU E 217 -4.07 12.81 40.21
N ARG E 218 -3.04 13.55 40.63
CA ARG E 218 -2.65 13.52 42.04
C ARG E 218 -3.76 14.01 42.96
N TYR E 219 -4.66 14.88 42.49
CA TYR E 219 -5.57 15.58 43.37
C TYR E 219 -6.73 14.72 43.85
N HIS E 220 -7.26 13.84 43.00
CA HIS E 220 -8.46 13.07 43.34
C HIS E 220 -8.19 11.57 43.47
N ASP E 221 -6.93 11.16 43.57
CA ASP E 221 -6.57 9.76 43.70
C ASP E 221 -6.05 9.50 45.10
N GLN E 222 -6.70 8.58 45.82
CA GLN E 222 -6.31 8.25 47.19
C GLN E 222 -5.86 6.80 47.33
N GLN E 223 -5.82 6.04 46.24
CA GLN E 223 -5.47 4.62 46.28
C GLN E 223 -4.21 4.30 45.48
N ASP E 224 -3.49 5.32 45.00
CA ASP E 224 -2.24 5.14 44.27
C ASP E 224 -2.44 4.25 43.05
N VAL E 225 -3.28 4.72 42.12
CA VAL E 225 -3.57 3.97 40.91
C VAL E 225 -3.12 4.77 39.70
N THR E 226 -3.74 5.92 39.48
CA THR E 226 -3.40 6.79 38.36
C THR E 226 -2.45 7.91 38.75
N SER E 227 -2.06 7.99 40.01
CA SER E 227 -1.10 8.98 40.49
C SER E 227 0.31 8.41 40.59
N ASN E 228 0.52 7.17 40.16
CA ASN E 228 1.83 6.55 40.18
C ASN E 228 2.50 6.71 38.82
N PHE E 229 3.78 7.10 38.84
CA PHE E 229 4.47 7.45 37.60
C PHE E 229 4.58 6.27 36.65
N LEU E 230 4.93 5.08 37.17
CA LEU E 230 4.99 3.90 36.32
C LEU E 230 3.62 3.50 35.79
N GLY E 231 2.59 3.63 36.63
CA GLY E 231 1.24 3.39 36.15
C GLY E 231 0.84 4.34 35.04
N ALA E 232 1.22 5.62 35.16
CA ALA E 232 0.96 6.58 34.10
C ALA E 232 1.70 6.21 32.82
N MET E 233 2.95 5.76 32.94
CA MET E 233 3.70 5.33 31.77
C MET E 233 3.01 4.16 31.08
N TRP E 234 2.56 3.16 31.86
CA TRP E 234 1.89 2.00 31.28
C TRP E 234 0.57 2.40 30.62
N LEU E 235 -0.20 3.28 31.26
CA LEU E 235 -1.45 3.74 30.67
C LEU E 235 -1.22 4.48 29.36
N ILE E 236 -0.22 5.36 29.30
CA ILE E 236 0.08 6.07 28.07
C ILE E 236 0.51 5.09 26.98
N SER E 237 1.34 4.10 27.33
CA SER E 237 1.79 3.13 26.35
C SER E 237 0.63 2.30 25.79
N ILE E 238 -0.29 1.86 26.65
CA ILE E 238 -1.39 1.02 26.17
C ILE E 238 -2.46 1.83 25.45
N THR E 239 -2.58 3.13 25.75
CA THR E 239 -3.48 3.97 24.97
C THR E 239 -2.90 4.33 23.62
N PHE E 240 -1.58 4.47 23.53
CA PHE E 240 -0.93 4.76 22.26
C PHE E 240 -1.17 3.65 21.25
N LEU E 241 -1.10 2.39 21.70
CA LEU E 241 -1.31 1.24 20.84
C LEU E 241 -2.78 0.86 20.67
N SER E 242 -3.69 1.54 21.38
CA SER E 242 -5.13 1.32 21.27
C SER E 242 -5.51 -0.11 21.62
N ILE E 243 -5.06 -0.57 22.78
CA ILE E 243 -5.43 -1.88 23.31
C ILE E 243 -6.60 -1.77 24.28
N GLY E 244 -6.59 -0.79 25.17
CA GLY E 244 -7.68 -0.60 26.10
C GLY E 244 -7.25 0.28 27.25
N TYR E 245 -8.09 0.29 28.30
CA TYR E 245 -7.82 1.02 29.51
C TYR E 245 -7.60 0.14 30.73
N GLY E 246 -8.11 -1.09 30.73
CA GLY E 246 -8.03 -1.91 31.93
C GLY E 246 -8.84 -1.30 33.04
N ASP E 247 -8.21 -1.15 34.21
CA ASP E 247 -8.81 -0.49 35.35
C ASP E 247 -8.14 0.85 35.63
N MET E 248 -7.64 1.52 34.60
CA MET E 248 -6.86 2.74 34.74
C MET E 248 -7.56 3.93 34.07
N VAL E 249 -8.87 4.00 34.16
CA VAL E 249 -9.61 5.13 33.61
C VAL E 249 -9.42 6.34 34.53
N PRO E 250 -9.03 7.49 34.01
CA PRO E 250 -8.83 8.67 34.86
C PRO E 250 -10.16 9.20 35.41
N ASN E 251 -10.05 9.88 36.56
CA ASN E 251 -11.19 10.55 37.18
C ASN E 251 -11.24 12.03 36.83
N THR E 252 -10.44 12.46 35.86
CA THR E 252 -10.28 13.87 35.54
C THR E 252 -10.27 14.04 34.03
N TYR E 253 -10.67 15.23 33.57
CA TYR E 253 -10.69 15.52 32.15
C TYR E 253 -9.29 15.71 31.56
N CYS E 254 -8.30 16.08 32.39
CA CYS E 254 -6.91 16.06 31.95
C CYS E 254 -6.56 14.73 31.31
N GLY E 255 -6.76 13.64 32.05
CA GLY E 255 -6.38 12.33 31.54
C GLY E 255 -7.13 11.98 30.28
N LYS E 256 -8.41 12.34 30.21
CA LYS E 256 -9.21 12.04 29.02
C LYS E 256 -8.65 12.77 27.79
N GLY E 257 -8.35 14.06 27.94
CA GLY E 257 -7.80 14.81 26.82
C GLY E 257 -6.44 14.29 26.39
N VAL E 258 -5.56 13.99 27.36
CA VAL E 258 -4.23 13.49 27.03
C VAL E 258 -4.33 12.14 26.33
N CYS E 259 -5.22 11.27 26.81
CA CYS E 259 -5.39 9.96 26.18
C CYS E 259 -5.96 10.09 24.77
N LEU E 260 -6.89 11.01 24.55
CA LEU E 260 -7.41 11.24 23.20
C LEU E 260 -6.30 11.69 22.25
N LEU E 261 -5.48 12.65 22.71
CA LEU E 261 -4.36 13.12 21.89
C LEU E 261 -3.38 11.98 21.60
N THR E 262 -3.08 11.17 22.62
CA THR E 262 -2.16 10.05 22.44
C THR E 262 -2.71 9.04 21.44
N GLY E 263 -4.01 8.76 21.50
CA GLY E 263 -4.62 7.86 20.52
C GLY E 263 -4.54 8.37 19.10
N ILE E 264 -4.81 9.67 18.91
CA ILE E 264 -4.71 10.24 17.56
C ILE E 264 -3.27 10.15 17.05
N MET E 265 -2.30 10.53 17.88
CA MET E 265 -0.90 10.45 17.48
C MET E 265 -0.50 9.00 17.17
N GLY E 266 -1.00 8.06 17.96
CA GLY E 266 -0.69 6.66 17.72
C GLY E 266 -1.24 6.15 16.40
N ALA E 267 -2.48 6.56 16.06
CA ALA E 267 -3.04 6.17 14.77
C ALA E 267 -2.21 6.73 13.62
N GLY E 268 -1.83 8.01 13.70
CA GLY E 268 -1.00 8.59 12.66
C GLY E 268 0.35 7.89 12.53
N CYS E 269 0.99 7.59 13.67
CA CYS E 269 2.27 6.90 13.64
C CYS E 269 2.14 5.49 13.09
N THR E 270 1.05 4.80 13.39
CA THR E 270 0.83 3.47 12.83
C THR E 270 0.69 3.53 11.32
N ALA E 271 -0.05 4.51 10.80
CA ALA E 271 -0.16 4.66 9.35
C ALA E 271 1.21 4.93 8.73
N LEU E 272 2.00 5.81 9.34
CA LEU E 272 3.33 6.11 8.81
C LEU E 272 4.21 4.88 8.83
N VAL E 273 4.14 4.09 9.91
CA VAL E 273 4.95 2.88 10.01
C VAL E 273 4.55 1.87 8.94
N VAL E 274 3.25 1.74 8.68
CA VAL E 274 2.80 0.83 7.62
C VAL E 274 3.37 1.26 6.29
N ALA E 275 3.30 2.57 5.99
CA ALA E 275 3.86 3.07 4.74
C ALA E 275 5.36 2.82 4.65
N VAL E 276 6.09 3.04 5.75
CA VAL E 276 7.54 2.85 5.74
C VAL E 276 7.88 1.39 5.51
N VAL E 277 7.17 0.48 6.18
CA VAL E 277 7.42 -0.95 6.00
C VAL E 277 7.15 -1.36 4.56
N ALA E 278 6.08 -0.82 3.98
CA ALA E 278 5.80 -1.10 2.56
C ALA E 278 6.93 -0.60 1.68
N ARG E 279 7.46 0.58 1.97
CA ARG E 279 8.53 1.18 1.18
C ARG E 279 9.89 0.51 1.38
N LYS E 280 10.09 -0.21 2.48
CA LYS E 280 11.40 -0.72 2.86
C LYS E 280 11.61 -2.19 2.52
N LEU E 281 10.75 -2.78 1.69
CA LEU E 281 10.84 -4.22 1.41
C LEU E 281 11.21 -4.57 -0.03
N GLU E 282 11.06 -3.66 -0.98
CA GLU E 282 11.40 -3.98 -2.36
C GLU E 282 12.91 -4.13 -2.53
N LEU E 283 13.31 -4.97 -3.48
CA LEU E 283 14.69 -5.30 -3.74
C LEU E 283 15.29 -4.39 -4.79
N THR E 284 16.62 -4.33 -4.81
CA THR E 284 17.34 -3.57 -5.84
C THR E 284 17.68 -4.50 -7.00
N LYS E 285 18.36 -3.97 -8.01
CA LYS E 285 18.61 -4.74 -9.23
C LYS E 285 19.65 -5.83 -9.02
N ALA E 286 20.72 -5.55 -8.30
CA ALA E 286 21.82 -6.50 -8.15
C ALA E 286 21.38 -7.77 -7.44
N GLU E 287 20.75 -7.62 -6.27
CA GLU E 287 20.30 -8.78 -5.51
C GLU E 287 19.24 -9.56 -6.30
N LYS E 288 18.38 -8.84 -7.03
CA LYS E 288 17.39 -9.50 -7.86
C LYS E 288 18.04 -10.36 -8.93
N HIS E 289 19.07 -9.82 -9.59
CA HIS E 289 19.76 -10.59 -10.62
C HIS E 289 20.44 -11.82 -10.02
N VAL E 290 21.08 -11.66 -8.86
CA VAL E 290 21.75 -12.80 -8.23
C VAL E 290 20.73 -13.86 -7.84
N HIS E 291 19.59 -13.42 -7.31
CA HIS E 291 18.53 -14.34 -6.92
C HIS E 291 18.00 -15.11 -8.13
N ASN E 292 17.79 -14.41 -9.25
CA ASN E 292 17.33 -15.07 -10.46
C ASN E 292 18.35 -16.08 -10.96
N PHE E 293 19.63 -15.72 -10.91
CA PHE E 293 20.68 -16.63 -11.35
C PHE E 293 20.67 -17.92 -10.53
N MET E 294 20.65 -17.78 -9.20
CA MET E 294 20.66 -18.96 -8.34
C MET E 294 19.41 -19.80 -8.53
N MET E 295 18.25 -19.15 -8.67
CA MET E 295 17.00 -19.88 -8.87
C MET E 295 17.04 -20.65 -10.19
N ASP E 296 17.57 -20.04 -11.25
CA ASP E 296 17.65 -20.72 -12.54
C ASP E 296 18.55 -21.95 -12.45
N THR E 297 19.71 -21.81 -11.78
CA THR E 297 20.60 -22.95 -11.62
C THR E 297 19.93 -24.10 -10.86
N GLN E 298 19.30 -23.76 -9.73
CA GLN E 298 18.65 -24.80 -8.92
C GLN E 298 17.52 -25.46 -9.69
N LEU E 299 16.74 -24.67 -10.43
CA LEU E 299 15.62 -25.22 -11.18
C LEU E 299 16.10 -26.13 -12.31
N THR E 300 17.20 -25.77 -12.97
CA THR E 300 17.74 -26.64 -14.01
C THR E 300 18.20 -27.97 -13.42
N LYS E 301 18.88 -27.92 -12.27
CA LYS E 301 19.30 -29.16 -11.61
C LYS E 301 18.09 -30.02 -11.25
N ARG E 302 17.04 -29.39 -10.72
CA ARG E 302 15.83 -30.13 -10.36
C ARG E 302 15.15 -30.72 -11.59
N VAL E 303 15.17 -29.99 -12.71
CA VAL E 303 14.58 -30.49 -13.94
C VAL E 303 15.30 -31.75 -14.39
N LYS E 304 16.63 -31.74 -14.38
CA LYS E 304 17.38 -32.94 -14.76
C LYS E 304 17.08 -34.11 -13.82
N ASN E 305 17.07 -33.83 -12.51
CA ASN E 305 16.82 -34.89 -11.53
C ASN E 305 15.44 -35.51 -11.72
N ALA E 306 14.43 -34.67 -11.98
CA ALA E 306 13.09 -35.19 -12.18
C ALA E 306 12.96 -35.93 -13.50
N ALA E 307 13.65 -35.47 -14.55
CA ALA E 307 13.56 -36.12 -15.84
C ALA E 307 14.23 -37.49 -15.85
N ALA E 308 15.21 -37.72 -14.98
CA ALA E 308 15.82 -39.04 -14.92
C ALA E 308 14.83 -40.13 -14.47
N ASN E 309 13.97 -39.81 -13.49
CA ASN E 309 13.10 -40.81 -12.90
C ASN E 309 12.06 -41.35 -13.87
N VAL E 310 11.61 -40.53 -14.81
CA VAL E 310 10.62 -41.00 -15.79
C VAL E 310 11.20 -42.15 -16.60
N LEU E 311 12.40 -41.98 -17.14
CA LEU E 311 13.06 -43.03 -17.88
C LEU E 311 13.36 -44.23 -17.00
N ARG E 312 13.79 -43.99 -15.75
CA ARG E 312 14.06 -45.09 -14.84
C ARG E 312 12.83 -45.96 -14.64
N GLU E 313 11.68 -45.34 -14.33
CA GLU E 313 10.47 -46.09 -14.09
C GLU E 313 9.96 -46.78 -15.35
N THR E 314 10.10 -46.13 -16.51
CA THR E 314 9.71 -46.79 -17.76
C THR E 314 10.52 -48.06 -17.99
N TRP E 315 11.84 -47.97 -17.77
CA TRP E 315 12.69 -49.14 -17.96
C TRP E 315 12.34 -50.24 -16.96
N LEU E 316 12.08 -49.87 -15.70
CA LEU E 316 11.72 -50.87 -14.71
C LEU E 316 10.42 -51.57 -15.08
N ILE E 317 9.42 -50.81 -15.54
CA ILE E 317 8.16 -51.41 -15.96
C ILE E 317 8.37 -52.38 -17.11
N TYR E 318 9.14 -51.94 -18.13
CA TYR E 318 9.33 -52.80 -19.29
C TYR E 318 10.11 -54.06 -18.94
N LYS E 319 11.12 -53.94 -18.06
CA LYS E 319 11.86 -55.13 -17.64
C LYS E 319 10.99 -56.07 -16.83
N ASN E 320 10.12 -55.54 -15.98
CA ASN E 320 9.30 -56.39 -15.13
C ASN E 320 8.07 -56.94 -15.85
N THR E 321 7.74 -56.45 -17.04
CA THR E 321 6.54 -56.96 -17.70
C THR E 321 6.83 -58.12 -18.66
N LYS E 322 7.62 -57.88 -19.70
CA LYS E 322 7.86 -58.92 -20.70
C LYS E 322 9.20 -59.64 -20.49
N LEU E 323 9.45 -60.10 -19.27
CA LEU E 323 10.65 -60.88 -18.96
C LEU E 323 10.30 -61.92 -17.92
N VAL E 324 11.29 -62.78 -17.63
CA VAL E 324 11.26 -63.86 -16.64
C VAL E 324 9.89 -64.52 -16.54
N LYS E 325 9.22 -64.70 -17.68
CA LYS E 325 7.94 -65.41 -17.75
C LYS E 325 6.92 -64.84 -16.80
N LYS E 326 6.69 -65.51 -15.67
CA LYS E 326 5.69 -65.09 -14.70
C LYS E 326 6.07 -63.74 -14.10
N ILE E 327 5.06 -62.96 -13.75
CA ILE E 327 5.23 -61.60 -13.25
C ILE E 327 4.44 -61.42 -11.96
N ASP E 328 4.90 -60.48 -11.13
CA ASP E 328 4.21 -60.09 -9.91
C ASP E 328 3.59 -58.72 -10.13
N HIS E 329 2.26 -58.65 -10.01
CA HIS E 329 1.56 -57.42 -10.39
C HIS E 329 1.78 -56.30 -9.38
N ALA E 330 2.16 -56.63 -8.14
CA ALA E 330 2.38 -55.60 -7.13
C ALA E 330 3.51 -54.66 -7.53
N LYS E 331 4.61 -55.22 -8.02
CA LYS E 331 5.72 -54.40 -8.49
C LYS E 331 5.30 -53.51 -9.66
N VAL E 332 4.48 -54.07 -10.57
CA VAL E 332 4.00 -53.29 -11.71
C VAL E 332 3.16 -52.10 -11.22
N ARG E 333 2.27 -52.34 -10.25
CA ARG E 333 1.44 -51.28 -9.71
C ARG E 333 2.28 -50.20 -9.05
N LYS E 334 3.26 -50.62 -8.24
CA LYS E 334 4.12 -49.65 -7.57
C LYS E 334 4.89 -48.81 -8.57
N HIS E 335 5.43 -49.46 -9.61
CA HIS E 335 6.22 -48.75 -10.60
C HIS E 335 5.35 -47.80 -11.43
N GLN E 336 4.11 -48.20 -11.71
CA GLN E 336 3.20 -47.30 -12.41
C GLN E 336 2.86 -46.08 -11.55
N ARG E 337 2.64 -46.28 -10.26
CA ARG E 337 2.40 -45.15 -9.36
C ARG E 337 3.58 -44.21 -9.35
N LYS E 338 4.80 -44.76 -9.26
CA LYS E 338 5.99 -43.92 -9.27
C LYS E 338 6.15 -43.21 -10.61
N PHE E 339 5.78 -43.87 -11.71
CA PHE E 339 5.84 -43.24 -13.02
C PHE E 339 4.93 -42.02 -13.09
N LEU E 340 3.68 -42.17 -12.62
CA LEU E 340 2.76 -41.04 -12.60
C LEU E 340 3.26 -39.92 -11.70
N GLN E 341 3.80 -40.26 -10.53
CA GLN E 341 4.34 -39.24 -9.63
C GLN E 341 5.49 -38.48 -10.29
N ALA E 342 6.39 -39.22 -10.97
CA ALA E 342 7.51 -38.58 -11.65
C ALA E 342 7.02 -37.66 -12.76
N ILE E 343 6.01 -38.10 -13.51
CA ILE E 343 5.46 -37.26 -14.58
C ILE E 343 4.91 -35.97 -14.01
N HIS E 344 4.13 -36.07 -12.93
CA HIS E 344 3.53 -34.88 -12.33
C HIS E 344 4.59 -33.94 -11.79
N GLN E 345 5.62 -34.49 -11.13
CA GLN E 345 6.69 -33.65 -10.60
C GLN E 345 7.44 -32.93 -11.72
N LEU E 346 7.74 -33.65 -12.81
CA LEU E 346 8.43 -33.05 -13.93
C LEU E 346 7.60 -31.91 -14.53
N ARG E 347 6.29 -32.15 -14.69
CA ARG E 347 5.43 -31.11 -15.25
C ARG E 347 5.41 -29.88 -14.35
N SER E 348 5.32 -30.09 -13.04
CA SER E 348 5.30 -28.96 -12.10
C SER E 348 6.60 -28.17 -12.17
N VAL E 349 7.74 -28.85 -12.20
CA VAL E 349 9.01 -28.15 -12.23
C VAL E 349 9.19 -27.39 -13.54
N LYS E 350 8.77 -27.99 -14.65
CA LYS E 350 8.83 -27.29 -15.94
C LYS E 350 7.96 -26.04 -15.92
N MET E 351 6.76 -26.14 -15.33
CA MET E 351 5.88 -24.98 -15.25
C MET E 351 6.50 -23.88 -14.41
N GLU E 352 7.10 -24.23 -13.28
CA GLU E 352 7.77 -23.22 -12.45
C GLU E 352 8.92 -22.56 -13.19
N GLN E 353 9.73 -23.37 -13.89
CA GLN E 353 10.86 -22.82 -14.65
C GLN E 353 10.39 -21.85 -15.73
N ARG E 354 9.37 -22.24 -16.49
CA ARG E 354 8.89 -21.38 -17.57
C ARG E 354 8.27 -20.10 -17.01
N LYS E 355 7.54 -20.21 -15.89
CA LYS E 355 6.96 -19.02 -15.27
C LYS E 355 8.05 -18.06 -14.81
N LEU E 356 9.09 -18.59 -14.17
CA LEU E 356 10.19 -17.74 -13.71
C LEU E 356 10.90 -17.07 -14.88
N ASN E 357 11.13 -17.83 -15.95
CA ASN E 357 11.82 -17.26 -17.11
C ASN E 357 10.99 -16.18 -17.78
N ASP E 358 9.67 -16.40 -17.89
CA ASP E 358 8.80 -15.38 -18.47
C ASP E 358 8.75 -14.14 -17.59
N GLN E 359 8.74 -14.32 -16.26
CA GLN E 359 8.68 -13.18 -15.37
C GLN E 359 9.98 -12.38 -15.37
N ALA E 360 11.14 -13.04 -15.39
CA ALA E 360 12.42 -12.36 -15.27
C ALA E 360 12.87 -11.84 -16.63
N ASN E 361 12.28 -10.72 -17.02
CA ASN E 361 12.65 -10.05 -18.27
C ASN E 361 12.26 -8.57 -18.22
N ASP F 1 -23.68 -41.92 -28.76
CA ASP F 1 -23.85 -40.64 -28.10
C ASP F 1 -22.67 -39.71 -28.38
N GLN F 2 -22.43 -39.45 -29.66
CA GLN F 2 -21.33 -38.61 -30.09
C GLN F 2 -21.81 -37.31 -30.74
N LEU F 3 -22.68 -37.40 -31.75
CA LEU F 3 -23.16 -36.21 -32.45
C LEU F 3 -24.39 -35.62 -31.75
N THR F 4 -24.22 -35.38 -30.45
CA THR F 4 -25.29 -34.77 -29.67
C THR F 4 -25.45 -33.31 -30.03
N GLU F 5 -26.70 -32.85 -30.08
CA GLU F 5 -27.00 -31.55 -30.68
C GLU F 5 -26.31 -30.41 -29.95
N GLU F 6 -26.33 -30.42 -28.61
CA GLU F 6 -25.78 -29.30 -27.87
C GLU F 6 -24.26 -29.34 -27.85
N GLN F 7 -23.66 -30.54 -27.82
CA GLN F 7 -22.21 -30.63 -27.73
C GLN F 7 -21.53 -30.32 -29.06
N ILE F 8 -22.18 -30.65 -30.17
CA ILE F 8 -21.64 -30.31 -31.48
C ILE F 8 -21.67 -28.79 -31.68
N ALA F 9 -22.77 -28.15 -31.30
CA ALA F 9 -22.85 -26.70 -31.40
C ALA F 9 -21.83 -26.02 -30.51
N GLU F 10 -21.55 -26.59 -29.34
CA GLU F 10 -20.54 -26.02 -28.45
C GLU F 10 -19.17 -26.06 -29.10
N PHE F 11 -18.85 -27.15 -29.80
CA PHE F 11 -17.57 -27.24 -30.50
C PHE F 11 -17.46 -26.19 -31.60
N LYS F 12 -18.59 -25.85 -32.23
CA LYS F 12 -18.59 -24.78 -33.23
C LYS F 12 -18.18 -23.46 -32.61
N GLU F 13 -18.66 -23.17 -31.40
CA GLU F 13 -18.27 -21.94 -30.72
C GLU F 13 -16.76 -21.92 -30.47
N ALA F 14 -16.20 -23.05 -30.04
CA ALA F 14 -14.75 -23.15 -29.91
C ALA F 14 -14.06 -23.11 -31.26
N PHE F 15 -14.68 -23.72 -32.28
CA PHE F 15 -14.10 -23.69 -33.62
C PHE F 15 -14.22 -22.32 -34.26
N SER F 16 -15.19 -21.51 -33.84
CA SER F 16 -15.40 -20.21 -34.45
C SER F 16 -14.27 -19.23 -34.13
N LEU F 17 -13.58 -19.45 -33.01
CA LEU F 17 -12.48 -18.55 -32.65
C LEU F 17 -11.34 -18.63 -33.65
N PHE F 18 -11.00 -19.84 -34.10
CA PHE F 18 -9.93 -20.02 -35.08
C PHE F 18 -10.41 -19.91 -36.51
N ASP F 19 -11.72 -19.81 -36.74
CA ASP F 19 -12.27 -19.58 -38.07
C ASP F 19 -12.41 -18.07 -38.26
N LYS F 20 -11.71 -17.52 -39.25
CA LYS F 20 -11.71 -16.08 -39.45
C LYS F 20 -13.10 -15.57 -39.80
N ASP F 21 -13.64 -15.94 -40.96
CA ASP F 21 -14.98 -15.52 -41.34
C ASP F 21 -15.96 -16.68 -41.50
N GLY F 22 -15.71 -17.59 -42.44
CA GLY F 22 -16.63 -18.70 -42.64
C GLY F 22 -16.02 -19.99 -43.14
N ASP F 23 -14.69 -20.07 -43.15
CA ASP F 23 -13.98 -21.14 -43.83
C ASP F 23 -13.36 -22.08 -42.81
N GLY F 24 -13.57 -23.39 -43.01
CA GLY F 24 -12.90 -24.38 -42.20
C GLY F 24 -11.44 -24.50 -42.61
N THR F 25 -10.71 -23.40 -42.47
CA THR F 25 -9.34 -23.29 -42.95
C THR F 25 -8.53 -22.52 -41.92
N ILE F 26 -7.55 -23.19 -41.30
CA ILE F 26 -6.69 -22.58 -40.30
C ILE F 26 -5.27 -22.61 -40.84
N THR F 27 -4.70 -21.44 -41.07
CA THR F 27 -3.40 -21.30 -41.71
C THR F 27 -2.42 -20.63 -40.76
N THR F 28 -1.21 -20.38 -41.28
CA THR F 28 -0.15 -19.78 -40.46
C THR F 28 -0.52 -18.35 -40.06
N LYS F 29 -1.24 -17.63 -40.93
CA LYS F 29 -1.61 -16.25 -40.62
C LYS F 29 -2.62 -16.20 -39.47
N GLU F 30 -3.48 -17.22 -39.35
CA GLU F 30 -4.47 -17.22 -38.27
C GLU F 30 -3.84 -17.41 -36.91
N LEU F 31 -2.85 -18.31 -36.82
CA LEU F 31 -2.20 -18.57 -35.53
C LEU F 31 -1.46 -17.34 -35.03
N GLY F 32 -0.85 -16.59 -35.94
CA GLY F 32 -0.15 -15.38 -35.54
C GLY F 32 -1.06 -14.37 -34.87
N THR F 33 -2.31 -14.26 -35.35
CA THR F 33 -3.25 -13.32 -34.76
C THR F 33 -3.62 -13.71 -33.34
N VAL F 34 -4.00 -14.98 -33.14
CA VAL F 34 -4.48 -15.41 -31.82
C VAL F 34 -3.33 -15.46 -30.82
N MET F 35 -2.15 -15.90 -31.25
CA MET F 35 -1.02 -16.03 -30.32
C MET F 35 -0.48 -14.67 -29.92
N ARG F 36 -0.61 -13.67 -30.80
CA ARG F 36 -0.13 -12.33 -30.47
C ARG F 36 -0.88 -11.75 -29.28
N SER F 37 -2.21 -11.93 -29.27
CA SER F 37 -3.02 -11.43 -28.16
C SER F 37 -2.83 -12.20 -26.87
N LEU F 38 -2.15 -13.35 -26.92
CA LEU F 38 -1.90 -14.18 -25.76
C LEU F 38 -0.45 -14.07 -25.28
N GLY F 39 0.23 -12.99 -25.69
CA GLY F 39 1.61 -12.77 -25.30
C GLY F 39 2.57 -13.81 -25.84
N GLN F 40 2.41 -14.15 -27.12
CA GLN F 40 3.27 -15.13 -27.77
C GLN F 40 3.65 -14.60 -29.15
N ASN F 41 4.94 -14.61 -29.46
CA ASN F 41 5.46 -14.24 -30.78
C ASN F 41 6.45 -15.30 -31.23
N PRO F 42 5.97 -16.49 -31.60
CA PRO F 42 6.87 -17.56 -32.00
C PRO F 42 7.46 -17.34 -33.38
N THR F 43 8.51 -18.10 -33.67
CA THR F 43 9.15 -18.03 -34.98
C THR F 43 8.28 -18.68 -36.05
N GLU F 44 8.60 -18.39 -37.31
CA GLU F 44 7.80 -18.89 -38.42
C GLU F 44 7.83 -20.41 -38.48
N ALA F 45 9.00 -21.01 -38.21
CA ALA F 45 9.11 -22.46 -38.27
C ALA F 45 8.30 -23.14 -37.16
N GLU F 46 8.09 -22.44 -36.04
CA GLU F 46 7.40 -23.04 -34.90
C GLU F 46 5.98 -23.43 -35.27
N LEU F 47 5.16 -22.44 -35.62
CA LEU F 47 3.76 -22.73 -35.97
C LEU F 47 3.66 -23.52 -37.28
N GLN F 48 4.66 -23.41 -38.15
CA GLN F 48 4.70 -24.25 -39.34
C GLN F 48 4.79 -25.72 -38.97
N ASP F 49 5.64 -26.04 -37.98
CA ASP F 49 5.70 -27.41 -37.48
C ASP F 49 4.45 -27.76 -36.70
N MET F 50 3.88 -26.77 -35.99
CA MET F 50 2.68 -27.03 -35.20
C MET F 50 1.50 -27.44 -36.08
N ILE F 51 1.25 -26.66 -37.13
CA ILE F 51 0.14 -26.98 -38.04
C ILE F 51 0.45 -28.26 -38.84
N ASN F 52 1.73 -28.56 -39.06
CA ASN F 52 2.10 -29.72 -39.84
C ASN F 52 1.66 -31.02 -39.15
N GLU F 53 1.88 -31.10 -37.84
CA GLU F 53 1.55 -32.33 -37.11
C GLU F 53 0.05 -32.56 -37.06
N VAL F 54 -0.73 -31.48 -36.89
CA VAL F 54 -2.18 -31.59 -36.75
C VAL F 54 -2.80 -31.56 -38.14
N ASP F 55 -2.00 -31.83 -39.17
CA ASP F 55 -2.46 -31.93 -40.54
C ASP F 55 -2.47 -33.37 -41.01
N ALA F 56 -3.64 -33.83 -41.48
CA ALA F 56 -3.80 -35.14 -42.08
C ALA F 56 -4.24 -35.08 -43.53
N ASP F 57 -5.00 -34.05 -43.90
CA ASP F 57 -5.49 -33.93 -45.28
C ASP F 57 -4.34 -33.67 -46.25
N GLY F 58 -3.41 -32.79 -45.88
CA GLY F 58 -2.32 -32.41 -46.74
C GLY F 58 -2.52 -31.16 -47.55
N ASN F 59 -3.58 -30.39 -47.27
CA ASN F 59 -3.87 -29.16 -48.00
C ASN F 59 -3.18 -27.93 -47.44
N GLY F 60 -2.37 -28.09 -46.39
CA GLY F 60 -1.69 -26.96 -45.79
C GLY F 60 -2.50 -26.17 -44.78
N THR F 61 -3.65 -26.70 -44.34
CA THR F 61 -4.48 -26.03 -43.35
C THR F 61 -5.12 -27.09 -42.45
N ILE F 62 -5.95 -26.64 -41.52
CA ILE F 62 -6.55 -27.49 -40.51
C ILE F 62 -8.04 -27.61 -40.79
N ASP F 63 -8.53 -28.85 -40.83
CA ASP F 63 -9.93 -29.14 -41.12
C ASP F 63 -10.69 -29.40 -39.82
N PHE F 64 -12.02 -29.29 -39.91
CA PHE F 64 -12.87 -29.56 -38.76
C PHE F 64 -12.73 -30.98 -38.23
N PRO F 65 -12.71 -32.03 -39.05
CA PRO F 65 -12.49 -33.38 -38.49
C PRO F 65 -11.16 -33.51 -37.76
N GLU F 66 -10.11 -32.83 -38.24
CA GLU F 66 -8.83 -32.88 -37.53
C GLU F 66 -8.92 -32.13 -36.20
N PHE F 67 -9.84 -31.19 -36.07
CA PHE F 67 -9.97 -30.42 -34.83
C PHE F 67 -10.47 -31.30 -33.68
N LEU F 68 -11.36 -32.25 -33.97
CA LEU F 68 -11.90 -33.11 -32.92
C LEU F 68 -10.81 -33.99 -32.32
N THR F 69 -9.94 -34.56 -33.15
CA THR F 69 -8.90 -35.46 -32.66
C THR F 69 -7.91 -34.73 -31.76
N MET F 70 -7.49 -33.53 -32.17
CA MET F 70 -6.52 -32.79 -31.36
C MET F 70 -7.15 -32.29 -30.06
N MET F 71 -8.43 -31.92 -30.09
CA MET F 71 -9.09 -31.51 -28.85
C MET F 71 -9.24 -32.67 -27.88
N ALA F 72 -9.53 -33.87 -28.40
CA ALA F 72 -9.71 -35.02 -27.53
C ALA F 72 -8.45 -35.34 -26.73
N ARG F 73 -7.29 -35.26 -27.38
CA ARG F 73 -6.04 -35.55 -26.69
C ARG F 73 -5.66 -34.48 -25.69
N LYS F 74 -6.17 -33.25 -25.85
CA LYS F 74 -5.87 -32.19 -24.89
C LYS F 74 -6.78 -32.25 -23.68
N MET F 75 -8.01 -32.75 -23.84
CA MET F 75 -8.90 -32.92 -22.70
C MET F 75 -8.40 -33.98 -21.72
N LYS F 76 -7.61 -34.93 -22.19
CA LYS F 76 -7.10 -35.99 -21.32
C LYS F 76 -6.09 -35.42 -20.34
N ASP F 77 -6.16 -35.90 -19.09
CA ASP F 77 -5.35 -35.31 -18.02
C ASP F 77 -3.86 -35.48 -18.28
N THR F 78 -3.44 -36.65 -18.72
CA THR F 78 -2.01 -36.93 -18.91
C THR F 78 -1.83 -37.77 -20.17
N ASP F 79 -1.02 -37.27 -21.10
CA ASP F 79 -0.68 -38.00 -22.31
C ASP F 79 0.60 -38.78 -22.03
N SER F 80 0.46 -40.10 -21.87
CA SER F 80 1.61 -40.95 -21.55
C SER F 80 2.55 -41.14 -22.73
N GLU F 81 2.16 -40.73 -23.93
CA GLU F 81 2.99 -40.89 -25.11
C GLU F 81 3.82 -39.66 -25.44
N GLU F 82 3.77 -38.63 -24.59
CA GLU F 82 4.59 -37.44 -24.78
C GLU F 82 5.55 -37.16 -23.64
N GLU F 83 5.34 -37.76 -22.46
CA GLU F 83 6.22 -37.50 -21.34
C GLU F 83 7.62 -38.05 -21.60
N ILE F 84 7.71 -39.24 -22.19
CA ILE F 84 9.02 -39.81 -22.53
C ILE F 84 9.74 -38.94 -23.55
N ARG F 85 8.98 -38.35 -24.49
CA ARG F 85 9.57 -37.41 -25.43
C ARG F 85 10.20 -36.23 -24.71
N GLU F 86 9.51 -35.70 -23.69
CA GLU F 86 10.05 -34.59 -22.92
C GLU F 86 11.33 -34.99 -22.20
N ALA F 87 11.37 -36.19 -21.63
CA ALA F 87 12.56 -36.64 -20.92
C ALA F 87 13.73 -36.92 -21.87
N PHE F 88 13.47 -37.02 -23.17
CA PHE F 88 14.54 -37.16 -24.15
C PHE F 88 15.04 -35.82 -24.65
N ARG F 89 14.14 -34.87 -24.88
CA ARG F 89 14.55 -33.57 -25.42
C ARG F 89 15.24 -32.70 -24.38
N VAL F 90 15.01 -32.96 -23.09
CA VAL F 90 15.79 -32.27 -22.06
C VAL F 90 17.24 -32.71 -22.12
N PHE F 91 17.48 -33.97 -22.45
CA PHE F 91 18.83 -34.50 -22.62
C PHE F 91 19.30 -34.44 -24.08
N ASP F 92 18.53 -33.79 -24.95
CA ASP F 92 18.92 -33.67 -26.35
C ASP F 92 20.22 -32.88 -26.48
N LYS F 93 21.11 -33.38 -27.35
CA LYS F 93 22.43 -32.78 -27.47
C LYS F 93 22.36 -31.45 -28.21
N ASP F 94 21.92 -31.48 -29.47
CA ASP F 94 21.87 -30.26 -30.27
C ASP F 94 20.49 -30.08 -30.90
N GLY F 95 19.81 -31.20 -31.19
CA GLY F 95 18.49 -31.13 -31.79
C GLY F 95 18.24 -32.21 -32.82
N ASN F 96 19.27 -32.96 -33.18
CA ASN F 96 19.12 -34.04 -34.14
C ASN F 96 18.39 -35.24 -33.55
N GLY F 97 18.24 -35.30 -32.23
CA GLY F 97 17.63 -36.43 -31.57
C GLY F 97 18.55 -37.61 -31.35
N TYR F 98 19.84 -37.48 -31.65
CA TYR F 98 20.80 -38.55 -31.50
C TYR F 98 21.50 -38.42 -30.16
N ILE F 99 21.38 -39.45 -29.32
CA ILE F 99 22.04 -39.51 -28.02
C ILE F 99 22.96 -40.72 -28.01
N SER F 100 24.22 -40.50 -27.66
CA SER F 100 25.20 -41.57 -27.68
C SER F 100 24.88 -42.62 -26.62
N ALA F 101 25.28 -43.86 -26.88
CA ALA F 101 25.03 -44.94 -25.94
C ALA F 101 25.79 -44.73 -24.63
N ALA F 102 27.03 -44.26 -24.72
CA ALA F 102 27.81 -44.06 -23.50
C ALA F 102 27.23 -42.97 -22.62
N GLU F 103 26.52 -42.01 -23.22
CA GLU F 103 25.91 -40.93 -22.43
C GLU F 103 24.84 -41.47 -21.50
N LEU F 104 24.05 -42.46 -21.95
CA LEU F 104 22.97 -42.99 -21.14
C LEU F 104 23.49 -43.70 -19.89
N ARG F 105 24.71 -44.23 -19.95
CA ARG F 105 25.26 -44.93 -18.79
C ARG F 105 25.45 -44.00 -17.60
N HIS F 106 25.96 -42.80 -17.84
CA HIS F 106 26.22 -41.88 -16.74
C HIS F 106 24.92 -41.30 -16.19
N VAL F 107 24.00 -40.89 -17.06
CA VAL F 107 22.77 -40.24 -16.61
C VAL F 107 21.87 -41.21 -15.86
N MET F 108 22.06 -42.51 -16.03
CA MET F 108 21.26 -43.49 -15.31
C MET F 108 21.93 -44.00 -14.04
N THR F 109 23.26 -44.14 -14.05
CA THR F 109 23.95 -44.67 -12.87
C THR F 109 24.05 -43.63 -11.76
N ASN F 110 24.00 -42.35 -12.10
CA ASN F 110 24.19 -41.28 -11.11
C ASN F 110 22.96 -40.41 -10.94
N LEU F 111 22.43 -39.86 -12.03
CA LEU F 111 21.28 -38.97 -11.94
C LEU F 111 20.01 -39.76 -11.69
N GLY F 112 19.30 -39.44 -10.61
CA GLY F 112 18.07 -40.12 -10.29
C GLY F 112 18.15 -40.96 -9.04
N GLU F 113 17.86 -42.26 -9.17
CA GLU F 113 17.87 -43.19 -8.05
C GLU F 113 19.11 -44.07 -8.03
N LYS F 114 20.14 -43.72 -8.80
CA LYS F 114 21.42 -44.44 -8.82
C LYS F 114 21.22 -45.91 -9.20
N LEU F 115 20.79 -46.11 -10.44
CA LEU F 115 20.58 -47.45 -10.96
C LEU F 115 21.90 -48.21 -11.02
N THR F 116 21.81 -49.53 -10.84
CA THR F 116 23.00 -50.37 -10.78
C THR F 116 23.63 -50.54 -12.16
N ASP F 117 24.93 -50.85 -12.15
CA ASP F 117 25.68 -51.02 -13.40
C ASP F 117 25.16 -52.22 -14.19
N GLU F 118 24.82 -53.31 -13.50
CA GLU F 118 24.33 -54.49 -14.19
C GLU F 118 23.00 -54.22 -14.88
N GLU F 119 22.11 -53.47 -14.23
CA GLU F 119 20.80 -53.20 -14.81
C GLU F 119 20.91 -52.33 -16.06
N VAL F 120 21.70 -51.26 -15.99
CA VAL F 120 21.86 -50.39 -17.15
C VAL F 120 22.62 -51.12 -18.26
N ASP F 121 23.52 -52.05 -17.89
CA ASP F 121 24.20 -52.84 -18.90
C ASP F 121 23.23 -53.69 -19.69
N GLU F 122 22.23 -54.27 -19.02
CA GLU F 122 21.17 -54.98 -19.73
C GLU F 122 20.28 -54.02 -20.50
N MET F 123 20.13 -52.79 -20.00
CA MET F 123 19.32 -51.80 -20.70
C MET F 123 19.91 -51.45 -22.06
N ILE F 124 21.22 -51.16 -22.10
CA ILE F 124 21.83 -50.71 -23.34
C ILE F 124 21.93 -51.85 -24.34
N ARG F 125 22.24 -53.07 -23.89
CA ARG F 125 22.37 -54.19 -24.81
C ARG F 125 21.05 -54.52 -25.50
N GLU F 126 19.92 -54.24 -24.85
CA GLU F 126 18.62 -54.41 -25.49
C GLU F 126 18.20 -53.17 -26.29
N ALA F 127 18.64 -51.98 -25.85
CA ALA F 127 18.29 -50.75 -26.55
C ALA F 127 19.04 -50.58 -27.87
N ASP F 128 20.03 -51.43 -28.15
CA ASP F 128 20.78 -51.33 -29.39
C ASP F 128 19.92 -51.79 -30.56
N ILE F 129 19.24 -50.84 -31.22
CA ILE F 129 18.36 -51.18 -32.34
C ILE F 129 19.17 -51.70 -33.52
N ASP F 130 20.35 -51.13 -33.76
CA ASP F 130 21.21 -51.53 -34.86
C ASP F 130 22.56 -52.04 -34.39
N GLY F 131 23.22 -51.31 -33.48
CA GLY F 131 24.52 -51.73 -32.99
C GLY F 131 25.59 -50.67 -33.13
N ASP F 132 25.19 -49.42 -33.36
CA ASP F 132 26.12 -48.31 -33.47
C ASP F 132 26.27 -47.53 -32.17
N GLY F 133 25.19 -47.36 -31.42
CA GLY F 133 25.25 -46.65 -30.16
C GLY F 133 24.45 -45.36 -30.15
N GLN F 134 23.46 -45.26 -31.04
CA GLN F 134 22.63 -44.06 -31.16
C GLN F 134 21.18 -44.49 -31.38
N VAL F 135 20.31 -44.08 -30.47
CA VAL F 135 18.87 -44.34 -30.58
C VAL F 135 18.14 -43.00 -30.61
N ASN F 136 17.14 -42.89 -31.48
CA ASN F 136 16.46 -41.62 -31.69
C ASN F 136 15.00 -41.66 -31.24
N TYR F 137 14.20 -42.54 -31.82
CA TYR F 137 12.78 -42.64 -31.51
C TYR F 137 12.27 -44.07 -31.38
N GLU F 138 12.96 -45.06 -31.98
CA GLU F 138 12.47 -46.43 -31.98
C GLU F 138 12.39 -47.00 -30.58
N GLU F 139 13.26 -46.56 -29.68
CA GLU F 139 13.24 -47.08 -28.31
C GLU F 139 11.94 -46.71 -27.60
N PHE F 140 11.47 -45.49 -27.80
CA PHE F 140 10.23 -45.06 -27.14
C PHE F 140 9.03 -45.86 -27.65
N VAL F 141 8.90 -45.99 -28.97
CA VAL F 141 7.78 -46.75 -29.53
C VAL F 141 7.91 -48.23 -29.19
N GLN F 142 9.14 -48.72 -29.02
CA GLN F 142 9.34 -50.09 -28.58
C GLN F 142 8.94 -50.27 -27.12
N MET F 143 9.08 -49.21 -26.31
CA MET F 143 8.66 -49.28 -24.92
C MET F 143 7.15 -49.39 -24.80
N MET F 144 6.41 -48.62 -25.61
CA MET F 144 4.96 -48.57 -25.55
C MET F 144 4.30 -49.49 -26.57
N THR F 145 4.98 -50.56 -26.99
CA THR F 145 4.41 -51.48 -27.96
C THR F 145 3.14 -52.13 -27.45
N ALA F 146 3.14 -52.56 -26.18
CA ALA F 146 1.97 -53.18 -25.59
C ALA F 146 1.58 -52.47 -24.29
N ILE G 1 48.44 -23.09 -2.50
CA ILE G 1 46.99 -23.03 -2.33
C ILE G 1 46.56 -23.92 -1.16
N GLY G 2 47.28 -25.03 -1.00
CA GLY G 2 46.97 -25.93 0.11
C GLY G 2 47.13 -25.27 1.46
N TYR G 3 48.14 -24.40 1.57
CA TYR G 3 48.33 -23.63 2.80
C TYR G 3 47.17 -22.68 3.07
N LYS G 4 46.45 -22.27 2.04
CA LYS G 4 45.35 -21.31 2.19
C LYS G 4 43.99 -21.98 2.09
N LEU G 5 43.70 -22.66 0.97
CA LEU G 5 42.38 -23.24 0.78
C LEU G 5 42.19 -24.53 1.57
N GLY G 6 43.26 -25.25 1.88
CA GLY G 6 43.15 -26.45 2.69
C GLY G 6 43.04 -26.13 4.16
N HIS G 7 43.83 -25.15 4.62
CA HIS G 7 43.79 -24.76 6.03
C HIS G 7 42.48 -24.06 6.37
N ARG G 8 41.97 -23.24 5.44
CA ARG G 8 40.74 -22.50 5.70
C ARG G 8 39.55 -23.44 5.90
N ARG G 9 39.59 -24.62 5.28
CA ARG G 9 38.51 -25.59 5.46
C ARG G 9 38.46 -26.09 6.89
N ALA G 10 39.62 -26.36 7.49
CA ALA G 10 39.66 -26.90 8.85
C ALA G 10 39.09 -25.90 9.85
N LEU G 11 39.44 -24.63 9.71
CA LEU G 11 38.94 -23.62 10.64
C LEU G 11 37.42 -23.47 10.54
N PHE G 12 36.87 -23.52 9.32
CA PHE G 12 35.43 -23.44 9.18
C PHE G 12 34.72 -24.61 9.85
N GLU G 13 35.26 -25.83 9.67
CA GLU G 13 34.66 -26.99 10.30
C GLU G 13 34.75 -26.92 11.82
N LYS G 14 35.89 -26.48 12.34
CA LYS G 14 36.05 -26.34 13.79
C LYS G 14 35.08 -25.31 14.35
N ARG G 15 34.92 -24.18 13.65
CA ARG G 15 33.98 -23.15 14.10
C ARG G 15 32.55 -23.66 14.04
N LYS G 16 32.20 -24.39 12.99
CA LYS G 16 30.83 -24.90 12.85
C LYS G 16 30.50 -25.93 13.91
N ARG G 17 31.45 -26.82 14.21
CA ARG G 17 31.19 -27.87 15.19
C ARG G 17 30.97 -27.29 16.59
N LEU G 18 31.73 -26.25 16.95
CA LEU G 18 31.66 -25.68 18.29
C LEU G 18 30.34 -24.97 18.57
N SER G 19 29.51 -24.72 17.55
CA SER G 19 28.26 -23.99 17.74
C SER G 19 27.08 -24.91 18.04
N ASP G 20 27.25 -26.22 17.97
CA ASP G 20 26.19 -27.16 18.28
C ASP G 20 26.21 -27.62 19.73
N TYR G 21 27.39 -27.91 20.27
CA TYR G 21 27.49 -28.25 21.69
C TYR G 21 27.06 -27.09 22.56
N ALA G 22 27.36 -25.86 22.15
CA ALA G 22 26.91 -24.69 22.89
C ALA G 22 25.39 -24.64 22.94
N LEU G 23 24.74 -24.90 21.80
CA LEU G 23 23.28 -24.91 21.77
C LEU G 23 22.70 -26.02 22.65
N ILE G 24 23.31 -27.21 22.61
CA ILE G 24 22.81 -28.32 23.43
C ILE G 24 22.92 -27.98 24.90
N PHE G 25 24.08 -27.46 25.34
CA PHE G 25 24.26 -27.10 26.74
C PHE G 25 23.48 -25.85 27.14
N GLY G 26 23.04 -25.05 26.18
CA GLY G 26 22.18 -23.92 26.50
C GLY G 26 20.73 -24.31 26.66
N MET G 27 20.27 -25.27 25.85
CA MET G 27 18.91 -25.77 25.97
C MET G 27 18.72 -26.71 27.16
N PHE G 28 19.76 -27.46 27.53
CA PHE G 28 19.67 -28.37 28.66
C PHE G 28 19.36 -27.61 29.95
N GLY G 29 20.05 -26.49 30.16
CA GLY G 29 19.80 -25.70 31.36
C GLY G 29 18.40 -25.12 31.42
N ILE G 30 17.89 -24.66 30.26
CA ILE G 30 16.53 -24.12 30.22
C ILE G 30 15.52 -25.20 30.56
N VAL G 31 15.69 -26.40 30.00
CA VAL G 31 14.75 -27.49 30.26
C VAL G 31 14.78 -27.85 31.74
N VAL G 32 15.99 -27.98 32.31
CA VAL G 32 16.11 -28.35 33.72
C VAL G 32 15.50 -27.26 34.61
N MET G 33 15.70 -26.00 34.25
CA MET G 33 15.12 -24.91 35.03
C MET G 33 13.60 -24.97 35.00
N VAL G 34 13.02 -25.23 33.83
CA VAL G 34 11.56 -25.31 33.75
C VAL G 34 11.03 -26.46 34.60
N ILE G 35 11.67 -27.63 34.53
CA ILE G 35 11.21 -28.76 35.33
C ILE G 35 11.33 -28.46 36.82
N GLU G 36 12.47 -27.90 37.24
CA GLU G 36 12.69 -27.60 38.65
C GLU G 36 11.69 -26.56 39.16
N THR G 37 11.44 -25.52 38.36
CA THR G 37 10.47 -24.50 38.77
C THR G 37 9.08 -25.08 38.89
N GLU G 38 8.69 -25.96 37.96
CA GLU G 38 7.37 -26.57 38.06
C GLU G 38 7.26 -27.50 39.27
N LEU G 39 8.30 -28.27 39.56
CA LEU G 39 8.25 -29.25 40.63
C LEU G 39 8.53 -28.68 42.01
N SER G 40 9.09 -27.48 42.11
CA SER G 40 9.38 -26.90 43.41
C SER G 40 8.20 -26.17 44.02
N TRP G 41 7.07 -26.13 43.33
CA TRP G 41 5.91 -25.37 43.82
C TRP G 41 5.03 -26.23 44.72
N GLY G 42 4.73 -27.46 44.30
CA GLY G 42 3.90 -28.33 45.12
C GLY G 42 4.49 -29.68 45.46
N ALA G 43 5.39 -30.19 44.64
CA ALA G 43 5.90 -31.56 44.84
C ALA G 43 6.84 -31.63 46.04
N TYR G 44 7.77 -30.67 46.15
CA TYR G 44 8.67 -30.60 47.29
C TYR G 44 8.94 -29.13 47.58
N ASP G 45 9.94 -28.88 48.42
CA ASP G 45 10.26 -27.52 48.85
C ASP G 45 11.73 -27.23 48.55
N LYS G 46 12.16 -26.00 48.84
CA LYS G 46 13.50 -25.56 48.55
C LYS G 46 14.52 -26.00 49.59
N ALA G 47 14.08 -26.68 50.65
CA ALA G 47 14.98 -27.18 51.69
C ALA G 47 15.16 -28.69 51.64
N SER G 48 14.95 -29.29 50.48
CA SER G 48 15.06 -30.73 50.29
C SER G 48 16.35 -31.06 49.54
N LEU G 49 16.58 -32.36 49.35
CA LEU G 49 17.73 -32.82 48.59
C LEU G 49 17.48 -32.83 47.08
N TYR G 50 16.22 -33.02 46.67
CA TYR G 50 15.90 -33.00 45.25
C TYR G 50 16.23 -31.65 44.62
N SER G 51 15.88 -30.56 45.31
CA SER G 51 16.15 -29.23 44.78
C SER G 51 17.64 -28.99 44.60
N LEU G 52 18.44 -29.32 45.63
CA LEU G 52 19.88 -29.13 45.54
C LEU G 52 20.48 -30.00 44.44
N ALA G 53 20.06 -31.26 44.37
CA ALA G 53 20.60 -32.17 43.36
C ALA G 53 20.26 -31.70 41.95
N LEU G 54 19.04 -31.20 41.75
CA LEU G 54 18.62 -30.82 40.41
C LEU G 54 19.15 -29.44 40.01
N LYS G 55 19.46 -28.58 41.00
CA LYS G 55 20.07 -27.30 40.68
C LYS G 55 21.58 -27.37 40.57
N CYS G 56 22.22 -28.42 41.08
CA CYS G 56 23.65 -28.57 40.89
C CYS G 56 24.02 -28.99 39.48
N LEU G 57 23.04 -29.38 38.66
CA LEU G 57 23.29 -29.77 37.27
C LEU G 57 23.23 -28.60 36.30
N ILE G 58 22.99 -27.38 36.79
CA ILE G 58 22.89 -26.21 35.94
C ILE G 58 24.22 -25.47 35.92
N SER G 59 24.90 -25.45 37.08
CA SER G 59 26.19 -24.77 37.16
C SER G 59 27.24 -25.44 36.28
N LEU G 60 27.28 -26.77 36.27
CA LEU G 60 28.23 -27.49 35.43
C LEU G 60 27.99 -27.19 33.95
N SER G 61 26.72 -27.21 33.54
CA SER G 61 26.39 -26.88 32.16
C SER G 61 26.77 -25.45 31.82
N THR G 62 26.57 -24.52 32.75
CA THR G 62 26.95 -23.13 32.51
C THR G 62 28.46 -22.99 32.34
N ILE G 63 29.24 -23.70 33.16
CA ILE G 63 30.70 -23.65 33.04
C ILE G 63 31.14 -24.22 31.70
N ILE G 64 30.56 -25.34 31.29
CA ILE G 64 30.89 -25.92 29.99
C ILE G 64 30.53 -24.95 28.87
N LEU G 65 29.38 -24.29 28.98
CA LEU G 65 28.96 -23.33 27.98
C LEU G 65 29.95 -22.16 27.87
N LEU G 66 30.40 -21.65 29.02
CA LEU G 66 31.37 -20.56 29.00
C LEU G 66 32.68 -21.00 28.35
N GLY G 67 33.15 -22.20 28.67
CA GLY G 67 34.36 -22.70 28.04
C GLY G 67 34.21 -22.83 26.54
N LEU G 68 33.08 -23.35 26.09
CA LEU G 68 32.83 -23.48 24.66
C LEU G 68 32.78 -22.12 23.97
N ILE G 69 32.16 -21.13 24.61
CA ILE G 69 32.12 -19.78 24.03
C ILE G 69 33.52 -19.22 23.89
N ILE G 70 34.36 -19.38 24.91
CA ILE G 70 35.72 -18.87 24.85
C ILE G 70 36.50 -19.54 23.73
N VAL G 71 36.36 -20.87 23.60
CA VAL G 71 37.07 -21.58 22.53
C VAL G 71 36.59 -21.12 21.16
N TYR G 72 35.28 -20.91 21.02
CA TYR G 72 34.73 -20.43 19.75
C TYR G 72 35.31 -19.07 19.38
N HIS G 73 35.39 -18.17 20.35
CA HIS G 73 35.96 -16.85 20.06
C HIS G 73 37.45 -16.93 19.72
N ALA G 74 38.19 -17.83 20.39
CA ALA G 74 39.58 -18.01 20.04
C ALA G 74 39.75 -18.52 18.62
N ARG G 75 38.91 -19.47 18.19
CA ARG G 75 39.00 -19.97 16.83
C ARG G 75 38.60 -18.90 15.82
N GLU G 76 37.62 -18.04 16.17
CA GLU G 76 37.29 -16.93 15.29
C GLU G 76 38.45 -15.96 15.16
N ILE G 77 39.18 -15.72 16.25
CA ILE G 77 40.37 -14.87 16.19
C ILE G 77 41.41 -15.49 15.26
N GLN G 78 41.61 -16.81 15.37
CA GLN G 78 42.57 -17.48 14.50
C GLN G 78 42.16 -17.34 13.03
N LEU G 79 40.87 -17.52 12.75
CA LEU G 79 40.38 -17.36 11.38
C LEU G 79 40.60 -15.94 10.86
N PHE G 80 40.35 -14.93 11.71
CA PHE G 80 40.56 -13.55 11.28
C PHE G 80 42.03 -13.29 10.99
N MET G 81 42.93 -13.81 11.83
CA MET G 81 44.35 -13.63 11.57
C MET G 81 44.77 -14.32 10.28
N VAL G 82 44.22 -15.50 10.02
CA VAL G 82 44.58 -16.23 8.80
C VAL G 82 44.09 -15.47 7.57
N ASP G 83 42.85 -14.97 7.62
CA ASP G 83 42.23 -14.33 6.46
C ASP G 83 42.98 -13.06 6.06
N ASN G 84 43.00 -12.07 6.94
CA ASN G 84 43.71 -10.83 6.65
C ASN G 84 45.16 -10.96 7.10
N GLY G 85 46.09 -10.50 6.25
CA GLY G 85 47.50 -10.64 6.53
C GLY G 85 47.95 -9.98 7.81
N ALA G 86 48.25 -10.79 8.82
CA ALA G 86 48.71 -10.29 10.11
C ALA G 86 49.38 -11.43 10.87
N ASP G 87 50.32 -11.09 11.74
CA ASP G 87 51.04 -12.04 12.56
C ASP G 87 51.13 -11.57 14.00
N ASP G 88 50.01 -11.06 14.51
CA ASP G 88 49.95 -10.58 15.89
C ASP G 88 48.50 -10.63 16.34
N TRP G 89 48.23 -11.40 17.40
CA TRP G 89 46.85 -11.58 17.86
C TRP G 89 46.28 -10.30 18.45
N ARG G 90 47.11 -9.36 18.89
CA ARG G 90 46.61 -8.17 19.55
C ARG G 90 45.97 -7.19 18.57
N ILE G 91 46.19 -7.36 17.26
CA ILE G 91 45.64 -6.44 16.28
C ILE G 91 44.12 -6.48 16.24
N ALA G 92 43.52 -7.64 16.53
CA ALA G 92 42.07 -7.77 16.41
C ALA G 92 41.31 -6.99 17.49
N MET G 93 41.93 -6.77 18.64
CA MET G 93 41.26 -6.08 19.75
C MET G 93 41.00 -4.63 19.39
N THR G 94 39.73 -4.27 19.18
CA THR G 94 39.37 -2.96 18.64
C THR G 94 38.23 -2.32 19.42
N TYR G 95 38.17 -2.58 20.74
CA TYR G 95 37.23 -1.93 21.64
C TYR G 95 35.77 -2.27 21.33
N GLU G 96 35.53 -3.07 20.30
CA GLU G 96 34.19 -3.51 19.95
C GLU G 96 34.08 -5.03 20.04
N ARG G 97 35.12 -5.73 19.62
CA ARG G 97 35.16 -7.18 19.79
C ARG G 97 35.21 -7.55 21.26
N ILE G 98 35.89 -6.73 22.07
CA ILE G 98 35.98 -7.00 23.50
C ILE G 98 34.62 -6.85 24.18
N PHE G 99 33.86 -5.83 23.79
CA PHE G 99 32.59 -5.55 24.44
C PHE G 99 31.58 -6.67 24.23
N PHE G 100 31.52 -7.22 23.01
CA PHE G 100 30.53 -8.25 22.72
C PHE G 100 30.85 -9.56 23.43
N ILE G 101 32.14 -9.87 23.60
CA ILE G 101 32.51 -11.06 24.37
C ILE G 101 32.01 -10.93 25.81
N CYS G 102 32.22 -9.77 26.43
CA CYS G 102 31.74 -9.56 27.79
C CYS G 102 30.22 -9.60 27.85
N LEU G 103 29.55 -9.04 26.85
CA LEU G 103 28.09 -9.09 26.82
C LEU G 103 27.60 -10.54 26.76
N GLU G 104 28.22 -11.36 25.91
CA GLU G 104 27.84 -12.76 25.83
C GLU G 104 28.09 -13.48 27.14
N ILE G 105 29.23 -13.22 27.79
CA ILE G 105 29.54 -13.87 29.05
C ILE G 105 28.50 -13.51 30.11
N LEU G 106 28.17 -12.23 30.21
CA LEU G 106 27.18 -11.81 31.20
C LEU G 106 25.81 -12.39 30.90
N VAL G 107 25.42 -12.46 29.62
CA VAL G 107 24.12 -13.01 29.28
C VAL G 107 24.05 -14.49 29.63
N CYS G 108 25.09 -15.25 29.33
CA CYS G 108 25.07 -16.70 29.52
C CYS G 108 25.56 -17.14 30.90
N ALA G 109 25.93 -16.21 31.77
CA ALA G 109 26.45 -16.56 33.09
C ALA G 109 25.40 -16.58 34.19
N ILE G 110 24.14 -16.24 33.88
CA ILE G 110 23.10 -16.11 34.89
C ILE G 110 22.34 -17.44 35.01
N HIS G 111 22.18 -17.92 36.25
CA HIS G 111 21.47 -19.16 36.52
C HIS G 111 21.14 -19.20 38.01
N PRO G 112 20.13 -19.98 38.40
CA PRO G 112 19.82 -20.09 39.84
C PRO G 112 20.84 -20.95 40.59
N ILE G 113 21.62 -20.32 41.45
CA ILE G 113 22.66 -21.01 42.22
C ILE G 113 22.02 -21.81 43.35
N PRO G 114 22.67 -22.85 43.85
CA PRO G 114 22.12 -23.59 44.99
C PRO G 114 22.09 -22.75 46.26
N GLY G 115 21.15 -23.09 47.13
CA GLY G 115 20.97 -22.41 48.40
C GLY G 115 19.49 -22.24 48.70
N ASN G 116 19.21 -21.39 49.69
CA ASN G 116 17.83 -21.10 50.09
C ASN G 116 17.78 -19.66 50.59
N TYR G 117 17.42 -18.75 49.69
CA TYR G 117 17.35 -17.32 49.98
C TYR G 117 15.95 -16.81 49.68
N THR G 118 15.55 -15.76 50.38
CA THR G 118 14.20 -15.23 50.28
C THR G 118 14.22 -13.71 50.30
N PHE G 119 13.12 -13.11 49.86
CA PHE G 119 12.93 -11.67 49.91
C PHE G 119 11.43 -11.39 50.00
N THR G 120 11.09 -10.12 50.21
CA THR G 120 9.72 -9.70 50.44
C THR G 120 9.19 -8.98 49.20
N TRP G 121 7.97 -9.33 48.78
CA TRP G 121 7.37 -8.84 47.55
C TRP G 121 6.00 -8.26 47.87
N THR G 122 5.72 -7.05 47.37
CA THR G 122 4.45 -6.37 47.60
C THR G 122 3.88 -5.88 46.27
N ALA G 123 2.57 -6.03 46.11
CA ALA G 123 1.90 -5.65 44.87
C ALA G 123 0.50 -5.14 45.17
N ARG G 124 -0.06 -4.40 44.22
CA ARG G 124 -1.43 -3.89 44.31
C ARG G 124 -2.34 -4.68 43.37
N LEU G 125 -3.44 -5.19 43.90
CA LEU G 125 -4.34 -6.04 43.14
C LEU G 125 -5.19 -5.23 42.17
N ALA G 126 -5.60 -5.89 41.09
CA ALA G 126 -6.37 -5.24 40.04
C ALA G 126 -7.86 -5.20 40.40
N PHE G 127 -8.52 -4.11 40.00
CA PHE G 127 -9.97 -3.93 40.11
C PHE G 127 -10.42 -3.74 41.56
N SER G 128 -9.51 -3.89 42.51
CA SER G 128 -9.84 -3.73 43.92
C SER G 128 -8.85 -2.84 44.67
N TYR G 129 -7.64 -2.66 44.14
CA TYR G 129 -6.66 -1.73 44.69
C TYR G 129 -6.28 -2.10 46.13
N ALA G 130 -6.20 -3.40 46.41
CA ALA G 130 -5.85 -3.87 47.74
C ALA G 130 -4.39 -4.33 47.80
N PRO G 131 -3.67 -3.94 48.83
CA PRO G 131 -2.27 -4.38 48.96
C PRO G 131 -2.16 -5.88 49.22
N SER G 132 -1.04 -6.45 48.77
CA SER G 132 -0.75 -7.86 48.95
C SER G 132 0.74 -8.03 49.19
N THR G 133 1.10 -8.82 50.19
CA THR G 133 2.51 -9.04 50.54
C THR G 133 2.75 -10.52 50.76
N THR G 134 3.79 -11.06 50.11
CA THR G 134 4.17 -12.46 50.27
C THR G 134 5.68 -12.54 50.47
N THR G 135 6.15 -13.74 50.81
CA THR G 135 7.57 -14.04 50.90
C THR G 135 7.94 -14.95 49.74
N ALA G 136 8.85 -14.50 48.89
CA ALA G 136 9.26 -15.22 47.69
C ALA G 136 10.74 -15.60 47.80
N ASP G 137 11.22 -16.32 46.80
CA ASP G 137 12.60 -16.74 46.72
C ASP G 137 13.31 -16.01 45.59
N VAL G 138 14.63 -15.90 45.70
CA VAL G 138 15.43 -15.19 44.70
C VAL G 138 15.63 -15.98 43.43
N ASP G 139 15.21 -17.25 43.39
CA ASP G 139 15.39 -18.07 42.21
C ASP G 139 14.50 -17.64 41.06
N ILE G 140 13.37 -17.01 41.34
CA ILE G 140 12.49 -16.54 40.26
C ILE G 140 13.15 -15.41 39.50
N ILE G 141 13.93 -14.57 40.19
CA ILE G 141 14.66 -13.49 39.55
C ILE G 141 15.77 -14.02 38.64
N LEU G 142 16.41 -15.11 39.02
CA LEU G 142 17.60 -15.61 38.32
C LEU G 142 17.29 -16.62 37.24
N SER G 143 16.02 -16.98 37.02
CA SER G 143 15.65 -18.01 36.07
C SER G 143 15.05 -17.45 34.78
N ILE G 144 14.18 -16.43 34.90
CA ILE G 144 13.56 -15.85 33.71
C ILE G 144 14.59 -15.30 32.73
N PRO G 145 15.65 -14.58 33.15
CA PRO G 145 16.61 -14.04 32.19
C PRO G 145 17.32 -15.08 31.33
N MET G 146 17.28 -16.36 31.73
CA MET G 146 17.96 -17.39 30.94
C MET G 146 17.33 -17.62 29.58
N PHE G 147 16.14 -17.07 29.33
CA PHE G 147 15.54 -17.16 28.00
C PHE G 147 16.29 -16.31 26.98
N LEU G 148 17.21 -15.46 27.42
CA LEU G 148 18.04 -14.69 26.50
C LEU G 148 19.05 -15.55 25.76
N ARG G 149 19.24 -16.79 26.20
CA ARG G 149 20.17 -17.73 25.56
C ARG G 149 19.71 -18.20 24.20
N LEU G 150 18.61 -17.69 23.66
CA LEU G 150 18.06 -18.18 22.41
C LEU G 150 18.74 -17.57 21.19
N TYR G 151 19.68 -16.65 21.38
CA TYR G 151 20.39 -16.07 20.24
C TYR G 151 21.30 -17.08 19.57
N LEU G 152 21.64 -18.19 20.24
CA LEU G 152 22.49 -19.21 19.64
C LEU G 152 21.81 -19.92 18.48
N ILE G 153 20.48 -20.01 18.50
CA ILE G 153 19.76 -20.69 17.41
C ILE G 153 19.97 -19.96 16.11
N ALA G 154 19.98 -18.62 16.14
CA ALA G 154 20.21 -17.84 14.92
C ALA G 154 21.60 -18.13 14.36
N ARG G 155 22.61 -18.18 15.23
CA ARG G 155 23.96 -18.48 14.78
C ARG G 155 24.05 -19.87 14.16
N VAL G 156 23.44 -20.86 14.81
CA VAL G 156 23.47 -22.23 14.28
C VAL G 156 22.78 -22.29 12.93
N MET G 157 21.64 -21.62 12.81
CA MET G 157 20.90 -21.62 11.54
C MET G 157 21.70 -20.93 10.44
N LEU G 158 22.38 -19.82 10.77
CA LEU G 158 23.15 -19.10 9.76
C LEU G 158 24.34 -19.92 9.29
N LEU G 159 25.06 -20.56 10.21
CA LEU G 159 26.26 -21.30 9.83
C LEU G 159 25.94 -22.53 8.99
N HIS G 160 24.69 -22.97 8.97
CA HIS G 160 24.28 -24.14 8.19
C HIS G 160 23.68 -23.78 6.85
N SER G 161 23.68 -22.49 6.48
CA SER G 161 23.06 -22.07 5.24
C SER G 161 23.92 -22.49 4.05
N LYS G 162 23.28 -23.10 3.05
CA LYS G 162 24.00 -23.50 1.84
C LYS G 162 24.50 -22.29 1.06
N LEU G 163 23.69 -21.24 0.99
CA LEU G 163 24.07 -20.02 0.28
C LEU G 163 25.15 -19.22 1.01
N PHE G 164 25.69 -19.75 2.10
CA PHE G 164 26.76 -19.10 2.84
C PHE G 164 28.13 -19.71 2.57
N THR G 165 28.18 -20.99 2.15
CA THR G 165 29.44 -21.67 1.82
C THR G 165 29.25 -22.35 0.46
N ASP G 166 29.56 -21.62 -0.61
CA ASP G 166 29.45 -22.15 -1.97
C ASP G 166 30.24 -21.25 -2.91
N ALA G 167 31.15 -21.85 -3.67
CA ALA G 167 32.08 -21.06 -4.48
C ALA G 167 31.37 -20.27 -5.57
N SER G 168 30.36 -20.88 -6.21
CA SER G 168 29.67 -20.22 -7.31
C SER G 168 28.96 -18.95 -6.83
N SER G 169 28.27 -19.04 -5.69
CA SER G 169 27.58 -17.88 -5.16
C SER G 169 28.57 -16.77 -4.78
N ARG G 170 29.70 -17.16 -4.20
CA ARG G 170 30.73 -16.18 -3.85
C ARG G 170 31.25 -15.47 -5.09
N SER G 171 31.51 -16.24 -6.16
CA SER G 171 32.01 -15.65 -7.40
C SER G 171 30.98 -14.70 -8.00
N ILE G 172 29.71 -15.09 -8.01
CA ILE G 172 28.67 -14.22 -8.57
C ILE G 172 28.52 -12.96 -7.72
N GLY G 173 28.58 -13.09 -6.40
CA GLY G 173 28.49 -11.92 -5.55
C GLY G 173 29.67 -10.97 -5.73
N ALA G 174 30.86 -11.53 -5.91
CA ALA G 174 32.03 -10.70 -6.20
C ALA G 174 31.86 -9.99 -7.54
N LEU G 175 31.31 -10.69 -8.53
CA LEU G 175 31.08 -10.06 -9.83
C LEU G 175 30.06 -8.92 -9.73
N ASN G 176 28.99 -9.12 -8.95
CA ASN G 176 27.92 -8.15 -8.85
C ASN G 176 28.09 -7.21 -7.65
N LYS G 177 29.18 -7.35 -6.90
CA LYS G 177 29.49 -6.46 -5.77
C LYS G 177 28.36 -6.45 -4.73
N ILE G 178 27.78 -7.62 -4.49
CA ILE G 178 26.72 -7.74 -3.47
C ILE G 178 27.39 -8.07 -2.13
N ASN G 179 26.64 -7.83 -1.05
CA ASN G 179 27.14 -8.03 0.30
C ASN G 179 26.45 -9.24 0.91
N PHE G 180 27.25 -10.23 1.34
CA PHE G 180 26.73 -11.42 2.02
C PHE G 180 26.89 -11.22 3.51
N ASN G 181 25.95 -10.48 4.10
CA ASN G 181 25.96 -10.17 5.52
C ASN G 181 24.92 -11.01 6.26
N THR G 182 24.87 -10.84 7.58
CA THR G 182 23.97 -11.59 8.44
C THR G 182 22.53 -11.11 8.36
N ARG G 183 22.21 -10.18 7.47
CA ARG G 183 20.87 -9.63 7.35
C ARG G 183 20.22 -9.95 6.01
N PHE G 184 21.01 -10.24 4.98
CA PHE G 184 20.47 -10.54 3.66
C PHE G 184 19.60 -11.79 3.70
N VAL G 185 19.95 -12.76 4.55
CA VAL G 185 19.20 -14.00 4.63
C VAL G 185 17.75 -13.74 5.04
N MET G 186 17.56 -12.82 5.98
CA MET G 186 16.21 -12.48 6.42
C MET G 186 15.38 -11.89 5.28
N LYS G 187 15.98 -10.99 4.50
CA LYS G 187 15.27 -10.38 3.39
C LYS G 187 14.93 -11.40 2.32
N THR G 188 15.84 -12.33 2.05
CA THR G 188 15.55 -13.39 1.08
C THR G 188 14.42 -14.29 1.59
N LEU G 189 14.45 -14.63 2.88
CA LEU G 189 13.44 -15.52 3.45
C LEU G 189 12.07 -14.87 3.47
N MET G 190 12.02 -13.56 3.67
CA MET G 190 10.75 -12.85 3.72
C MET G 190 10.11 -12.80 2.34
N THR G 191 10.81 -13.28 1.32
CA THR G 191 10.28 -13.37 -0.03
C THR G 191 10.05 -14.80 -0.49
N ILE G 192 11.01 -15.69 -0.27
CA ILE G 192 10.83 -17.07 -0.70
C ILE G 192 9.79 -17.79 0.15
N CYS G 193 9.83 -17.62 1.47
CA CYS G 193 8.89 -18.27 2.39
C CYS G 193 8.39 -17.24 3.38
N PRO G 194 7.48 -16.35 2.96
CA PRO G 194 6.98 -15.30 3.85
C PRO G 194 5.92 -15.74 4.84
N GLY G 195 5.43 -16.98 4.75
CA GLY G 195 4.33 -17.41 5.60
C GLY G 195 4.68 -18.45 6.63
N THR G 196 5.95 -18.88 6.66
CA THR G 196 6.42 -19.88 7.61
C THR G 196 7.11 -19.27 8.82
N VAL G 197 7.98 -18.29 8.59
CA VAL G 197 8.68 -17.63 9.70
C VAL G 197 7.69 -16.93 10.60
N LEU G 198 6.65 -16.30 10.04
CA LEU G 198 5.64 -15.65 10.86
C LEU G 198 4.94 -16.64 11.78
N LEU G 199 4.54 -17.79 11.25
CA LEU G 199 3.88 -18.81 12.07
C LEU G 199 4.80 -19.36 13.15
N VAL G 200 6.04 -19.67 12.81
CA VAL G 200 6.97 -20.22 13.80
C VAL G 200 7.22 -19.21 14.92
N PHE G 201 7.49 -17.96 14.54
CA PHE G 201 7.75 -16.91 15.53
C PHE G 201 6.53 -16.68 16.41
N SER G 202 5.33 -16.66 15.82
CA SER G 202 4.12 -16.46 16.59
C SER G 202 3.90 -17.58 17.61
N ILE G 203 4.06 -18.83 17.19
CA ILE G 203 3.84 -19.93 18.14
C ILE G 203 4.88 -19.92 19.26
N SER G 204 6.15 -19.69 18.92
CA SER G 204 7.19 -19.66 19.95
C SER G 204 6.93 -18.54 20.95
N LEU G 205 6.63 -17.33 20.46
CA LEU G 205 6.32 -16.22 21.35
C LEU G 205 5.11 -16.52 22.21
N TRP G 206 4.08 -17.11 21.61
CA TRP G 206 2.86 -17.44 22.35
C TRP G 206 3.16 -18.32 23.55
N ILE G 207 3.85 -19.44 23.32
CA ILE G 207 4.09 -20.37 24.40
C ILE G 207 5.02 -19.77 25.46
N ILE G 208 6.12 -19.13 25.03
CA ILE G 208 7.08 -18.60 26.01
C ILE G 208 6.43 -17.51 26.85
N ALA G 209 5.70 -16.59 26.21
CA ALA G 209 5.06 -15.50 26.95
C ALA G 209 4.00 -16.00 27.90
N ALA G 210 3.19 -16.99 27.48
CA ALA G 210 2.19 -17.53 28.40
C ALA G 210 2.84 -18.17 29.62
N TRP G 211 3.90 -18.96 29.42
CA TRP G 211 4.57 -19.58 30.57
C TRP G 211 5.16 -18.52 31.50
N THR G 212 5.81 -17.50 30.93
CA THR G 212 6.42 -16.46 31.75
C THR G 212 5.37 -15.70 32.56
N VAL G 213 4.24 -15.38 31.93
CA VAL G 213 3.17 -14.65 32.62
C VAL G 213 2.63 -15.48 33.77
N ARG G 214 2.37 -16.77 33.53
CA ARG G 214 1.87 -17.60 34.60
C ARG G 214 2.86 -17.71 35.75
N ALA G 215 4.15 -17.87 35.43
CA ALA G 215 5.17 -17.97 36.46
C ALA G 215 5.27 -16.71 37.30
N CYS G 216 5.20 -15.53 36.66
CA CYS G 216 5.22 -14.29 37.43
C CYS G 216 3.96 -14.12 38.27
N GLU G 217 2.81 -14.55 37.74
CA GLU G 217 1.53 -14.32 38.41
C GLU G 217 1.18 -15.37 39.47
N ARG G 218 1.96 -16.45 39.60
CA ARG G 218 1.66 -17.46 40.61
C ARG G 218 1.62 -16.88 42.03
N TYR G 219 2.48 -15.91 42.34
CA TYR G 219 2.73 -15.56 43.74
C TYR G 219 1.60 -14.76 44.37
N HIS G 220 0.86 -13.96 43.59
CA HIS G 220 -0.14 -13.07 44.15
C HIS G 220 -1.56 -13.38 43.67
N ASP G 221 -1.79 -14.55 43.08
CA ASP G 221 -3.11 -14.95 42.60
C ASP G 221 -3.64 -16.08 43.47
N GLN G 222 -4.80 -15.86 44.08
CA GLN G 222 -5.43 -16.85 44.96
C GLN G 222 -6.77 -17.33 44.43
N GLN G 223 -7.21 -16.84 43.27
CA GLN G 223 -8.52 -17.20 42.73
C GLN G 223 -8.43 -17.92 41.39
N ASP G 224 -7.23 -18.31 40.96
CA ASP G 224 -7.01 -19.06 39.73
C ASP G 224 -7.58 -18.31 38.52
N VAL G 225 -7.02 -17.13 38.27
CA VAL G 225 -7.45 -16.30 37.16
C VAL G 225 -6.31 -16.12 36.18
N THR G 226 -5.24 -15.46 36.62
CA THR G 226 -4.07 -15.21 35.79
C THR G 226 -2.96 -16.23 36.03
N SER G 227 -3.16 -17.17 36.94
CA SER G 227 -2.20 -18.23 37.20
C SER G 227 -2.54 -19.52 36.47
N ASN G 228 -3.59 -19.52 35.65
CA ASN G 228 -3.99 -20.70 34.89
C ASN G 228 -3.38 -20.63 33.49
N PHE G 229 -2.83 -21.76 33.04
CA PHE G 229 -2.06 -21.77 31.80
C PHE G 229 -2.92 -21.42 30.59
N LEU G 230 -4.13 -21.98 30.51
CA LEU G 230 -5.03 -21.65 29.41
C LEU G 230 -5.48 -20.19 29.47
N GLY G 231 -5.73 -19.68 30.67
CA GLY G 231 -6.03 -18.26 30.81
C GLY G 231 -4.89 -17.38 30.34
N ALA G 232 -3.65 -17.76 30.65
CA ALA G 232 -2.50 -17.02 30.17
C ALA G 232 -2.40 -17.07 28.65
N MET G 233 -2.67 -18.24 28.06
CA MET G 233 -2.67 -18.35 26.61
C MET G 233 -3.71 -17.42 25.98
N TRP G 234 -4.92 -17.40 26.54
CA TRP G 234 -5.98 -16.53 26.01
C TRP G 234 -5.64 -15.05 26.18
N LEU G 235 -5.07 -14.67 27.32
CA LEU G 235 -4.67 -13.28 27.54
C LEU G 235 -3.59 -12.86 26.56
N ILE G 236 -2.59 -13.71 26.33
CA ILE G 236 -1.54 -13.38 25.37
C ILE G 236 -2.14 -13.25 23.96
N SER G 237 -3.04 -14.15 23.59
CA SER G 237 -3.63 -14.09 22.26
C SER G 237 -4.46 -12.82 22.07
N ILE G 238 -5.25 -12.42 23.07
CA ILE G 238 -6.08 -11.23 22.90
C ILE G 238 -5.28 -9.94 23.03
N THR G 239 -4.14 -9.96 23.72
CA THR G 239 -3.28 -8.77 23.73
C THR G 239 -2.49 -8.65 22.44
N PHE G 240 -2.13 -9.77 21.81
CA PHE G 240 -1.43 -9.74 20.54
C PHE G 240 -2.26 -9.05 19.47
N LEU G 241 -3.56 -9.34 19.44
CA LEU G 241 -4.47 -8.76 18.45
C LEU G 241 -5.01 -7.39 18.87
N SER G 242 -4.69 -6.93 20.07
CA SER G 242 -5.09 -5.61 20.56
C SER G 242 -6.61 -5.45 20.60
N ILE G 243 -7.27 -6.40 21.26
CA ILE G 243 -8.71 -6.33 21.47
C ILE G 243 -9.05 -5.77 22.84
N GLY G 244 -8.33 -6.19 23.88
CA GLY G 244 -8.56 -5.67 25.21
C GLY G 244 -7.96 -6.59 26.25
N TYR G 245 -8.36 -6.36 27.50
CA TYR G 245 -7.94 -7.18 28.62
C TYR G 245 -9.07 -7.94 29.30
N GLY G 246 -10.31 -7.51 29.14
CA GLY G 246 -11.40 -8.14 29.87
C GLY G 246 -11.22 -7.97 31.36
N ASP G 247 -11.29 -9.08 32.09
CA ASP G 247 -11.03 -9.09 33.53
C ASP G 247 -9.73 -9.81 33.85
N MET G 248 -8.75 -9.74 32.94
CA MET G 248 -7.50 -10.48 33.07
C MET G 248 -6.31 -9.55 33.19
N VAL G 249 -6.48 -8.43 33.88
CA VAL G 249 -5.35 -7.51 34.09
C VAL G 249 -4.42 -8.09 35.15
N PRO G 250 -3.12 -8.19 34.89
CA PRO G 250 -2.20 -8.75 35.88
C PRO G 250 -2.05 -7.85 37.10
N ASN G 251 -1.69 -8.47 38.22
CA ASN G 251 -1.39 -7.75 39.46
C ASN G 251 0.09 -7.50 39.65
N THR G 252 0.89 -7.74 38.61
CA THR G 252 2.35 -7.68 38.70
C THR G 252 2.88 -6.94 37.49
N TYR G 253 4.01 -6.25 37.69
CA TYR G 253 4.66 -5.53 36.60
C TYR G 253 5.29 -6.47 35.56
N CYS G 254 5.64 -7.69 35.96
CA CYS G 254 6.13 -8.68 35.01
C CYS G 254 5.13 -8.94 33.89
N GLY G 255 3.88 -9.21 34.26
CA GLY G 255 2.86 -9.42 33.25
C GLY G 255 2.62 -8.20 32.40
N LYS G 256 2.70 -7.02 33.00
CA LYS G 256 2.51 -5.78 32.24
C LYS G 256 3.60 -5.62 31.18
N GLY G 257 4.85 -5.88 31.55
CA GLY G 257 5.93 -5.79 30.57
C GLY G 257 5.80 -6.81 29.46
N VAL G 258 5.44 -8.05 29.81
CA VAL G 258 5.24 -9.08 28.79
C VAL G 258 4.12 -8.68 27.85
N CYS G 259 3.02 -8.15 28.38
CA CYS G 259 1.91 -7.72 27.54
C CYS G 259 2.29 -6.56 26.63
N LEU G 260 3.07 -5.61 27.13
CA LEU G 260 3.53 -4.50 26.28
C LEU G 260 4.38 -5.01 25.13
N LEU G 261 5.32 -5.92 25.42
CA LEU G 261 6.14 -6.49 24.37
C LEU G 261 5.29 -7.24 23.35
N THR G 262 4.31 -8.01 23.82
CA THR G 262 3.41 -8.74 22.93
C THR G 262 2.63 -7.79 22.03
N GLY G 263 2.14 -6.67 22.59
CA GLY G 263 1.44 -5.70 21.77
C GLY G 263 2.30 -5.07 20.69
N ILE G 264 3.54 -4.71 21.04
CA ILE G 264 4.44 -4.16 20.02
C ILE G 264 4.71 -5.17 18.91
N MET G 265 5.00 -6.42 19.29
CA MET G 265 5.24 -7.46 18.29
C MET G 265 4.00 -7.67 17.41
N GLY G 266 2.82 -7.63 18.02
CA GLY G 266 1.60 -7.79 17.25
C GLY G 266 1.38 -6.68 16.24
N ALA G 267 1.66 -5.44 16.64
CA ALA G 267 1.54 -4.33 15.69
C ALA G 267 2.50 -4.50 14.52
N GLY G 268 3.76 -4.86 14.81
CA GLY G 268 4.71 -5.09 13.72
C GLY G 268 4.28 -6.21 12.79
N CYS G 269 3.81 -7.32 13.36
CA CYS G 269 3.36 -8.44 12.54
C CYS G 269 2.14 -8.08 11.70
N THR G 270 1.22 -7.27 12.26
CA THR G 270 0.08 -6.83 11.48
C THR G 270 0.51 -5.98 10.30
N ALA G 271 1.46 -5.07 10.50
CA ALA G 271 1.97 -4.28 9.38
C ALA G 271 2.59 -5.17 8.31
N LEU G 272 3.40 -6.15 8.74
CA LEU G 272 4.03 -7.05 7.77
C LEU G 272 2.99 -7.86 7.00
N VAL G 273 1.94 -8.32 7.69
CA VAL G 273 0.89 -9.10 7.04
C VAL G 273 0.15 -8.24 6.02
N VAL G 274 -0.11 -6.98 6.36
CA VAL G 274 -0.77 -6.07 5.42
C VAL G 274 0.09 -5.92 4.17
N ALA G 275 1.40 -5.70 4.35
CA ALA G 275 2.30 -5.55 3.21
C ALA G 275 2.32 -6.82 2.35
N VAL G 276 2.35 -7.99 2.99
CA VAL G 276 2.40 -9.24 2.25
C VAL G 276 1.12 -9.44 1.44
N VAL G 277 -0.03 -9.18 2.07
CA VAL G 277 -1.30 -9.32 1.36
C VAL G 277 -1.35 -8.36 0.18
N ALA G 278 -0.83 -7.15 0.37
CA ALA G 278 -0.77 -6.19 -0.74
C ALA G 278 0.10 -6.71 -1.88
N ARG G 279 1.23 -7.32 -1.54
CA ARG G 279 2.17 -7.80 -2.55
C ARG G 279 1.80 -9.18 -3.11
N LYS G 280 0.75 -9.81 -2.62
CA LYS G 280 0.39 -11.15 -3.09
C LYS G 280 -0.72 -11.17 -4.15
N LEU G 281 -1.68 -10.26 -4.09
CA LEU G 281 -2.90 -10.39 -4.87
C LEU G 281 -2.75 -10.03 -6.35
N GLU G 282 -1.63 -9.43 -6.75
CA GLU G 282 -1.46 -9.05 -8.15
C GLU G 282 -1.36 -10.29 -9.04
N LEU G 283 -1.81 -10.14 -10.28
CA LEU G 283 -1.87 -11.22 -11.25
C LEU G 283 -0.62 -11.24 -12.12
N THR G 284 -0.37 -12.39 -12.74
CA THR G 284 0.71 -12.54 -13.70
C THR G 284 0.18 -12.37 -15.12
N LYS G 285 1.04 -12.56 -16.11
CA LYS G 285 0.68 -12.23 -17.48
C LYS G 285 -0.28 -13.23 -18.11
N ALA G 286 -0.07 -14.53 -17.88
CA ALA G 286 -0.88 -15.55 -18.55
C ALA G 286 -2.34 -15.48 -18.12
N GLU G 287 -2.57 -15.42 -16.81
CA GLU G 287 -3.94 -15.36 -16.30
C GLU G 287 -4.61 -14.06 -16.73
N LYS G 288 -3.86 -12.95 -16.74
CA LYS G 288 -4.41 -11.70 -17.20
C LYS G 288 -4.85 -11.78 -18.66
N HIS G 289 -4.00 -12.39 -19.50
CA HIS G 289 -4.32 -12.50 -20.92
C HIS G 289 -5.55 -13.37 -21.14
N VAL G 290 -5.63 -14.51 -20.47
CA VAL G 290 -6.77 -15.39 -20.67
C VAL G 290 -8.05 -14.75 -20.13
N HIS G 291 -7.94 -14.01 -19.03
CA HIS G 291 -9.09 -13.30 -18.48
C HIS G 291 -9.58 -12.23 -19.46
N ASN G 292 -8.65 -11.48 -20.06
CA ASN G 292 -9.02 -10.49 -21.05
C ASN G 292 -9.70 -11.13 -22.26
N PHE G 293 -9.18 -12.27 -22.70
CA PHE G 293 -9.77 -12.98 -23.83
C PHE G 293 -11.21 -13.38 -23.55
N MET G 294 -11.43 -14.03 -22.40
CA MET G 294 -12.78 -14.47 -22.05
C MET G 294 -13.73 -13.28 -21.88
N MET G 295 -13.25 -12.20 -21.24
CA MET G 295 -14.08 -11.03 -21.06
C MET G 295 -14.45 -10.41 -22.41
N ASP G 296 -13.49 -10.34 -23.34
CA ASP G 296 -13.78 -9.78 -24.65
C ASP G 296 -14.84 -10.60 -25.38
N THR G 297 -14.73 -11.92 -25.31
CA THR G 297 -15.73 -12.77 -25.97
C THR G 297 -17.11 -12.55 -25.36
N GLN G 298 -17.19 -12.54 -24.03
CA GLN G 298 -18.48 -12.39 -23.37
C GLN G 298 -19.11 -11.03 -23.69
N LEU G 299 -18.28 -9.97 -23.69
CA LEU G 299 -18.81 -8.64 -23.99
C LEU G 299 -19.25 -8.52 -25.44
N THR G 300 -18.55 -9.19 -26.37
CA THR G 300 -19.00 -9.18 -27.76
C THR G 300 -20.36 -9.85 -27.90
N LYS G 301 -20.53 -11.01 -27.23
CA LYS G 301 -21.81 -11.69 -27.27
C LYS G 301 -22.92 -10.82 -26.68
N ARG G 302 -22.63 -10.16 -25.56
CA ARG G 302 -23.62 -9.29 -24.93
C ARG G 302 -23.95 -8.10 -25.82
N VAL G 303 -22.95 -7.56 -26.54
CA VAL G 303 -23.19 -6.47 -27.47
C VAL G 303 -24.17 -6.88 -28.55
N LYS G 304 -23.96 -8.06 -29.14
CA LYS G 304 -24.89 -8.53 -30.17
C LYS G 304 -26.29 -8.74 -29.60
N ASN G 305 -26.38 -9.35 -28.42
CA ASN G 305 -27.68 -9.61 -27.81
C ASN G 305 -28.43 -8.31 -27.53
N ALA G 306 -27.72 -7.30 -27.02
CA ALA G 306 -28.35 -6.02 -26.74
C ALA G 306 -28.76 -5.29 -28.03
N ALA G 307 -27.92 -5.38 -29.07
CA ALA G 307 -28.23 -4.71 -30.32
C ALA G 307 -29.44 -5.30 -31.02
N ALA G 308 -29.73 -6.58 -30.81
CA ALA G 308 -30.92 -7.17 -31.43
C ALA G 308 -32.22 -6.52 -30.94
N ASN G 309 -32.30 -6.24 -29.63
CA ASN G 309 -33.55 -5.77 -29.04
C ASN G 309 -33.96 -4.40 -29.55
N VAL G 310 -33.01 -3.54 -29.88
CA VAL G 310 -33.34 -2.21 -30.40
C VAL G 310 -34.15 -2.34 -31.69
N LEU G 311 -33.65 -3.15 -32.62
CA LEU G 311 -34.37 -3.38 -33.87
C LEU G 311 -35.70 -4.07 -33.62
N ARG G 312 -35.72 -5.05 -32.70
CA ARG G 312 -36.97 -5.73 -32.39
C ARG G 312 -38.04 -4.74 -31.95
N GLU G 313 -37.70 -3.87 -30.99
CA GLU G 313 -38.68 -2.91 -30.48
C GLU G 313 -39.06 -1.87 -31.52
N THR G 314 -38.10 -1.42 -32.34
CA THR G 314 -38.43 -0.48 -33.39
C THR G 314 -39.45 -1.07 -34.37
N TRP G 315 -39.22 -2.31 -34.79
CA TRP G 315 -40.16 -2.97 -35.69
C TRP G 315 -41.51 -3.16 -35.02
N LEU G 316 -41.53 -3.54 -33.75
CA LEU G 316 -42.80 -3.72 -33.05
C LEU G 316 -43.59 -2.43 -33.01
N ILE G 317 -42.92 -1.31 -32.68
CA ILE G 317 -43.61 -0.02 -32.63
C ILE G 317 -44.15 0.36 -34.00
N TYR G 318 -43.32 0.21 -35.04
CA TYR G 318 -43.75 0.61 -36.38
C TYR G 318 -44.91 -0.24 -36.86
N LYS G 319 -44.89 -1.54 -36.56
CA LYS G 319 -46.00 -2.40 -36.95
C LYS G 319 -47.27 -2.03 -36.17
N ASN G 320 -47.13 -1.69 -34.90
CA ASN G 320 -48.30 -1.43 -34.07
C ASN G 320 -48.89 -0.04 -34.25
N THR G 321 -48.17 0.89 -34.87
CA THR G 321 -48.70 2.26 -35.01
C THR G 321 -49.53 2.42 -36.28
N LYS G 322 -48.95 2.16 -37.44
CA LYS G 322 -49.63 2.37 -38.71
C LYS G 322 -50.10 1.05 -39.32
N LEU G 323 -51.01 0.39 -38.61
CA LEU G 323 -51.59 -0.86 -39.08
C LEU G 323 -52.89 -1.11 -38.32
N VAL G 324 -53.63 -2.12 -38.79
CA VAL G 324 -54.91 -2.59 -38.25
C VAL G 324 -55.76 -1.46 -37.68
N LYS G 325 -55.81 -0.33 -38.39
CA LYS G 325 -56.67 0.79 -38.04
C LYS G 325 -56.45 1.28 -36.61
N LYS G 326 -57.39 0.98 -35.73
CA LYS G 326 -57.31 1.47 -34.35
C LYS G 326 -56.12 0.85 -33.62
N ILE G 327 -55.59 1.59 -32.66
CA ILE G 327 -54.37 1.22 -31.95
C ILE G 327 -54.61 1.30 -30.45
N ASP G 328 -54.00 0.38 -29.71
CA ASP G 328 -54.04 0.38 -28.25
C ASP G 328 -52.78 1.08 -27.75
N HIS G 329 -52.96 2.22 -27.09
CA HIS G 329 -51.81 3.06 -26.73
C HIS G 329 -50.97 2.45 -25.63
N ALA G 330 -51.57 1.57 -24.82
CA ALA G 330 -50.83 0.94 -23.72
C ALA G 330 -49.69 0.09 -24.26
N LYS G 331 -49.96 -0.69 -25.30
CA LYS G 331 -48.92 -1.49 -25.95
C LYS G 331 -47.84 -0.60 -26.54
N VAL G 332 -48.24 0.52 -27.15
CA VAL G 332 -47.28 1.44 -27.76
C VAL G 332 -46.34 2.00 -26.70
N ARG G 333 -46.90 2.45 -25.57
CA ARG G 333 -46.05 3.05 -24.54
C ARG G 333 -45.17 1.99 -23.88
N LYS G 334 -45.69 0.78 -23.73
CA LYS G 334 -44.87 -0.32 -23.21
C LYS G 334 -43.67 -0.57 -24.11
N HIS G 335 -43.91 -0.62 -25.42
CA HIS G 335 -42.83 -0.87 -26.36
C HIS G 335 -41.84 0.30 -26.41
N GLN G 336 -42.34 1.53 -26.23
CA GLN G 336 -41.43 2.68 -26.16
C GLN G 336 -40.53 2.59 -24.93
N ARG G 337 -41.10 2.18 -23.78
CA ARG G 337 -40.29 1.98 -22.59
C ARG G 337 -39.23 0.92 -22.81
N LYS G 338 -39.62 -0.19 -23.44
CA LYS G 338 -38.65 -1.25 -23.74
C LYS G 338 -37.57 -0.75 -24.71
N PHE G 339 -37.95 0.08 -25.67
CA PHE G 339 -36.99 0.64 -26.62
C PHE G 339 -35.95 1.50 -25.91
N LEU G 340 -36.41 2.37 -25.00
CA LEU G 340 -35.47 3.19 -24.24
C LEU G 340 -34.56 2.34 -23.36
N GLN G 341 -35.11 1.32 -22.72
CA GLN G 341 -34.28 0.43 -21.89
C GLN G 341 -33.22 -0.27 -22.73
N ALA G 342 -33.61 -0.74 -23.92
CA ALA G 342 -32.65 -1.40 -24.80
C ALA G 342 -31.55 -0.44 -25.24
N ILE G 343 -31.92 0.80 -25.55
CA ILE G 343 -30.93 1.80 -25.96
C ILE G 343 -29.93 2.03 -24.83
N HIS G 344 -30.43 2.21 -23.61
CA HIS G 344 -29.54 2.46 -22.48
C HIS G 344 -28.62 1.28 -22.22
N GLN G 345 -29.16 0.06 -22.30
CA GLN G 345 -28.33 -1.12 -22.08
C GLN G 345 -27.25 -1.24 -23.14
N LEU G 346 -27.61 -1.00 -24.40
CA LEU G 346 -26.63 -1.06 -25.48
C LEU G 346 -25.52 -0.04 -25.27
N ARG G 347 -25.89 1.19 -24.89
CA ARG G 347 -24.89 2.22 -24.66
C ARG G 347 -23.96 1.83 -23.53
N SER G 348 -24.51 1.30 -22.44
CA SER G 348 -23.68 0.89 -21.30
C SER G 348 -22.70 -0.21 -21.70
N VAL G 349 -23.18 -1.21 -22.44
CA VAL G 349 -22.31 -2.32 -22.82
C VAL G 349 -21.21 -1.85 -23.77
N LYS G 350 -21.55 -0.96 -24.71
CA LYS G 350 -20.55 -0.41 -25.61
C LYS G 350 -19.48 0.35 -24.84
N MET G 351 -19.90 1.17 -23.87
CA MET G 351 -18.95 1.94 -23.08
C MET G 351 -18.03 1.02 -22.29
N GLU G 352 -18.60 -0.02 -21.67
CA GLU G 352 -17.78 -0.96 -20.91
C GLU G 352 -16.80 -1.69 -21.81
N GLN G 353 -17.24 -2.11 -23.01
CA GLN G 353 -16.36 -2.78 -23.94
C GLN G 353 -15.20 -1.89 -24.34
N ARG G 354 -15.47 -0.63 -24.70
CA ARG G 354 -14.40 0.26 -25.13
C ARG G 354 -13.45 0.55 -23.99
N LYS G 355 -13.97 0.72 -22.76
CA LYS G 355 -13.11 0.98 -21.63
C LYS G 355 -12.18 -0.19 -21.35
N LEU G 356 -12.74 -1.40 -21.33
CA LEU G 356 -11.91 -2.58 -21.08
C LEU G 356 -10.87 -2.77 -22.17
N ASN G 357 -11.26 -2.54 -23.43
CA ASN G 357 -10.32 -2.71 -24.53
C ASN G 357 -9.16 -1.72 -24.42
N ASP G 358 -9.46 -0.44 -24.19
CA ASP G 358 -8.39 0.54 -24.11
C ASP G 358 -7.51 0.31 -22.89
N GLN G 359 -8.10 -0.20 -21.80
CA GLN G 359 -7.29 -0.53 -20.63
C GLN G 359 -6.37 -1.72 -20.92
N ALA G 360 -6.86 -2.72 -21.64
CA ALA G 360 -6.08 -3.92 -21.93
C ALA G 360 -5.07 -3.72 -23.06
N ASN G 361 -5.20 -2.66 -23.86
CA ASN G 361 -4.23 -2.38 -24.91
C ASN G 361 -2.87 -2.03 -24.32
N ASP H 1 -37.47 33.37 -25.52
CA ASP H 1 -36.29 33.07 -24.72
C ASP H 1 -35.02 33.17 -25.57
N GLN H 2 -34.88 32.25 -26.52
CA GLN H 2 -33.70 32.17 -27.42
C GLN H 2 -32.45 32.12 -26.54
N LEU H 3 -31.46 32.97 -26.77
CA LEU H 3 -30.22 32.97 -26.01
C LEU H 3 -30.00 34.36 -25.42
N THR H 4 -29.65 34.41 -24.14
CA THR H 4 -29.41 35.67 -23.46
C THR H 4 -27.95 36.09 -23.62
N GLU H 5 -27.66 37.33 -23.20
CA GLU H 5 -26.31 37.88 -23.35
C GLU H 5 -25.31 37.08 -22.52
N GLU H 6 -25.68 36.68 -21.31
CA GLU H 6 -24.81 35.82 -20.51
C GLU H 6 -24.62 34.47 -21.20
N GLN H 7 -25.69 33.93 -21.78
CA GLN H 7 -25.61 32.66 -22.48
C GLN H 7 -24.76 32.77 -23.73
N ILE H 8 -24.81 33.91 -24.41
CA ILE H 8 -24.01 34.10 -25.62
C ILE H 8 -22.52 34.02 -25.31
N ALA H 9 -22.10 34.69 -24.24
CA ALA H 9 -20.70 34.65 -23.85
C ALA H 9 -20.26 33.25 -23.45
N GLU H 10 -21.20 32.44 -22.95
CA GLU H 10 -20.87 31.08 -22.54
C GLU H 10 -20.39 30.25 -23.72
N PHE H 11 -21.08 30.35 -24.86
CA PHE H 11 -20.68 29.59 -26.04
C PHE H 11 -19.37 30.11 -26.60
N LYS H 12 -19.11 31.41 -26.47
CA LYS H 12 -17.84 31.98 -26.95
C LYS H 12 -16.67 31.37 -26.20
N GLU H 13 -16.82 31.17 -24.89
CA GLU H 13 -15.77 30.53 -24.11
C GLU H 13 -15.51 29.11 -24.62
N ALA H 14 -16.58 28.37 -24.91
CA ALA H 14 -16.43 27.07 -25.55
C ALA H 14 -15.99 27.18 -27.00
N PHE H 15 -16.39 28.23 -27.70
CA PHE H 15 -15.93 28.45 -29.06
C PHE H 15 -14.44 28.76 -29.10
N SER H 16 -13.95 29.51 -28.11
CA SER H 16 -12.54 29.88 -28.09
C SER H 16 -11.62 28.70 -27.86
N LEU H 17 -12.15 27.57 -27.38
CA LEU H 17 -11.32 26.39 -27.16
C LEU H 17 -10.89 25.74 -28.47
N PHE H 18 -11.60 26.02 -29.57
CA PHE H 18 -11.24 25.49 -30.87
C PHE H 18 -10.72 26.56 -31.82
N ASP H 19 -10.40 27.76 -31.31
CA ASP H 19 -9.84 28.85 -32.09
C ASP H 19 -8.57 29.33 -31.38
N LYS H 20 -7.45 28.68 -31.68
CA LYS H 20 -6.19 29.08 -31.08
C LYS H 20 -5.70 30.40 -31.64
N ASP H 21 -5.90 30.61 -32.95
CA ASP H 21 -5.52 31.85 -33.62
C ASP H 21 -6.74 32.58 -34.15
N GLY H 22 -7.89 32.37 -33.53
CA GLY H 22 -9.11 33.00 -34.02
C GLY H 22 -9.50 32.48 -35.39
N ASP H 23 -9.79 33.43 -36.29
CA ASP H 23 -10.14 33.23 -37.69
C ASP H 23 -11.55 32.65 -37.86
N GLY H 24 -12.23 32.27 -36.78
CA GLY H 24 -13.57 31.72 -36.88
C GLY H 24 -13.67 30.49 -37.76
N THR H 25 -12.58 29.71 -37.82
CA THR H 25 -12.50 28.54 -38.68
C THR H 25 -12.00 27.36 -37.87
N ILE H 26 -12.65 26.21 -38.05
CA ILE H 26 -12.24 24.98 -37.38
C ILE H 26 -11.63 24.03 -38.42
N THR H 27 -10.32 24.10 -38.58
CA THR H 27 -9.63 23.36 -39.62
C THR H 27 -9.23 21.97 -39.13
N THR H 28 -8.77 21.14 -40.08
CA THR H 28 -8.38 19.77 -39.75
C THR H 28 -7.20 19.74 -38.79
N LYS H 29 -6.21 20.61 -39.00
CA LYS H 29 -5.03 20.61 -38.14
C LYS H 29 -5.37 20.97 -36.71
N GLU H 30 -6.41 21.80 -36.51
CA GLU H 30 -6.79 22.17 -35.14
C GLU H 30 -7.40 21.00 -34.39
N LEU H 31 -8.15 20.15 -35.09
CA LEU H 31 -8.71 18.96 -34.45
C LEU H 31 -7.61 18.02 -33.97
N GLY H 32 -6.56 17.86 -34.78
CA GLY H 32 -5.46 16.99 -34.38
C GLY H 32 -4.77 17.47 -33.12
N THR H 33 -4.73 18.77 -32.90
CA THR H 33 -4.07 19.31 -31.70
C THR H 33 -4.83 18.91 -30.44
N VAL H 34 -6.16 19.10 -30.44
CA VAL H 34 -6.94 18.83 -29.23
C VAL H 34 -7.09 17.34 -28.97
N MET H 35 -7.12 16.53 -30.03
CA MET H 35 -7.35 15.10 -29.85
C MET H 35 -6.12 14.40 -29.27
N ARG H 36 -4.93 14.84 -29.66
CA ARG H 36 -3.71 14.24 -29.10
C ARG H 36 -3.62 14.48 -27.60
N SER H 37 -3.97 15.68 -27.15
CA SER H 37 -3.98 15.98 -25.72
C SER H 37 -5.08 15.25 -24.98
N LEU H 38 -6.04 14.65 -25.69
CA LEU H 38 -7.12 13.89 -25.08
C LEU H 38 -6.95 12.39 -25.26
N GLY H 39 -5.72 11.94 -25.51
CA GLY H 39 -5.46 10.52 -25.67
C GLY H 39 -6.09 9.90 -26.90
N GLN H 40 -6.01 10.58 -28.05
CA GLN H 40 -6.56 10.06 -29.30
C GLN H 40 -5.59 10.34 -30.43
N ASN H 41 -5.40 9.34 -31.29
CA ASN H 41 -4.60 9.49 -32.51
C ASN H 41 -5.37 8.90 -33.69
N PRO H 42 -6.44 9.57 -34.11
CA PRO H 42 -7.26 9.04 -35.22
C PRO H 42 -6.61 9.29 -36.57
N THR H 43 -7.11 8.57 -37.57
CA THR H 43 -6.63 8.71 -38.93
C THR H 43 -7.15 10.01 -39.56
N GLU H 44 -6.53 10.39 -40.68
CA GLU H 44 -6.93 11.60 -41.38
C GLU H 44 -8.36 11.51 -41.89
N ALA H 45 -8.76 10.33 -42.39
CA ALA H 45 -10.11 10.17 -42.90
C ALA H 45 -11.15 10.32 -41.80
N GLU H 46 -10.83 9.89 -40.58
CA GLU H 46 -11.77 10.02 -39.47
C GLU H 46 -12.10 11.48 -39.20
N LEU H 47 -11.06 12.31 -39.07
CA LEU H 47 -11.30 13.74 -38.86
C LEU H 47 -11.85 14.41 -40.12
N GLN H 48 -11.45 13.94 -41.30
CA GLN H 48 -12.01 14.47 -42.54
C GLN H 48 -13.50 14.16 -42.64
N ASP H 49 -13.90 12.95 -42.27
CA ASP H 49 -15.32 12.61 -42.26
C ASP H 49 -16.06 13.33 -41.15
N MET H 50 -15.41 13.53 -40.00
CA MET H 50 -16.08 14.20 -38.88
C MET H 50 -16.42 15.64 -39.23
N ILE H 51 -15.47 16.37 -39.83
CA ILE H 51 -15.73 17.75 -40.21
C ILE H 51 -16.67 17.82 -41.40
N ASN H 52 -16.71 16.78 -42.22
CA ASN H 52 -17.56 16.79 -43.41
C ASN H 52 -19.04 16.86 -43.03
N GLU H 53 -19.46 16.08 -42.03
CA GLU H 53 -20.86 16.06 -41.65
C GLU H 53 -21.28 17.35 -40.96
N VAL H 54 -20.39 17.97 -40.20
CA VAL H 54 -20.73 19.15 -39.40
C VAL H 54 -20.44 20.42 -40.20
N ASP H 55 -20.21 20.28 -41.50
CA ASP H 55 -19.96 21.40 -42.38
C ASP H 55 -21.17 21.62 -43.27
N ALA H 56 -21.75 22.83 -43.22
CA ALA H 56 -22.88 23.20 -44.06
C ALA H 56 -22.55 24.32 -45.03
N ASP H 57 -21.59 25.18 -44.70
CA ASP H 57 -21.21 26.25 -45.61
C ASP H 57 -20.59 25.69 -46.89
N GLY H 58 -19.77 24.65 -46.77
CA GLY H 58 -19.12 24.03 -47.91
C GLY H 58 -17.69 24.48 -48.13
N ASN H 59 -17.23 25.51 -47.43
CA ASN H 59 -15.85 25.96 -47.59
C ASN H 59 -14.86 24.89 -47.13
N GLY H 60 -15.15 24.23 -46.02
CA GLY H 60 -14.26 23.22 -45.49
C GLY H 60 -14.09 23.34 -43.98
N THR H 61 -14.17 24.56 -43.48
CA THR H 61 -14.07 24.83 -42.05
C THR H 61 -15.45 24.90 -41.43
N ILE H 62 -15.49 25.12 -40.11
CA ILE H 62 -16.73 25.16 -39.35
C ILE H 62 -16.85 26.55 -38.71
N ASP H 63 -18.02 27.15 -38.83
CA ASP H 63 -18.32 28.43 -38.22
C ASP H 63 -19.27 28.25 -37.05
N PHE H 64 -19.55 29.35 -36.36
CA PHE H 64 -20.42 29.29 -35.18
C PHE H 64 -21.83 28.78 -35.47
N PRO H 65 -22.52 29.20 -36.54
CA PRO H 65 -23.87 28.65 -36.77
C PRO H 65 -23.90 27.14 -36.88
N GLU H 66 -22.89 26.52 -37.50
CA GLU H 66 -22.79 25.07 -37.48
C GLU H 66 -22.41 24.56 -36.10
N PHE H 67 -21.58 25.32 -35.37
CA PHE H 67 -21.20 24.91 -34.03
C PHE H 67 -22.39 24.91 -33.08
N LEU H 68 -23.27 25.91 -33.21
CA LEU H 68 -24.44 25.98 -32.32
C LEU H 68 -25.37 24.79 -32.53
N THR H 69 -25.59 24.40 -33.79
CA THR H 69 -26.52 23.31 -34.08
C THR H 69 -26.00 21.98 -33.54
N MET H 70 -24.70 21.72 -33.69
CA MET H 70 -24.15 20.43 -33.25
C MET H 70 -24.17 20.31 -31.73
N MET H 71 -24.11 21.43 -31.01
CA MET H 71 -24.14 21.37 -29.55
C MET H 71 -25.52 20.95 -29.05
N ALA H 72 -26.57 21.42 -29.71
CA ALA H 72 -27.93 21.10 -29.27
C ALA H 72 -28.18 19.59 -29.33
N ARG H 73 -27.67 18.93 -30.37
CA ARG H 73 -27.78 17.48 -30.44
C ARG H 73 -27.03 16.81 -29.30
N LYS H 74 -25.86 17.35 -28.95
CA LYS H 74 -25.10 16.80 -27.82
C LYS H 74 -25.86 16.98 -26.50
N MET H 75 -26.52 18.12 -26.32
CA MET H 75 -27.23 18.38 -25.08
C MET H 75 -28.36 17.37 -24.84
N LYS H 76 -28.88 16.79 -25.91
CA LYS H 76 -29.93 15.79 -25.76
C LYS H 76 -29.40 14.54 -25.06
N ASP H 77 -30.19 14.01 -24.14
CA ASP H 77 -29.76 12.84 -23.37
C ASP H 77 -29.71 11.58 -24.24
N THR H 78 -30.55 11.50 -25.26
CA THR H 78 -30.59 10.33 -26.12
C THR H 78 -31.08 10.76 -27.50
N ASP H 79 -30.21 10.66 -28.49
CA ASP H 79 -30.58 10.96 -29.88
C ASP H 79 -31.23 9.71 -30.48
N SER H 80 -32.55 9.76 -30.63
CA SER H 80 -33.29 8.59 -31.12
C SER H 80 -33.03 8.30 -32.59
N GLU H 81 -32.38 9.20 -33.31
CA GLU H 81 -32.11 9.03 -34.73
C GLU H 81 -30.74 8.43 -35.01
N GLU H 82 -29.99 8.08 -33.96
CA GLU H 82 -28.66 7.53 -34.12
C GLU H 82 -28.54 6.09 -33.64
N GLU H 83 -29.33 5.69 -32.64
CA GLU H 83 -29.18 4.36 -32.06
C GLU H 83 -29.48 3.26 -33.08
N ILE H 84 -30.49 3.47 -33.93
CA ILE H 84 -30.81 2.48 -34.96
C ILE H 84 -29.63 2.31 -35.91
N ARG H 85 -28.93 3.42 -36.22
CA ARG H 85 -27.75 3.33 -37.07
C ARG H 85 -26.68 2.46 -36.43
N GLU H 86 -26.45 2.63 -35.12
CA GLU H 86 -25.42 1.85 -34.45
C GLU H 86 -25.75 0.37 -34.44
N ALA H 87 -27.03 0.02 -34.26
CA ALA H 87 -27.42 -1.38 -34.30
C ALA H 87 -27.17 -1.98 -35.68
N PHE H 88 -27.46 -1.23 -36.74
CA PHE H 88 -27.14 -1.70 -38.09
C PHE H 88 -25.64 -1.87 -38.28
N ARG H 89 -24.85 -0.93 -37.77
CA ARG H 89 -23.40 -0.99 -37.98
C ARG H 89 -22.75 -2.09 -37.16
N VAL H 90 -23.41 -2.59 -36.12
CA VAL H 90 -22.89 -3.76 -35.41
C VAL H 90 -22.91 -4.98 -36.32
N PHE H 91 -24.00 -5.17 -37.07
CA PHE H 91 -24.14 -6.27 -38.01
C PHE H 91 -23.65 -5.91 -39.41
N ASP H 92 -23.10 -4.71 -39.59
CA ASP H 92 -22.63 -4.27 -40.89
C ASP H 92 -21.39 -5.05 -41.31
N LYS H 93 -21.28 -5.30 -42.61
CA LYS H 93 -20.14 -5.99 -43.19
C LYS H 93 -19.32 -5.01 -44.01
N ASP H 94 -18.00 -5.00 -43.76
CA ASP H 94 -16.97 -4.25 -44.49
C ASP H 94 -17.44 -2.87 -44.97
N GLY H 95 -18.13 -2.13 -44.11
CA GLY H 95 -18.47 -0.74 -44.39
C GLY H 95 -19.30 -0.51 -45.64
N ASN H 96 -19.99 -1.53 -46.14
CA ASN H 96 -20.76 -1.35 -47.36
C ASN H 96 -22.04 -0.56 -47.09
N GLY H 97 -22.66 -0.80 -45.94
CA GLY H 97 -23.94 -0.18 -45.62
C GLY H 97 -25.14 -0.87 -46.23
N TYR H 98 -24.94 -1.95 -46.97
CA TYR H 98 -26.02 -2.69 -47.62
C TYR H 98 -26.00 -4.12 -47.05
N ILE H 99 -26.97 -4.41 -46.20
CA ILE H 99 -27.05 -5.70 -45.52
C ILE H 99 -27.96 -6.63 -46.29
N SER H 100 -27.57 -7.91 -46.36
CA SER H 100 -28.40 -8.90 -47.04
C SER H 100 -29.72 -9.08 -46.33
N ALA H 101 -30.80 -9.19 -47.11
CA ALA H 101 -32.13 -9.35 -46.54
C ALA H 101 -32.29 -10.72 -45.87
N ALA H 102 -31.68 -11.75 -46.46
CA ALA H 102 -31.78 -13.09 -45.89
C ALA H 102 -31.04 -13.21 -44.56
N GLU H 103 -30.04 -12.37 -44.33
CA GLU H 103 -29.29 -12.42 -43.06
C GLU H 103 -30.15 -11.99 -41.89
N LEU H 104 -31.07 -11.05 -42.09
CA LEU H 104 -31.88 -10.53 -41.00
C LEU H 104 -32.83 -11.58 -40.43
N ARG H 105 -33.17 -12.61 -41.20
CA ARG H 105 -34.07 -13.64 -40.71
C ARG H 105 -33.46 -14.39 -39.53
N HIS H 106 -32.17 -14.72 -39.62
CA HIS H 106 -31.53 -15.47 -38.55
C HIS H 106 -31.36 -14.62 -37.29
N VAL H 107 -30.90 -13.37 -37.45
CA VAL H 107 -30.63 -12.53 -36.30
C VAL H 107 -31.90 -12.12 -35.56
N MET H 108 -33.06 -12.18 -36.22
CA MET H 108 -34.32 -11.85 -35.57
C MET H 108 -35.00 -13.06 -34.95
N THR H 109 -34.89 -14.23 -35.60
CA THR H 109 -35.57 -15.42 -35.10
C THR H 109 -34.86 -16.03 -33.90
N ASN H 110 -33.56 -15.79 -33.75
CA ASN H 110 -32.79 -16.40 -32.68
C ASN H 110 -32.19 -15.38 -31.72
N LEU H 111 -31.46 -14.39 -32.23
CA LEU H 111 -30.83 -13.41 -31.36
C LEU H 111 -31.87 -12.45 -30.79
N GLY H 112 -31.81 -12.21 -29.49
CA GLY H 112 -32.75 -11.32 -28.83
C GLY H 112 -33.88 -12.06 -28.13
N GLU H 113 -35.12 -11.71 -28.47
CA GLU H 113 -36.29 -12.34 -27.88
C GLU H 113 -36.94 -13.36 -28.81
N LYS H 114 -36.26 -13.76 -29.88
CA LYS H 114 -36.71 -14.83 -30.77
C LYS H 114 -38.07 -14.50 -31.38
N LEU H 115 -38.06 -13.46 -32.21
CA LEU H 115 -39.27 -13.06 -32.93
C LEU H 115 -39.77 -14.19 -33.81
N THR H 116 -41.09 -14.26 -33.98
CA THR H 116 -41.72 -15.37 -34.69
C THR H 116 -41.45 -15.29 -36.18
N ASP H 117 -41.54 -16.46 -36.83
CA ASP H 117 -41.29 -16.54 -38.27
C ASP H 117 -42.30 -15.74 -39.07
N GLU H 118 -43.58 -15.79 -38.67
CA GLU H 118 -44.61 -15.08 -39.42
C GLU H 118 -44.40 -13.56 -39.36
N GLU H 119 -44.00 -13.04 -38.20
CA GLU H 119 -43.82 -11.60 -38.08
C GLU H 119 -42.58 -11.12 -38.84
N VAL H 120 -41.47 -11.86 -38.72
CA VAL H 120 -40.27 -11.47 -39.45
C VAL H 120 -40.47 -11.65 -40.95
N ASP H 121 -41.33 -12.58 -41.35
CA ASP H 121 -41.68 -12.70 -42.76
C ASP H 121 -42.38 -11.43 -43.27
N GLU H 122 -43.26 -10.87 -42.45
CA GLU H 122 -43.88 -9.60 -42.81
C GLU H 122 -42.87 -8.46 -42.79
N MET H 123 -41.87 -8.55 -41.91
CA MET H 123 -40.83 -7.52 -41.86
C MET H 123 -40.06 -7.45 -43.17
N ILE H 124 -39.62 -8.60 -43.68
CA ILE H 124 -38.79 -8.60 -44.89
C ILE H 124 -39.61 -8.22 -46.11
N ARG H 125 -40.86 -8.68 -46.20
CA ARG H 125 -41.67 -8.37 -47.38
C ARG H 125 -41.96 -6.88 -47.48
N GLU H 126 -42.02 -6.19 -46.35
CA GLU H 126 -42.19 -4.74 -46.35
C GLU H 126 -40.86 -4.03 -46.55
N ALA H 127 -39.77 -4.65 -46.14
CA ALA H 127 -38.44 -4.08 -46.29
C ALA H 127 -37.80 -4.41 -47.62
N ASP H 128 -38.53 -5.07 -48.52
CA ASP H 128 -37.99 -5.42 -49.83
C ASP H 128 -38.08 -4.23 -50.79
N ILE H 129 -37.56 -3.08 -50.37
CA ILE H 129 -37.50 -1.92 -51.26
C ILE H 129 -36.52 -2.19 -52.40
N ASP H 130 -35.41 -2.86 -52.10
CA ASP H 130 -34.42 -3.20 -53.12
C ASP H 130 -35.02 -4.13 -54.18
N GLY H 131 -35.78 -5.12 -53.76
CA GLY H 131 -36.33 -6.11 -54.67
C GLY H 131 -35.42 -7.27 -55.01
N ASP H 132 -34.19 -7.30 -54.47
CA ASP H 132 -33.28 -8.40 -54.73
C ASP H 132 -32.73 -9.08 -53.48
N GLY H 133 -32.66 -8.38 -52.35
CA GLY H 133 -32.23 -9.01 -51.12
C GLY H 133 -31.03 -8.38 -50.44
N GLN H 134 -30.78 -7.10 -50.71
CA GLN H 134 -29.69 -6.34 -50.09
C GLN H 134 -30.27 -5.04 -49.55
N VAL H 135 -30.76 -5.07 -48.32
CA VAL H 135 -31.39 -3.89 -47.71
C VAL H 135 -30.31 -2.96 -47.19
N ASN H 136 -30.70 -1.74 -46.84
CA ASN H 136 -29.75 -0.73 -46.41
C ASN H 136 -30.44 0.18 -45.39
N TYR H 137 -29.88 1.36 -45.15
CA TYR H 137 -30.44 2.31 -44.20
C TYR H 137 -31.75 2.93 -44.69
N GLU H 138 -32.15 2.68 -45.95
CA GLU H 138 -33.40 3.22 -46.46
C GLU H 138 -34.61 2.71 -45.67
N GLU H 139 -34.46 1.59 -44.96
CA GLU H 139 -35.50 1.16 -44.05
C GLU H 139 -35.57 2.06 -42.82
N PHE H 140 -34.42 2.58 -42.37
CA PHE H 140 -34.40 3.43 -41.18
C PHE H 140 -35.16 4.73 -41.40
N VAL H 141 -35.01 5.35 -42.58
CA VAL H 141 -35.61 6.65 -42.80
C VAL H 141 -37.14 6.55 -42.82
N GLN H 142 -37.68 5.45 -43.36
CA GLN H 142 -39.12 5.26 -43.32
C GLN H 142 -39.60 4.82 -41.94
N MET H 143 -38.70 4.34 -41.09
CA MET H 143 -39.08 3.99 -39.72
C MET H 143 -39.41 5.23 -38.91
N MET H 144 -38.71 6.33 -39.17
CA MET H 144 -38.88 7.58 -38.43
C MET H 144 -39.58 8.66 -39.25
N THR H 145 -40.35 8.25 -40.26
CA THR H 145 -41.03 9.22 -41.11
C THR H 145 -42.14 9.96 -40.37
N ALA H 146 -42.57 9.46 -39.21
CA ALA H 146 -43.60 10.12 -38.43
C ALA H 146 -43.44 9.79 -36.94
K K I . -7.83 -1.91 18.42
K K J . -9.17 -2.24 21.60
K K K . -10.84 -2.65 25.53
K K L . -3.85 -0.94 9.07
CA CA M . 35.77 25.65 -17.36
CA CA N . 34.41 35.91 -19.70
CA CA O . 36.34 -19.87 -23.66
CA CA P . 45.98 -18.59 -20.31
CA CA Q . -6.69 -20.18 -41.78
CA CA R . -6.80 -29.10 -43.84
CA CA S . -7.36 28.04 -38.10
CA CA T . -17.39 26.88 -42.72
#